data_6M80
# 
_entry.id   6M80 
# 
_audit_conform.dict_name       mmcif_pdbx.dic 
_audit_conform.dict_version    5.381 
_audit_conform.dict_location   http://mmcif.pdb.org/dictionaries/ascii/mmcif_pdbx.dic 
# 
loop_
_database_2.database_id 
_database_2.database_code 
_database_2.pdbx_database_accession 
_database_2.pdbx_DOI 
PDB   6M80         pdb_00006m80 10.2210/pdb6m80/pdb 
WWPDB D_1000232874 ?            ?                   
# 
_pdbx_database_status.status_code                     REL 
_pdbx_database_status.status_code_sf                  REL 
_pdbx_database_status.status_code_mr                  ? 
_pdbx_database_status.entry_id                        6M80 
_pdbx_database_status.recvd_initial_deposition_date   2018-08-21 
_pdbx_database_status.SG_entry                        N 
_pdbx_database_status.deposit_site                    RCSB 
_pdbx_database_status.process_site                    RCSB 
_pdbx_database_status.status_code_cs                  ? 
_pdbx_database_status.methods_development_category    ? 
_pdbx_database_status.pdb_format_compatible           Y 
_pdbx_database_status.status_code_nmr_data            ? 
# 
loop_
_audit_author.name 
_audit_author.pdbx_ordinal 
_audit_author.identifier_ORCID 
'Chenoweth, D.M.' 1 0000-0002-0819-4669 
'Kasznel, A.J.'   2 0000-0002-4541-8940 
'Porter, N.J.'    3 0000-0002-9803-5310 
# 
_citation.abstract                  ? 
_citation.abstract_id_CAS           ? 
_citation.book_id_ISBN              ? 
_citation.book_publisher            ? 
_citation.book_publisher_city       ? 
_citation.book_title                ? 
_citation.coordinate_linkage        ? 
_citation.country                   UK 
_citation.database_id_Medline       ? 
_citation.details                   ? 
_citation.id                        primary 
_citation.journal_abbrev            'Chem Sci' 
_citation.journal_id_ASTM           ? 
_citation.journal_id_CSD            ? 
_citation.journal_id_ISSN           2041-6520 
_citation.journal_full              ? 
_citation.journal_issue             ? 
_citation.journal_volume            10 
_citation.language                  ? 
_citation.page_first                6979 
_citation.page_last                 6983 
_citation.title                     'Aza-proline effectively mimics l-proline stereochemistry in triple helical collagen.' 
_citation.year                      2019 
_citation.database_id_CSD           ? 
_citation.pdbx_database_id_DOI      10.1039/c9sc02211b 
_citation.pdbx_database_id_PubMed   31588264 
_citation.unpublished_flag          ? 
# 
loop_
_citation_author.citation_id 
_citation_author.name 
_citation_author.ordinal 
_citation_author.identifier_ORCID 
primary 'Kasznel, A.J.'   1 0000-0002-4541-8940 
primary 'Harris, T.'      2 0000-0002-2549-7944 
primary 'Porter, N.J.'    3 0000-0002-9803-5310 
primary 'Zhang, Y.'       4 0000-0002-1922-3955 
primary 'Chenoweth, D.M.' 5 0000-0002-0819-4669 
# 
_cell.angle_alpha                  90.00 
_cell.angle_alpha_esd              ? 
_cell.angle_beta                   91.92 
_cell.angle_beta_esd               ? 
_cell.angle_gamma                  90.00 
_cell.angle_gamma_esd              ? 
_cell.entry_id                     6M80 
_cell.details                      ? 
_cell.formula_units_Z              ? 
_cell.length_a                     27.538 
_cell.length_a_esd                 ? 
_cell.length_b                     18.175 
_cell.length_b_esd                 ? 
_cell.length_c                     48.834 
_cell.length_c_esd                 ? 
_cell.volume                       ? 
_cell.volume_esd                   ? 
_cell.Z_PDB                        6 
_cell.reciprocal_angle_alpha       ? 
_cell.reciprocal_angle_beta        ? 
_cell.reciprocal_angle_gamma       ? 
_cell.reciprocal_angle_alpha_esd   ? 
_cell.reciprocal_angle_beta_esd    ? 
_cell.reciprocal_angle_gamma_esd   ? 
_cell.reciprocal_length_a          ? 
_cell.reciprocal_length_b          ? 
_cell.reciprocal_length_c          ? 
_cell.reciprocal_length_a_esd      ? 
_cell.reciprocal_length_b_esd      ? 
_cell.reciprocal_length_c_esd      ? 
_cell.pdbx_unique_axis             ? 
# 
_symmetry.entry_id                         6M80 
_symmetry.cell_setting                     ? 
_symmetry.Int_Tables_number                4 
_symmetry.space_group_name_Hall            ? 
_symmetry.space_group_name_H-M             'P 1 21 1' 
_symmetry.pdbx_full_space_group_name_H-M   ? 
# 
loop_
_entity.id 
_entity.type 
_entity.src_method 
_entity.pdbx_description 
_entity.formula_weight 
_entity.pdbx_number_of_molecules 
_entity.pdbx_ec 
_entity.pdbx_mutation 
_entity.pdbx_fragment 
_entity.details 
1 polymer     syn 'Collagen peptide containing aza-proline and aza-glycine' 2200.330 3   ? ? ? 
'Homotrimeric triple helical collagen peptide synthesized on solid phase. Each strand contains 24 amino acids.' 
2 non-polymer syn 1,2-ETHANEDIOL                                            62.068   1   ? ? ? ? 
3 non-polymer syn 'SULFATE ION'                                             96.063   1   ? ? ? ? 
4 water       nat water                                                     18.015   165 ? ? ? ? 
# 
_entity_poly.entity_id                      1 
_entity_poly.type                           'polypeptide(L)' 
_entity_poly.nstd_linkage                   no 
_entity_poly.nstd_monomer                   yes 
_entity_poly.pdbx_seq_one_letter_code       'P(HYP)GP(HYP)G(ZPO)(HYP)GPR(XZA)P(HYP)GP(HYP)GP(HYP)GP(HYP)G(NH2)' 
_entity_poly.pdbx_seq_one_letter_code_can   PPGPPGXPGPRXPPGPPGPPGPPGX 
_entity_poly.pdbx_strand_id                 C,D,E 
_entity_poly.pdbx_target_identifier         ? 
# 
loop_
_entity_poly_seq.entity_id 
_entity_poly_seq.num 
_entity_poly_seq.mon_id 
_entity_poly_seq.hetero 
1 1  PRO n 
1 2  HYP n 
1 3  GLY n 
1 4  PRO n 
1 5  HYP n 
1 6  GLY n 
1 7  ZPO n 
1 8  HYP n 
1 9  GLY n 
1 10 PRO n 
1 11 ARG n 
1 12 XZA n 
1 13 PRO n 
1 14 HYP n 
1 15 GLY n 
1 16 PRO n 
1 17 HYP n 
1 18 GLY n 
1 19 PRO n 
1 20 HYP n 
1 21 GLY n 
1 22 PRO n 
1 23 HYP n 
1 24 GLY n 
1 25 NH2 n 
# 
_pdbx_entity_src_syn.entity_id              1 
_pdbx_entity_src_syn.pdbx_src_id            1 
_pdbx_entity_src_syn.pdbx_alt_source_flag   sample 
_pdbx_entity_src_syn.pdbx_beg_seq_num       1 
_pdbx_entity_src_syn.pdbx_end_seq_num       25 
_pdbx_entity_src_syn.organism_scientific    'Homo sapiens' 
_pdbx_entity_src_syn.organism_common_name   Human 
_pdbx_entity_src_syn.ncbi_taxonomy_id       9606 
_pdbx_entity_src_syn.details                ? 
# 
_struct_ref.id                         1 
_struct_ref.db_name                    PDB 
_struct_ref.db_code                    6M80 
_struct_ref.pdbx_db_accession          6M80 
_struct_ref.pdbx_db_isoform            ? 
_struct_ref.entity_id                  1 
_struct_ref.pdbx_seq_one_letter_code   ? 
_struct_ref.pdbx_align_begin           1 
# 
loop_
_struct_ref_seq.align_id 
_struct_ref_seq.ref_id 
_struct_ref_seq.pdbx_PDB_id_code 
_struct_ref_seq.pdbx_strand_id 
_struct_ref_seq.seq_align_beg 
_struct_ref_seq.pdbx_seq_align_beg_ins_code 
_struct_ref_seq.seq_align_end 
_struct_ref_seq.pdbx_seq_align_end_ins_code 
_struct_ref_seq.pdbx_db_accession 
_struct_ref_seq.db_align_beg 
_struct_ref_seq.pdbx_db_align_beg_ins_code 
_struct_ref_seq.db_align_end 
_struct_ref_seq.pdbx_db_align_end_ins_code 
_struct_ref_seq.pdbx_auth_seq_align_beg 
_struct_ref_seq.pdbx_auth_seq_align_end 
1 1 6M80 C 1 ? 25 ? 6M80 1 ? 25 ? 1 25 
2 1 6M80 D 1 ? 25 ? 6M80 1 ? 25 ? 1 25 
3 1 6M80 E 1 ? 25 ? 6M80 1 ? 25 ? 1 25 
# 
loop_
_chem_comp.id 
_chem_comp.type 
_chem_comp.mon_nstd_flag 
_chem_comp.name 
_chem_comp.pdbx_synonyms 
_chem_comp.formula 
_chem_comp.formula_weight 
ARG 'L-peptide linking' y ARGININE                         ?                 'C6 H15 N4 O2 1' 175.209 
EDO non-polymer         . 1,2-ETHANEDIOL                   'ETHYLENE GLYCOL' 'C2 H6 O2'       62.068  
GLY 'peptide linking'   y GLYCINE                          ?                 'C2 H5 N O2'     75.067  
HOH non-polymer         . WATER                            ?                 'H2 O'           18.015  
HYP 'L-peptide linking' n 4-HYDROXYPROLINE                 HYDROXYPROLINE    'C5 H9 N O3'     131.130 
NH2 non-polymer         . 'AMINO GROUP'                    ?                 'H2 N'           16.023  
PRO 'L-peptide linking' y PROLINE                          ?                 'C5 H9 N O2'     115.130 
SO4 non-polymer         . 'SULFATE ION'                    ?                 'O4 S -2'        96.063  
XZA peptide-like        . 'diazanecarboxylic acid'         ?                 'C H4 N2 O2'     76.055  
ZPO peptide-like        n 'pyrazolidine-1-carboxylic acid' ?                 'C4 H8 N2 O2'    116.119 
# 
_exptl.absorpt_coefficient_mu     ? 
_exptl.absorpt_correction_T_max   ? 
_exptl.absorpt_correction_T_min   ? 
_exptl.absorpt_correction_type    ? 
_exptl.absorpt_process_details    ? 
_exptl.entry_id                   6M80 
_exptl.crystals_number            1 
_exptl.details                    ? 
_exptl.method                     'X-RAY DIFFRACTION' 
_exptl.method_details             ? 
# 
_exptl_crystal.colour                      ? 
_exptl_crystal.density_diffrn              ? 
_exptl_crystal.density_Matthews            1.79 
_exptl_crystal.density_method              ? 
_exptl_crystal.density_percent_sol         31.32 
_exptl_crystal.description                 ? 
_exptl_crystal.F_000                       ? 
_exptl_crystal.id                          1 
_exptl_crystal.preparation                 ? 
_exptl_crystal.size_max                    ? 
_exptl_crystal.size_mid                    ? 
_exptl_crystal.size_min                    ? 
_exptl_crystal.size_rad                    ? 
_exptl_crystal.colour_lustre               ? 
_exptl_crystal.colour_modifier             ? 
_exptl_crystal.colour_primary              ? 
_exptl_crystal.density_meas                ? 
_exptl_crystal.density_meas_esd            ? 
_exptl_crystal.density_meas_gt             ? 
_exptl_crystal.density_meas_lt             ? 
_exptl_crystal.density_meas_temp           ? 
_exptl_crystal.density_meas_temp_esd       ? 
_exptl_crystal.density_meas_temp_gt        ? 
_exptl_crystal.density_meas_temp_lt        ? 
_exptl_crystal.pdbx_crystal_image_url      ? 
_exptl_crystal.pdbx_crystal_image_format   ? 
_exptl_crystal.pdbx_mosaicity              ? 
_exptl_crystal.pdbx_mosaicity_esd          ? 
# 
_exptl_crystal_grow.apparatus       ? 
_exptl_crystal_grow.atmosphere      ? 
_exptl_crystal_grow.crystal_id      1 
_exptl_crystal_grow.details         ? 
_exptl_crystal_grow.method          'VAPOR DIFFUSION, SITTING DROP' 
_exptl_crystal_grow.method_ref      ? 
_exptl_crystal_grow.pH              7.6 
_exptl_crystal_grow.pressure        ? 
_exptl_crystal_grow.pressure_esd    ? 
_exptl_crystal_grow.seeding         ? 
_exptl_crystal_grow.seeding_ref     ? 
_exptl_crystal_grow.temp            277 
_exptl_crystal_grow.temp_details    ? 
_exptl_crystal_grow.temp_esd        ? 
_exptl_crystal_grow.time            ? 
_exptl_crystal_grow.pdbx_details    '0.1 M Tris-HCl, 0.01 M Li2SO4 monohydrate, 30% (w/v) PEG4000' 
_exptl_crystal_grow.pdbx_pH_range   ? 
# 
_diffrn.ambient_environment              ? 
_diffrn.ambient_temp                     100 
_diffrn.ambient_temp_details             ? 
_diffrn.ambient_temp_esd                 ? 
_diffrn.crystal_id                       1 
_diffrn.crystal_support                  ? 
_diffrn.crystal_treatment                ? 
_diffrn.details                          ? 
_diffrn.id                               1 
_diffrn.ambient_pressure                 ? 
_diffrn.ambient_pressure_esd             ? 
_diffrn.ambient_pressure_gt              ? 
_diffrn.ambient_pressure_lt              ? 
_diffrn.ambient_temp_gt                  ? 
_diffrn.ambient_temp_lt                  ? 
_diffrn.pdbx_serial_crystal_experiment   N 
# 
_diffrn_detector.details                      ? 
_diffrn_detector.detector                     PIXEL 
_diffrn_detector.diffrn_id                    1 
_diffrn_detector.type                         'DECTRIS PILATUS 6M-F' 
_diffrn_detector.area_resol_mean              ? 
_diffrn_detector.dtime                        ? 
_diffrn_detector.pdbx_frames_total            ? 
_diffrn_detector.pdbx_collection_time_total   ? 
_diffrn_detector.pdbx_collection_date         2017-03-04 
_diffrn_detector.pdbx_frequency               ? 
# 
_diffrn_radiation.collimation                      ? 
_diffrn_radiation.diffrn_id                        1 
_diffrn_radiation.filter_edge                      ? 
_diffrn_radiation.inhomogeneity                    ? 
_diffrn_radiation.monochromator                    'Cryo-Cooled double crystal' 
_diffrn_radiation.polarisn_norm                    ? 
_diffrn_radiation.polarisn_ratio                   ? 
_diffrn_radiation.probe                            ? 
_diffrn_radiation.type                             ? 
_diffrn_radiation.xray_symbol                      ? 
_diffrn_radiation.wavelength_id                    1 
_diffrn_radiation.pdbx_monochromatic_or_laue_m_l   M 
_diffrn_radiation.pdbx_wavelength_list             ? 
_diffrn_radiation.pdbx_wavelength                  ? 
_diffrn_radiation.pdbx_diffrn_protocol             'SINGLE WAVELENGTH' 
_diffrn_radiation.pdbx_analyzer                    ? 
_diffrn_radiation.pdbx_scattering_type             x-ray 
# 
_diffrn_radiation_wavelength.id           1 
_diffrn_radiation_wavelength.wavelength   0.9791 
_diffrn_radiation_wavelength.wt           1.0 
# 
_diffrn_source.current                     ? 
_diffrn_source.details                     ? 
_diffrn_source.diffrn_id                   1 
_diffrn_source.power                       ? 
_diffrn_source.size                        ? 
_diffrn_source.source                      SYNCHROTRON 
_diffrn_source.target                      ? 
_diffrn_source.type                        'APS BEAMLINE 24-ID-C' 
_diffrn_source.voltage                     ? 
_diffrn_source.take-off_angle              ? 
_diffrn_source.pdbx_wavelength_list        0.9791 
_diffrn_source.pdbx_wavelength             ? 
_diffrn_source.pdbx_synchrotron_beamline   24-ID-C 
_diffrn_source.pdbx_synchrotron_site       APS 
# 
_reflns.B_iso_Wilson_estimate            10.84 
_reflns.entry_id                         6M80 
_reflns.data_reduction_details           ? 
_reflns.data_reduction_method            ? 
_reflns.d_resolution_high                1.1 
_reflns.d_resolution_low                 48.81 
_reflns.details                          ? 
_reflns.limit_h_max                      ? 
_reflns.limit_h_min                      ? 
_reflns.limit_k_max                      ? 
_reflns.limit_k_min                      ? 
_reflns.limit_l_max                      ? 
_reflns.limit_l_min                      ? 
_reflns.number_all                       ? 
_reflns.number_obs                       19847 
_reflns.observed_criterion               ? 
_reflns.observed_criterion_F_max         ? 
_reflns.observed_criterion_F_min         ? 
_reflns.observed_criterion_I_max         ? 
_reflns.observed_criterion_I_min         ? 
_reflns.observed_criterion_sigma_F       ? 
_reflns.observed_criterion_sigma_I       ? 
_reflns.percent_possible_obs             98.59 
_reflns.R_free_details                   ? 
_reflns.Rmerge_F_all                     ? 
_reflns.Rmerge_F_obs                     ? 
_reflns.Friedel_coverage                 ? 
_reflns.number_gt                        ? 
_reflns.threshold_expression             ? 
_reflns.pdbx_redundancy                  2.0 
_reflns.pdbx_Rmerge_I_obs                0.03126 
_reflns.pdbx_Rmerge_I_all                ? 
_reflns.pdbx_Rsym_value                  ? 
_reflns.pdbx_netI_over_av_sigmaI         ? 
_reflns.pdbx_netI_over_sigmaI            9.92 
_reflns.pdbx_res_netI_over_av_sigmaI_2   ? 
_reflns.pdbx_res_netI_over_sigmaI_2      ? 
_reflns.pdbx_chi_squared                 ? 
_reflns.pdbx_scaling_rejects             ? 
_reflns.pdbx_d_res_high_opt              ? 
_reflns.pdbx_d_res_low_opt               ? 
_reflns.pdbx_d_res_opt_method            ? 
_reflns.phase_calculation_details        ? 
_reflns.pdbx_Rrim_I_all                  0.04421 
_reflns.pdbx_Rpim_I_all                  0.03126 
_reflns.pdbx_d_opt                       ? 
_reflns.pdbx_number_measured_all         ? 
_reflns.pdbx_diffrn_id                   1 
_reflns.pdbx_ordinal                     1 
_reflns.pdbx_CC_half                     0.997 
_reflns.pdbx_R_split                     ? 
# 
_reflns_shell.d_res_high                  1.1 
_reflns_shell.d_res_low                   1.139 
_reflns_shell.meanI_over_sigI_all         ? 
_reflns_shell.meanI_over_sigI_obs         1.90 
_reflns_shell.number_measured_all         ? 
_reflns_shell.number_measured_obs         ? 
_reflns_shell.number_possible             ? 
_reflns_shell.number_unique_all           ? 
_reflns_shell.number_unique_obs           1999 
_reflns_shell.percent_possible_all        98.76 
_reflns_shell.percent_possible_obs        ? 
_reflns_shell.Rmerge_F_all                ? 
_reflns_shell.Rmerge_F_obs                ? 
_reflns_shell.Rmerge_I_all                ? 
_reflns_shell.Rmerge_I_obs                0.4266 
_reflns_shell.meanI_over_sigI_gt          ? 
_reflns_shell.meanI_over_uI_all           ? 
_reflns_shell.meanI_over_uI_gt            ? 
_reflns_shell.number_measured_gt          ? 
_reflns_shell.number_unique_gt            ? 
_reflns_shell.percent_possible_gt         ? 
_reflns_shell.Rmerge_F_gt                 ? 
_reflns_shell.Rmerge_I_gt                 ? 
_reflns_shell.pdbx_redundancy             2.0 
_reflns_shell.pdbx_Rsym_value             ? 
_reflns_shell.pdbx_chi_squared            ? 
_reflns_shell.pdbx_netI_over_sigmaI_all   ? 
_reflns_shell.pdbx_netI_over_sigmaI_obs   ? 
_reflns_shell.pdbx_Rrim_I_all             0.6033 
_reflns_shell.pdbx_Rpim_I_all             0.4266 
_reflns_shell.pdbx_rejects                ? 
_reflns_shell.pdbx_ordinal                1 
_reflns_shell.pdbx_diffrn_id              1 
_reflns_shell.pdbx_CC_half                0.627 
_reflns_shell.pdbx_R_split                ? 
# 
_refine.aniso_B[1][1]                            ? 
_refine.aniso_B[1][2]                            ? 
_refine.aniso_B[1][3]                            ? 
_refine.aniso_B[2][2]                            ? 
_refine.aniso_B[2][3]                            ? 
_refine.aniso_B[3][3]                            ? 
_refine.B_iso_max                                ? 
_refine.B_iso_mean                               17.78 
_refine.B_iso_min                                ? 
_refine.correlation_coeff_Fo_to_Fc               ? 
_refine.correlation_coeff_Fo_to_Fc_free          ? 
_refine.details                                  ? 
_refine.diff_density_max                         ? 
_refine.diff_density_max_esd                     ? 
_refine.diff_density_min                         ? 
_refine.diff_density_min_esd                     ? 
_refine.diff_density_rms                         ? 
_refine.diff_density_rms_esd                     ? 
_refine.entry_id                                 6M80 
_refine.pdbx_refine_id                           'X-RAY DIFFRACTION' 
_refine.ls_abs_structure_details                 ? 
_refine.ls_abs_structure_Flack                   ? 
_refine.ls_abs_structure_Flack_esd               ? 
_refine.ls_abs_structure_Rogers                  ? 
_refine.ls_abs_structure_Rogers_esd              ? 
_refine.ls_d_res_high                            1.100 
_refine.ls_d_res_low                             48.807 
_refine.ls_extinction_coef                       ? 
_refine.ls_extinction_coef_esd                   ? 
_refine.ls_extinction_expression                 ? 
_refine.ls_extinction_method                     ? 
_refine.ls_goodness_of_fit_all                   ? 
_refine.ls_goodness_of_fit_all_esd               ? 
_refine.ls_goodness_of_fit_obs                   ? 
_refine.ls_goodness_of_fit_obs_esd               ? 
_refine.ls_hydrogen_treatment                    ? 
_refine.ls_matrix_type                           ? 
_refine.ls_number_constraints                    ? 
_refine.ls_number_parameters                     ? 
_refine.ls_number_reflns_all                     ? 
_refine.ls_number_reflns_obs                     19818 
_refine.ls_number_reflns_R_free                  917 
_refine.ls_number_reflns_R_work                  ? 
_refine.ls_number_restraints                     ? 
_refine.ls_percent_reflns_obs                    98.59 
_refine.ls_percent_reflns_R_free                 4.63 
_refine.ls_R_factor_all                          ? 
_refine.ls_R_factor_obs                          0.1186 
_refine.ls_R_factor_R_free                       0.1443 
_refine.ls_R_factor_R_free_error                 ? 
_refine.ls_R_factor_R_free_error_details         ? 
_refine.ls_R_factor_R_work                       0.1172 
_refine.ls_R_Fsqd_factor_obs                     ? 
_refine.ls_R_I_factor_obs                        ? 
_refine.ls_redundancy_reflns_all                 ? 
_refine.ls_redundancy_reflns_obs                 ? 
_refine.ls_restrained_S_all                      ? 
_refine.ls_restrained_S_obs                      ? 
_refine.ls_shift_over_esd_max                    ? 
_refine.ls_shift_over_esd_mean                   ? 
_refine.ls_structure_factor_coef                 ? 
_refine.ls_weighting_details                     ? 
_refine.ls_weighting_scheme                      ? 
_refine.ls_wR_factor_all                         ? 
_refine.ls_wR_factor_obs                         ? 
_refine.ls_wR_factor_R_free                      ? 
_refine.ls_wR_factor_R_work                      ? 
_refine.occupancy_max                            ? 
_refine.occupancy_min                            ? 
_refine.solvent_model_details                    ? 
_refine.solvent_model_param_bsol                 ? 
_refine.solvent_model_param_ksol                 ? 
_refine.ls_R_factor_gt                           ? 
_refine.ls_goodness_of_fit_gt                    ? 
_refine.ls_goodness_of_fit_ref                   ? 
_refine.ls_shift_over_su_max                     ? 
_refine.ls_shift_over_su_max_lt                  ? 
_refine.ls_shift_over_su_mean                    ? 
_refine.ls_shift_over_su_mean_lt                 ? 
_refine.pdbx_ls_sigma_I                          ? 
_refine.pdbx_ls_sigma_F                          1.34 
_refine.pdbx_ls_sigma_Fsqd                       ? 
_refine.pdbx_data_cutoff_high_absF               ? 
_refine.pdbx_data_cutoff_high_rms_absF           ? 
_refine.pdbx_data_cutoff_low_absF                ? 
_refine.pdbx_isotropic_thermal_model             ? 
_refine.pdbx_ls_cross_valid_method               'FREE R-VALUE' 
_refine.pdbx_method_to_determine_struct          'MOLECULAR REPLACEMENT' 
_refine.pdbx_starting_model                      5K86 
_refine.pdbx_stereochemistry_target_values       ? 
_refine.pdbx_R_Free_selection_details            ? 
_refine.pdbx_stereochem_target_val_spec_case     ? 
_refine.pdbx_overall_ESU_R                       ? 
_refine.pdbx_overall_ESU_R_Free                  ? 
_refine.pdbx_solvent_vdw_probe_radii             1.11 
_refine.pdbx_solvent_ion_probe_radii             ? 
_refine.pdbx_solvent_shrinkage_radii             0.90 
_refine.pdbx_real_space_R                        ? 
_refine.pdbx_density_correlation                 ? 
_refine.pdbx_pd_number_of_powder_patterns        ? 
_refine.pdbx_pd_number_of_points                 ? 
_refine.pdbx_pd_meas_number_of_points            ? 
_refine.pdbx_pd_proc_ls_prof_R_factor            ? 
_refine.pdbx_pd_proc_ls_prof_wR_factor           ? 
_refine.pdbx_pd_Marquardt_correlation_coeff      ? 
_refine.pdbx_pd_Fsqrd_R_factor                   ? 
_refine.pdbx_pd_ls_matrix_band_width             ? 
_refine.pdbx_overall_phase_error                 18.87 
_refine.pdbx_overall_SU_R_free_Cruickshank_DPI   ? 
_refine.pdbx_overall_SU_R_free_Blow_DPI          ? 
_refine.pdbx_overall_SU_R_Blow_DPI               ? 
_refine.pdbx_TLS_residual_ADP_flag               ? 
_refine.pdbx_diffrn_id                           1 
_refine.overall_SU_B                             ? 
_refine.overall_SU_ML                            0.12 
_refine.overall_SU_R_Cruickshank_DPI             ? 
_refine.overall_SU_R_free                        ? 
_refine.overall_FOM_free_R_set                   ? 
_refine.overall_FOM_work_R_set                   ? 
_refine.pdbx_average_fsc_overall                 ? 
_refine.pdbx_average_fsc_work                    ? 
_refine.pdbx_average_fsc_free                    ? 
# 
_refine_hist.pdbx_refine_id                   'X-RAY DIFFRACTION' 
_refine_hist.cycle_id                         LAST 
_refine_hist.details                          ? 
_refine_hist.d_res_high                       1.100 
_refine_hist.d_res_low                        48.807 
_refine_hist.number_atoms_solvent             165 
_refine_hist.number_atoms_total               642 
_refine_hist.number_reflns_all                ? 
_refine_hist.number_reflns_obs                ? 
_refine_hist.number_reflns_R_free             ? 
_refine_hist.number_reflns_R_work             ? 
_refine_hist.R_factor_all                     ? 
_refine_hist.R_factor_obs                     ? 
_refine_hist.R_factor_R_free                  ? 
_refine_hist.R_factor_R_work                  ? 
_refine_hist.pdbx_number_residues_total       ? 
_refine_hist.pdbx_B_iso_mean_ligand           ? 
_refine_hist.pdbx_B_iso_mean_solvent          ? 
_refine_hist.pdbx_number_atoms_protein        468 
_refine_hist.pdbx_number_atoms_nucleic_acid   0 
_refine_hist.pdbx_number_atoms_ligand         9 
_refine_hist.pdbx_number_atoms_lipid          ? 
_refine_hist.pdbx_number_atoms_carb           ? 
_refine_hist.pdbx_pseudo_atom_details         ? 
# 
loop_
_refine_ls_restr.pdbx_refine_id 
_refine_ls_restr.criterion 
_refine_ls_restr.dev_ideal 
_refine_ls_restr.dev_ideal_target 
_refine_ls_restr.number 
_refine_ls_restr.rejects 
_refine_ls_restr.type 
_refine_ls_restr.weight 
_refine_ls_restr.pdbx_restraint_function 
'X-RAY DIFFRACTION' ? 0.025  ? 517 ? f_bond_d           ? ? 
'X-RAY DIFFRACTION' ? 1.964  ? 719 ? f_angle_d          ? ? 
'X-RAY DIFFRACTION' ? 15.412 ? 190 ? f_dihedral_angle_d ? ? 
'X-RAY DIFFRACTION' ? 0.082  ? 66  ? f_chiral_restr     ? ? 
'X-RAY DIFFRACTION' ? 0.043  ? 96  ? f_plane_restr      ? ? 
# 
loop_
_refine_ls_shell.pdbx_refine_id 
_refine_ls_shell.d_res_high 
_refine_ls_shell.d_res_low 
_refine_ls_shell.number_reflns_all 
_refine_ls_shell.number_reflns_obs 
_refine_ls_shell.number_reflns_R_free 
_refine_ls_shell.number_reflns_R_work 
_refine_ls_shell.percent_reflns_obs 
_refine_ls_shell.percent_reflns_R_free 
_refine_ls_shell.R_factor_all 
_refine_ls_shell.R_factor_obs 
_refine_ls_shell.R_factor_R_free 
_refine_ls_shell.R_factor_R_free_error 
_refine_ls_shell.R_factor_R_work 
_refine_ls_shell.redundancy_reflns_all 
_refine_ls_shell.redundancy_reflns_obs 
_refine_ls_shell.wR_factor_all 
_refine_ls_shell.wR_factor_obs 
_refine_ls_shell.wR_factor_R_free 
_refine_ls_shell.wR_factor_R_work 
_refine_ls_shell.pdbx_total_number_of_bins_used 
_refine_ls_shell.pdbx_phase_error 
_refine_ls_shell.pdbx_fsc_work 
_refine_ls_shell.pdbx_fsc_free 
'X-RAY DIFFRACTION' 1.1000 1.1580  . . 144 2665 99.00 . . . 0.2598 . 0.2360 . . . . . . . . . . 
'X-RAY DIFFRACTION' 1.1580 1.2306  . . 124 2676 99.00 . . . 0.2088 . 0.1825 . . . . . . . . . . 
'X-RAY DIFFRACTION' 1.2306 1.3256  . . 114 2696 98.00 . . . 0.2040 . 0.1575 . . . . . . . . . . 
'X-RAY DIFFRACTION' 1.3256 1.4590  . . 126 2684 99.00 . . . 0.1680 . 0.1107 . . . . . . . . . . 
'X-RAY DIFFRACTION' 1.4590 1.6701  . . 113 2702 99.00 . . . 0.1524 . 0.1049 . . . . . . . . . . 
'X-RAY DIFFRACTION' 1.6701 2.1042  . . 132 2720 99.00 . . . 0.1257 . 0.0990 . . . . . . . . . . 
'X-RAY DIFFRACTION' 2.1042 48.8548 . . 164 2758 98.00 . . . 0.1253 . 0.1073 . . . . . . . . . . 
# 
_struct.entry_id                     6M80 
_struct.title                        'Collagen peptide containing aza-proline and aza-glycine' 
_struct.pdbx_model_details           ? 
_struct.pdbx_formula_weight          ? 
_struct.pdbx_formula_weight_method   ? 
_struct.pdbx_model_type_details      ? 
_struct.pdbx_CASP_flag               N 
# 
_struct_keywords.entry_id        6M80 
_struct_keywords.text            'collagen, aza-peptide, synthetic, helix, structural protein' 
_struct_keywords.pdbx_keywords   'STRUCTURAL PROTEIN' 
# 
loop_
_struct_asym.id 
_struct_asym.pdbx_blank_PDB_chainid_flag 
_struct_asym.pdbx_modified 
_struct_asym.entity_id 
_struct_asym.details 
A N N 1 ? 
B N N 1 ? 
C N N 1 ? 
D N N 2 ? 
E N N 3 ? 
F N N 4 ? 
G N N 4 ? 
H N N 4 ? 
# 
loop_
_struct_conn.id 
_struct_conn.conn_type_id 
_struct_conn.pdbx_leaving_atom_flag 
_struct_conn.pdbx_PDB_id 
_struct_conn.ptnr1_label_asym_id 
_struct_conn.ptnr1_label_comp_id 
_struct_conn.ptnr1_label_seq_id 
_struct_conn.ptnr1_label_atom_id 
_struct_conn.pdbx_ptnr1_label_alt_id 
_struct_conn.pdbx_ptnr1_PDB_ins_code 
_struct_conn.pdbx_ptnr1_standard_comp_id 
_struct_conn.ptnr1_symmetry 
_struct_conn.ptnr2_label_asym_id 
_struct_conn.ptnr2_label_comp_id 
_struct_conn.ptnr2_label_seq_id 
_struct_conn.ptnr2_label_atom_id 
_struct_conn.pdbx_ptnr2_label_alt_id 
_struct_conn.pdbx_ptnr2_PDB_ins_code 
_struct_conn.ptnr1_auth_asym_id 
_struct_conn.ptnr1_auth_comp_id 
_struct_conn.ptnr1_auth_seq_id 
_struct_conn.ptnr2_auth_asym_id 
_struct_conn.ptnr2_auth_comp_id 
_struct_conn.ptnr2_auth_seq_id 
_struct_conn.ptnr2_symmetry 
_struct_conn.pdbx_ptnr3_label_atom_id 
_struct_conn.pdbx_ptnr3_label_seq_id 
_struct_conn.pdbx_ptnr3_label_comp_id 
_struct_conn.pdbx_ptnr3_label_asym_id 
_struct_conn.pdbx_ptnr3_label_alt_id 
_struct_conn.pdbx_ptnr3_PDB_ins_code 
_struct_conn.details 
_struct_conn.pdbx_dist_value 
_struct_conn.pdbx_value_order 
_struct_conn.pdbx_role 
covale1  covale both ? A PRO 1  C ? ? ? 1_555 A HYP 2  N ? ? C PRO 1  C HYP 2  1_555 ? ? ? ? ? ? ? 1.330 ? ? 
covale2  covale both ? A HYP 2  C ? ? ? 1_555 A GLY 3  N ? ? C HYP 2  C GLY 3  1_555 ? ? ? ? ? ? ? 1.331 ? ? 
covale3  covale both ? A PRO 4  C ? ? ? 1_555 A HYP 5  N ? ? C PRO 4  C HYP 5  1_555 ? ? ? ? ? ? ? 1.327 ? ? 
covale4  covale both ? A HYP 5  C ? ? ? 1_555 A GLY 6  N ? ? C HYP 5  C GLY 6  1_555 ? ? ? ? ? ? ? 1.317 ? ? 
covale5  covale both ? A GLY 6  C ? ? ? 1_555 A ZPO 7  N ? ? C GLY 6  C ZPO 7  1_555 ? ? ? ? ? ? ? 1.379 ? ? 
covale6  covale both ? A ZPO 7  C ? ? ? 1_555 A HYP 8  N ? ? C ZPO 7  C HYP 8  1_555 ? ? ? ? ? ? ? 1.363 ? ? 
covale7  covale both ? A HYP 8  C ? ? ? 1_555 A GLY 9  N ? ? C HYP 8  C GLY 9  1_555 ? ? ? ? ? ? ? 1.346 ? ? 
covale8  covale both ? A ARG 11 C ? ? ? 1_555 A XZA 12 N ? ? C ARG 11 C XZA 12 1_555 ? ? ? ? ? ? ? 1.318 ? ? 
covale9  covale both ? A XZA 12 C ? ? ? 1_555 A PRO 13 N ? ? C XZA 12 C PRO 13 1_555 ? ? ? ? ? ? ? 1.369 ? ? 
covale10 covale both ? A PRO 13 C ? ? ? 1_555 A HYP 14 N ? ? C PRO 13 C HYP 14 1_555 ? ? ? ? ? ? ? 1.313 ? ? 
covale11 covale both ? A HYP 14 C ? ? ? 1_555 A GLY 15 N ? ? C HYP 14 C GLY 15 1_555 ? ? ? ? ? ? ? 1.334 ? ? 
covale12 covale both ? A PRO 16 C ? ? ? 1_555 A HYP 17 N ? ? C PRO 16 C HYP 17 1_555 ? ? ? ? ? ? ? 1.336 ? ? 
covale13 covale both ? A HYP 17 C ? ? ? 1_555 A GLY 18 N ? ? C HYP 17 C GLY 18 1_555 ? ? ? ? ? ? ? 1.326 ? ? 
covale14 covale both ? A PRO 19 C ? ? ? 1_555 A HYP 20 N ? ? C PRO 19 C HYP 20 1_555 ? ? ? ? ? ? ? 1.344 ? ? 
covale15 covale both ? A HYP 20 C ? ? ? 1_555 A GLY 21 N ? ? C HYP 20 C GLY 21 1_555 ? ? ? ? ? ? ? 1.320 ? ? 
covale16 covale both ? A PRO 22 C ? ? ? 1_555 A HYP 23 N ? ? C PRO 22 C HYP 23 1_555 ? ? ? ? ? ? ? 1.339 ? ? 
covale17 covale both ? A HYP 23 C ? ? ? 1_555 A GLY 24 N ? ? C HYP 23 C GLY 24 1_555 ? ? ? ? ? ? ? 1.321 ? ? 
covale18 covale both ? A GLY 24 C ? ? ? 1_555 A NH2 25 N ? ? C GLY 24 C NH2 25 1_555 ? ? ? ? ? ? ? 1.336 ? ? 
covale19 covale both ? B PRO 1  C ? ? ? 1_555 B HYP 2  N ? ? D PRO 1  D HYP 2  1_555 ? ? ? ? ? ? ? 1.324 ? ? 
covale20 covale both ? B HYP 2  C ? ? ? 1_555 B GLY 3  N ? ? D HYP 2  D GLY 3  1_555 ? ? ? ? ? ? ? 1.322 ? ? 
covale21 covale both ? B PRO 4  C ? ? ? 1_555 B HYP 5  N ? ? D PRO 4  D HYP 5  1_555 ? ? ? ? ? ? ? 1.330 ? ? 
covale22 covale both ? B HYP 5  C ? ? ? 1_555 B GLY 6  N ? ? D HYP 5  D GLY 6  1_555 ? ? ? ? ? ? ? 1.332 ? ? 
covale23 covale both ? B GLY 6  C ? ? ? 1_555 B ZPO 7  N ? ? D GLY 6  D ZPO 7  1_555 ? ? ? ? ? ? ? 1.362 ? ? 
covale24 covale both ? B ZPO 7  C ? ? ? 1_555 B HYP 8  N ? ? D ZPO 7  D HYP 8  1_555 ? ? ? ? ? ? ? 1.395 ? ? 
covale25 covale both ? B HYP 8  C ? ? ? 1_555 B GLY 9  N ? ? D HYP 8  D GLY 9  1_555 ? ? ? ? ? ? ? 1.304 ? ? 
covale26 covale both ? B ARG 11 C ? ? ? 1_555 B XZA 12 N ? ? D ARG 11 D XZA 12 1_555 ? ? ? ? ? ? ? 1.345 ? ? 
covale27 covale both ? B XZA 12 C ? ? ? 1_555 B PRO 13 N ? ? D XZA 12 D PRO 13 1_555 ? ? ? ? ? ? ? 1.362 ? ? 
covale28 covale both ? B PRO 13 C ? ? ? 1_555 B HYP 14 N ? ? D PRO 13 D HYP 14 1_555 ? ? ? ? ? ? ? 1.309 ? ? 
covale29 covale both ? B HYP 14 C ? ? ? 1_555 B GLY 15 N ? ? D HYP 14 D GLY 15 1_555 ? ? ? ? ? ? ? 1.331 ? ? 
covale30 covale both ? B PRO 16 C ? ? ? 1_555 B HYP 17 N ? ? D PRO 16 D HYP 17 1_555 ? ? ? ? ? ? ? 1.317 ? ? 
covale31 covale both ? B HYP 17 C ? ? ? 1_555 B GLY 18 N ? ? D HYP 17 D GLY 18 1_555 ? ? ? ? ? ? ? 1.320 ? ? 
covale32 covale both ? B PRO 19 C ? ? ? 1_555 B HYP 20 N ? ? D PRO 19 D HYP 20 1_555 ? ? ? ? ? ? ? 1.324 ? ? 
covale33 covale both ? B HYP 20 C ? ? ? 1_555 B GLY 21 N ? ? D HYP 20 D GLY 21 1_555 ? ? ? ? ? ? ? 1.342 ? ? 
covale34 covale both ? B PRO 22 C ? ? ? 1_555 B HYP 23 N ? ? D PRO 22 D HYP 23 1_555 ? ? ? ? ? ? ? 1.328 ? ? 
covale35 covale both ? B HYP 23 C ? ? ? 1_555 B GLY 24 N ? ? D HYP 23 D GLY 24 1_555 ? ? ? ? ? ? ? 1.336 ? ? 
covale36 covale both ? B GLY 24 C ? ? ? 1_555 B NH2 25 N ? ? D GLY 24 D NH2 25 1_555 ? ? ? ? ? ? ? 1.330 ? ? 
covale37 covale both ? C PRO 1  C ? ? ? 1_555 C HYP 2  N ? ? E PRO 1  E HYP 2  1_555 ? ? ? ? ? ? ? 1.327 ? ? 
covale38 covale both ? C HYP 2  C ? ? ? 1_555 C GLY 3  N ? ? E HYP 2  E GLY 3  1_555 ? ? ? ? ? ? ? 1.320 ? ? 
covale39 covale both ? C PRO 4  C ? ? ? 1_555 C HYP 5  N ? ? E PRO 4  E HYP 5  1_555 ? ? ? ? ? ? ? 1.309 ? ? 
covale40 covale both ? C HYP 5  C ? ? ? 1_555 C GLY 6  N ? ? E HYP 5  E GLY 6  1_555 ? ? ? ? ? ? ? 1.341 ? ? 
covale41 covale both ? C GLY 6  C ? ? ? 1_555 C ZPO 7  N ? ? E GLY 6  E ZPO 7  1_555 ? ? ? ? ? ? ? 1.375 ? ? 
covale42 covale both ? C ZPO 7  C ? ? ? 1_555 C HYP 8  N ? ? E ZPO 7  E HYP 8  1_555 ? ? ? ? ? ? ? 1.340 ? ? 
covale43 covale both ? C HYP 8  C ? ? ? 1_555 C GLY 9  N ? ? E HYP 8  E GLY 9  1_555 ? ? ? ? ? ? ? 1.327 ? ? 
covale44 covale both ? C ARG 11 C ? ? ? 1_555 C XZA 12 N ? ? E ARG 11 E XZA 12 1_555 ? ? ? ? ? ? ? 1.331 ? ? 
covale45 covale both ? C XZA 12 C ? ? ? 1_555 C PRO 13 N ? ? E XZA 12 E PRO 13 1_555 ? ? ? ? ? ? ? 1.341 ? ? 
covale46 covale both ? C PRO 13 C ? ? ? 1_555 C HYP 14 N ? ? E PRO 13 E HYP 14 1_555 ? ? ? ? ? ? ? 1.343 ? ? 
covale47 covale both ? C HYP 14 C ? ? ? 1_555 C GLY 15 N ? ? E HYP 14 E GLY 15 1_555 ? ? ? ? ? ? ? 1.294 ? ? 
covale48 covale both ? C PRO 16 C ? ? ? 1_555 C HYP 17 N ? ? E PRO 16 E HYP 17 1_555 ? ? ? ? ? ? ? 1.342 ? ? 
covale49 covale both ? C HYP 17 C ? ? ? 1_555 C GLY 18 N ? ? E HYP 17 E GLY 18 1_555 ? ? ? ? ? ? ? 1.331 ? ? 
covale50 covale both ? C PRO 19 C ? ? ? 1_555 C HYP 20 N ? ? E PRO 19 E HYP 20 1_555 ? ? ? ? ? ? ? 1.310 ? ? 
covale51 covale both ? C HYP 20 C ? ? ? 1_555 C GLY 21 N ? ? E HYP 20 E GLY 21 1_555 ? ? ? ? ? ? ? 1.319 ? ? 
covale52 covale both ? C PRO 22 C ? ? ? 1_555 C HYP 23 N ? ? E PRO 22 E HYP 23 1_555 ? ? ? ? ? ? ? 1.317 ? ? 
covale53 covale both ? C HYP 23 C ? ? ? 1_555 C GLY 24 N ? ? E HYP 23 E GLY 24 1_555 ? ? ? ? ? ? ? 1.338 ? ? 
covale54 covale both ? C GLY 24 C ? ? ? 1_555 C NH2 25 N ? ? E GLY 24 E NH2 25 1_555 ? ? ? ? ? ? ? 1.339 ? ? 
# 
_struct_conn_type.id          covale 
_struct_conn_type.criteria    ? 
_struct_conn_type.reference   ? 
# 
loop_
_struct_site.id 
_struct_site.pdbx_evidence_code 
_struct_site.pdbx_auth_asym_id 
_struct_site.pdbx_auth_comp_id 
_struct_site.pdbx_auth_seq_id 
_struct_site.pdbx_auth_ins_code 
_struct_site.pdbx_num_residues 
_struct_site.details 
AC1 Software C EDO 101 ? 3 'binding site for residue EDO C 101' 
AC2 Software E SO4 101 ? 9 'binding site for residue SO4 E 101' 
# 
loop_
_struct_site_gen.id 
_struct_site_gen.site_id 
_struct_site_gen.pdbx_num_res 
_struct_site_gen.label_comp_id 
_struct_site_gen.label_asym_id 
_struct_site_gen.label_seq_id 
_struct_site_gen.pdbx_auth_ins_code 
_struct_site_gen.auth_comp_id 
_struct_site_gen.auth_asym_id 
_struct_site_gen.auth_seq_id 
_struct_site_gen.label_atom_id 
_struct_site_gen.label_alt_id 
_struct_site_gen.symmetry 
_struct_site_gen.details 
1  AC1 3 HYP A 2  ? HYP C 2   . ? 1_555 ? 
2  AC1 3 HOH F .  ? HOH C 201 . ? 1_555 ? 
3  AC1 3 HOH F .  ? HOH C 223 . ? 1_555 ? 
4  AC2 9 PRO A 13 ? PRO C 13  . ? 1_555 ? 
5  AC2 9 HYP A 14 ? HYP C 14  . ? 1_555 ? 
6  AC2 9 ARG B 11 ? ARG D 11  . ? 1_545 ? 
7  AC2 9 HOH G .  ? HOH D 135 . ? 1_545 ? 
8  AC2 9 ARG C 11 ? ARG E 11  . ? 1_555 ? 
9  AC2 9 HOH H .  ? HOH E 201 . ? 1_555 ? 
10 AC2 9 HOH H .  ? HOH E 202 . ? 1_555 ? 
11 AC2 9 HOH H .  ? HOH E 205 . ? 1_555 ? 
12 AC2 9 HOH H .  ? HOH E 223 . ? 1_555 ? 
# 
_atom_sites.entry_id                    6M80 
_atom_sites.Cartn_transf_matrix[1][1]   ? 
_atom_sites.Cartn_transf_matrix[1][2]   ? 
_atom_sites.Cartn_transf_matrix[1][3]   ? 
_atom_sites.Cartn_transf_matrix[2][1]   ? 
_atom_sites.Cartn_transf_matrix[2][2]   ? 
_atom_sites.Cartn_transf_matrix[2][3]   ? 
_atom_sites.Cartn_transf_matrix[3][1]   ? 
_atom_sites.Cartn_transf_matrix[3][2]   ? 
_atom_sites.Cartn_transf_matrix[3][3]   ? 
_atom_sites.Cartn_transf_vector[1]      ? 
_atom_sites.Cartn_transf_vector[2]      ? 
_atom_sites.Cartn_transf_vector[3]      ? 
_atom_sites.fract_transf_matrix[1][1]   0.00529101 
_atom_sites.fract_transf_matrix[1][2]   -0.02878012 
_atom_sites.fract_transf_matrix[1][3]   -0.02153649 
_atom_sites.fract_transf_matrix[2][1]   0.00941717 
_atom_sites.fract_transf_matrix[2][2]   0.03357773 
_atom_sites.fract_transf_matrix[2][3]   -0.04255777 
_atom_sites.fract_transf_matrix[3][1]   0.02005355 
_atom_sites.fract_transf_matrix[3][2]   -0.00031367 
_atom_sites.fract_transf_matrix[3][3]   0.00418996 
_atom_sites.fract_transf_vector[1]      0.348882 
_atom_sites.fract_transf_vector[2]      0.234958 
_atom_sites.fract_transf_vector[3]      0.054932 
_atom_sites.solution_primary            ? 
_atom_sites.solution_secondary          ? 
_atom_sites.solution_hydrogens          ? 
_atom_sites.special_details             ? 
# 
loop_
_atom_type.symbol 
C 
H 
N 
O 
S 
# 
loop_
_atom_site.group_PDB 
_atom_site.id 
_atom_site.type_symbol 
_atom_site.label_atom_id 
_atom_site.label_alt_id 
_atom_site.label_comp_id 
_atom_site.label_asym_id 
_atom_site.label_entity_id 
_atom_site.label_seq_id 
_atom_site.pdbx_PDB_ins_code 
_atom_site.Cartn_x 
_atom_site.Cartn_y 
_atom_site.Cartn_z 
_atom_site.occupancy 
_atom_site.B_iso_or_equiv 
_atom_site.pdbx_formal_charge 
_atom_site.auth_seq_id 
_atom_site.auth_comp_id 
_atom_site.auth_asym_id 
_atom_site.auth_atom_id 
_atom_site.pdbx_PDB_model_num 
ATOM   1    N N    . PRO A 1 1  ? -28.131 17.931  10.467  1.00 26.05 ? 1   PRO C N    1 
ATOM   2    C CA   . PRO A 1 1  ? -27.799 18.053  9.056   1.00 23.90 ? 1   PRO C CA   1 
ATOM   3    C C    . PRO A 1 1  ? -26.588 17.210  8.651   1.00 21.29 ? 1   PRO C C    1 
ATOM   4    O O    . PRO A 1 1  ? -25.902 16.636  9.541   1.00 19.65 ? 1   PRO C O    1 
ATOM   5    C CB   . PRO A 1 1  ? -27.522 19.569  8.896   1.00 26.19 ? 1   PRO C CB   1 
ATOM   6    C CG   . PRO A 1 1  ? -28.215 20.233  10.074  1.00 28.64 ? 1   PRO C CG   1 
ATOM   7    C CD   . PRO A 1 1  ? -27.978 19.226  11.170  1.00 28.67 ? 1   PRO C CD   1 
ATOM   8    H H2   . PRO A 1 1  ? -27.548 17.285  10.870  1.00 31.25 ? 1   PRO C H2   1 
ATOM   9    H H3   . PRO A 1 1  ? -29.042 17.636  10.549  1.00 31.25 ? 1   PRO C H3   1 
ATOM   10   H HA   . PRO A 1 1  ? -28.551 17.804  8.497   1.00 28.68 ? 1   PRO C HA   1 
ATOM   11   H HB2  . PRO A 1 1  ? -26.566 19.732  8.921   1.00 31.42 ? 1   PRO C HB2  1 
ATOM   12   H HB3  . PRO A 1 1  ? -27.890 19.883  8.055   1.00 31.42 ? 1   PRO C HB3  1 
ATOM   13   H HG2  . PRO A 1 1  ? -27.805 21.088  10.277  1.00 34.37 ? 1   PRO C HG2  1 
ATOM   14   H HG3  . PRO A 1 1  ? -29.160 20.352  9.894   1.00 34.37 ? 1   PRO C HG3  1 
ATOM   15   H HD2  . PRO A 1 1  ? -27.084 19.317  11.537  1.00 34.39 ? 1   PRO C HD2  1 
ATOM   16   H HD3  . PRO A 1 1  ? -28.637 19.319  11.874  1.00 34.39 ? 1   PRO C HD3  1 
HETATM 17   N N    . HYP A 1 2  ? -26.302 17.168  7.353   1.00 20.85 ? 2   HYP C N    1 
HETATM 18   C CA   . HYP A 1 2  ? -25.229 16.311  6.888   1.00 19.36 ? 2   HYP C CA   1 
HETATM 19   C C    . HYP A 1 2  ? -23.865 16.763  7.408   1.00 17.78 ? 2   HYP C C    1 
HETATM 20   O O    . HYP A 1 2  ? -23.687 17.960  7.745   1.00 18.08 ? 2   HYP C O    1 
HETATM 21   C CB   . HYP A 1 2  ? -25.340 16.494  5.372   1.00 22.71 ? 2   HYP C CB   1 
HETATM 22   C CG   . HYP A 1 2  ? -26.764 16.845  5.112   1.00 26.24 ? 2   HYP C CG   1 
HETATM 23   C CD   . HYP A 1 2  ? -27.103 17.755  6.249   1.00 24.26 ? 2   HYP C CD   1 
HETATM 24   O OD1  . HYP A 1 2  ? -27.585 15.654  5.296   1.00 30.71 ? 2   HYP C OD1  1 
HETATM 25   H HA   . HYP A 1 2  ? -25.428 15.387  7.108   1.00 23.22 ? 2   HYP C HA   1 
HETATM 26   H HB2  . HYP A 1 2  ? -25.124 15.659  4.928   1.00 27.25 ? 2   HYP C HB2  1 
HETATM 27   H HB3  . HYP A 1 2  ? -24.768 17.226  5.091   1.00 27.25 ? 2   HYP C HB3  1 
HETATM 28   H HG   . HYP A 1 2  ? -26.784 17.338  4.278   1.00 31.48 ? 2   HYP C HG   1 
HETATM 29   H HD22 . HYP A 1 2  ? -26.862 18.675  6.061   1.00 29.11 ? 2   HYP C HD22 1 
HETATM 30   H HD23 . HYP A 1 2  ? -28.054 17.760  6.438   1.00 29.11 ? 2   HYP C HD23 1 
HETATM 31   H HD1  . HYP A 1 2  ? -28.428 15.984  5.373   1.00 36.84 ? 2   HYP C HD1  1 
ATOM   32   N N    . GLY A 1 3  ? -22.940 15.824  7.594   1.00 15.45 ? 3   GLY C N    1 
ATOM   33   C CA   . GLY A 1 3  ? -21.600 16.180  8.010   1.00 13.76 ? 3   GLY C CA   1 
ATOM   34   C C    . GLY A 1 3  ? -20.622 16.056  6.865   1.00 12.52 ? 3   GLY C C    1 
ATOM   35   O O    . GLY A 1 3  ? -20.928 15.389  5.861   1.00 13.33 ? 3   GLY C O    1 
ATOM   36   H H    . GLY A 1 3  ? -23.070 14.981  7.485   1.00 18.53 ? 3   GLY C H    1 
ATOM   37   H HA2  . GLY A 1 3  ? -21.592 17.096  8.330   1.00 16.51 ? 3   GLY C HA2  1 
ATOM   38   H HA3  . GLY A 1 3  ? -21.316 15.593  8.728   1.00 16.51 ? 3   GLY C HA3  1 
ATOM   39   N N    . PRO A 1 4  ? -19.434 16.630  7.013   1.00 12.36 ? 4   PRO C N    1 
ATOM   40   C CA   . PRO A 1 4  ? -18.450 16.529  5.951   1.00 12.99 ? 4   PRO C CA   1 
ATOM   41   C C    . PRO A 1 4  ? -17.904 15.097  5.839   1.00 10.83 ? 4   PRO C C    1 
ATOM   42   O O    . PRO A 1 4  ? -17.808 14.385  6.789   1.00 11.12 ? 4   PRO C O    1 
ATOM   43   C CB   . PRO A 1 4  ? -17.336 17.452  6.422   1.00 16.52 ? 4   PRO C CB   1 
ATOM   44   C CG   . PRO A 1 4  ? -17.787 18.105  7.598   1.00 16.70 ? 4   PRO C CG   1 
ATOM   45   C CD   . PRO A 1 4  ? -19.003 17.464  8.126   1.00 13.72 ? 4   PRO C CD   1 
ATOM   46   H HA   . PRO A 1 4  ? -18.809 16.838  5.104   1.00 15.59 ? 4   PRO C HA   1 
ATOM   47   H HB2  . PRO A 1 4  ? -16.544 16.925  6.612   1.00 19.81 ? 4   PRO C HB2  1 
ATOM   48   H HB3  . PRO A 1 4  ? -17.145 18.102  5.729   1.00 19.81 ? 4   PRO C HB3  1 
ATOM   49   H HG2  . PRO A 1 4  ? -17.082 18.059  8.264   1.00 20.03 ? 4   PRO C HG2  1 
ATOM   50   H HG3  . PRO A 1 4  ? -17.977 19.031  7.380   1.00 20.03 ? 4   PRO C HG3  1 
ATOM   51   H HD2  . PRO A 1 4  ? -18.802 16.925  8.906   1.00 16.46 ? 4   PRO C HD2  1 
ATOM   52   H HD3  . PRO A 1 4  ? -19.679 18.125  8.346   1.00 16.46 ? 4   PRO C HD3  1 
HETATM 53   N N    . HYP A 1 5  ? -17.362 14.778  4.671   1.00 10.81 ? 5   HYP C N    1 
HETATM 54   C CA   . HYP A 1 5  ? -16.586 13.543  4.510   1.00 11.53 ? 5   HYP C CA   1 
HETATM 55   C C    . HYP A 1 5  ? -15.474 13.443  5.471   1.00 10.34 ? 5   HYP C C    1 
HETATM 56   O O    . HYP A 1 5  ? -14.845 14.427  5.846   1.00 11.84 ? 5   HYP C O    1 
HETATM 57   C CB   . HYP A 1 5  ? -16.102 13.582  3.046   1.00 13.32 ? 5   HYP C CB   1 
HETATM 58   C CG   . HYP A 1 5  ? -17.097 14.452  2.355   1.00 13.60 ? 5   HYP C CG   1 
HETATM 59   C CD   . HYP A 1 5  ? -17.420 15.490  3.393   1.00 12.82 ? 5   HYP C CD   1 
HETATM 60   O OD1  . HYP A 1 5  ? -18.326 13.741  2.071   1.00 14.54 ? 5   HYP C OD1  1 
HETATM 61   H HA   . HYP A 1 5  ? -17.203 12.797  4.565   1.00 13.83 ? 5   HYP C HA   1 
HETATM 62   H HB2  . HYP A 1 5  ? -16.126 12.689  2.667   1.00 15.98 ? 5   HYP C HB2  1 
HETATM 63   H HB3  . HYP A 1 5  ? -15.222 13.986  3.000   1.00 15.98 ? 5   HYP C HB3  1 
HETATM 64   H HG   . HYP A 1 5  ? -16.607 14.859  1.624   1.00 16.31 ? 5   HYP C HG   1 
HETATM 65   H HD22 . HYP A 1 5  ? -16.789 16.225  3.361   1.00 15.38 ? 5   HYP C HD22 1 
HETATM 66   H HD23 . HYP A 1 5  ? -18.295 15.880  3.236   1.00 15.38 ? 5   HYP C HD23 1 
HETATM 67   H HD1  . HYP A 1 5  ? -18.125 13.249  1.333   1.00 17.44 ? 5   HYP C HD1  1 
ATOM   68   N N    . GLY A 1 6  ? -15.173 12.233  5.894   1.00 10.32 ? 6   GLY C N    1 
ATOM   69   C CA   . GLY A 1 6  ? -14.056 11.975  6.778   1.00 10.44 ? 6   GLY C CA   1 
ATOM   70   C C    . GLY A 1 6  ? -12.705 12.102  6.093   1.00 10.36 ? 6   GLY C C    1 
ATOM   71   O O    . GLY A 1 6  ? -12.608 12.351  4.887   1.00 11.42 ? 6   GLY C O    1 
ATOM   72   H H    . GLY A 1 6  ? -15.612 11.526  5.678   1.00 12.38 ? 6   GLY C H    1 
ATOM   73   H HA2  . GLY A 1 6  ? -14.081 12.606  7.514   1.00 12.52 ? 6   GLY C HA2  1 
ATOM   74   H HA3  . GLY A 1 6  ? -14.132 11.074  7.130   1.00 12.52 ? 6   GLY C HA3  1 
HETATM 75   N N    . ZPO A 1 7  ? -11.619 11.775  6.878   1.00 10.64 ? 7   ZPO C N    1 
HETATM 76   C CB   . ZPO A 1 7  ? -9.585  12.469  7.464   1.00 11.11 ? 7   ZPO C CB   1 
HETATM 77   C CG   . ZPO A 1 7  ? -10.225 11.721  8.639   1.00 11.23 ? 7   ZPO C CG   1 
HETATM 78   C C    . ZPO A 1 7  ? -9.844  10.755  5.744   1.00 9.36  ? 7   ZPO C C    1 
HETATM 79   O O    . ZPO A 1 7  ? -10.492 9.796   5.565   1.00 9.51  ? 7   ZPO C O    1 
HETATM 80   C CD   . ZPO A 1 7  ? -11.666 11.599  8.357   1.00 10.97 ? 7   ZPO C CD   1 
HETATM 81   N NA   . ZPO A 1 7  ? -10.326 11.931  6.429   1.00 10.14 ? 7   ZPO C NA   1 
HETATM 82   H HB3  . ZPO A 1 7  ? -9.721  13.427  7.526   1.00 13.32 ? 7   ZPO C HB3  1 
HETATM 83   H HB2  . ZPO A 1 7  ? -8.645  12.253  7.366   1.00 13.32 ? 7   ZPO C HB2  1 
HETATM 84   H HG2  . ZPO A 1 7  ? -9.821  10.841  8.716   1.00 13.47 ? 7   ZPO C HG2  1 
HETATM 85   H HG3  . ZPO A 1 7  ? -10.082 12.226  9.454   1.00 13.47 ? 7   ZPO C HG3  1 
HETATM 86   H HD2  . ZPO A 1 7  ? -12.001 10.722  8.598   1.00 13.16 ? 7   ZPO C HD2  1 
HETATM 87   H HD3  . ZPO A 1 7  ? -12.171 12.311  8.781   1.00 13.16 ? 7   ZPO C HD3  1 
HETATM 88   N N    . HYP A 1 8  ? -8.616  10.933  5.180   1.00 9.97  ? 8   HYP C N    1 
HETATM 89   C CA   . HYP A 1 8  ? -8.040  9.774   4.494   1.00 9.22  ? 8   HYP C CA   1 
HETATM 90   C C    . HYP A 1 8  ? -7.769  8.636   5.400   1.00 8.44  ? 8   HYP C C    1 
HETATM 91   O O    . HYP A 1 8  ? -7.397  8.803   6.580   1.00 9.37  ? 8   HYP C O    1 
HETATM 92   C CB   . HYP A 1 8  ? -6.733  10.396  3.932   1.00 9.86  ? 8   HYP C CB   1 
HETATM 93   C CG   . HYP A 1 8  ? -7.029  11.827  3.725   1.00 11.10 ? 8   HYP C CG   1 
HETATM 94   C CD   . HYP A 1 8  ? -7.852  12.161  4.929   1.00 10.73 ? 8   HYP C CD   1 
HETATM 95   O OD1  . HYP A 1 8  ? -7.878  11.988  2.569   1.00 11.29 ? 8   HYP C OD1  1 
HETATM 96   H HA   . HYP A 1 8  ? -8.612  9.516   3.754   1.00 11.05 ? 8   HYP C HA   1 
HETATM 97   H HB2  . HYP A 1 8  ? -6.517  9.982   3.082   1.00 11.82 ? 8   HYP C HB2  1 
HETATM 98   H HB3  . HYP A 1 8  ? -6.022  10.302  4.586   1.00 11.82 ? 8   HYP C HB3  1 
HETATM 99   H HG   . HYP A 1 8  ? -6.184  12.301  3.768   1.00 13.32 ? 8   HYP C HG   1 
HETATM 100  H HD22 . HYP A 1 8  ? -8.428  12.924  4.764   1.00 12.86 ? 8   HYP C HD22 1 
HETATM 101  H HD23 . HYP A 1 8  ? -7.293  12.405  5.682   1.00 12.86 ? 8   HYP C HD23 1 
HETATM 102  H HD1  . HYP A 1 8  ? -7.324  11.815  1.868   1.00 13.54 ? 8   HYP C HD1  1 
ATOM   103  N N    . GLY A 1 9  ? -7.898  7.406   4.867   1.00 8.28  ? 9   GLY C N    1 
ATOM   104  C CA   . GLY A 1 9  ? -7.598  6.230   5.639   1.00 7.62  ? 9   GLY C CA   1 
ATOM   105  C C    . GLY A 1 9  ? -6.113  6.048   5.899   1.00 7.86  ? 9   GLY C C    1 
ATOM   106  O O    . GLY A 1 9  ? -5.256  6.801   5.453   1.00 9.02  ? 9   GLY C O    1 
ATOM   107  H H    . GLY A 1 9  ? -8.157  7.248   4.062   1.00 9.92  ? 9   GLY C H    1 
ATOM   108  H HA2  . GLY A 1 9  ? -8.051  6.289   6.495   1.00 9.14  ? 9   GLY C HA2  1 
ATOM   109  H HA3  . GLY A 1 9  ? -7.921  5.448   5.164   1.00 9.14  ? 9   GLY C HA3  1 
ATOM   110  N N    . PRO A 1 10 ? -5.805  4.974   6.657   1.00 8.22  ? 10  PRO C N    1 
ATOM   111  C CA   . PRO A 1 10 ? -4.418  4.634   6.950   1.00 8.65  ? 10  PRO C CA   1 
ATOM   112  C C    . PRO A 1 10 ? -3.733  4.097   5.681   1.00 8.79  ? 10  PRO C C    1 
ATOM   113  O O    . PRO A 1 10 ? -4.334  3.690   4.702   1.00 9.24  ? 10  PRO C O    1 
ATOM   114  C CB   . PRO A 1 10 ? -4.521  3.530   8.014   1.00 9.77  ? 10  PRO C CB   1 
ATOM   115  C CG   . PRO A 1 10 ? -5.873  2.941   7.796   1.00 10.30 ? 10  PRO C CG   1 
ATOM   116  C CD   . PRO A 1 10 ? -6.751  4.054   7.268   1.00 9.41  ? 10  PRO C CD   1 
ATOM   117  H HA   . PRO A 1 10 ? -3.939  5.394   7.316   1.00 10.37 ? 10  PRO C HA   1 
ATOM   118  H HB2  . PRO A 1 10 ? -3.824  2.868   7.878   1.00 11.71 ? 10  PRO C HB2  1 
ATOM   119  H HB3  . PRO A 1 10 ? -4.444  3.913   8.902   1.00 11.71 ? 10  PRO C HB3  1 
ATOM   120  H HG2  . PRO A 1 10 ? -5.812  2.221   7.150   1.00 12.36 ? 10  PRO C HG2  1 
ATOM   121  H HG3  . PRO A 1 10 ? -6.219  2.605   8.637   1.00 12.36 ? 10  PRO C HG3  1 
ATOM   122  H HD2  . PRO A 1 10 ? -7.377  3.715   6.609   1.00 11.28 ? 10  PRO C HD2  1 
ATOM   123  H HD3  . PRO A 1 10 ? -7.232  4.486   7.991   1.00 11.28 ? 10  PRO C HD3  1 
ATOM   124  N N    . ARG A 1 11 ? -2.395  4.047   5.776   1.00 8.82  ? 11  ARG C N    1 
ATOM   125  C CA   . ARG A 1 11 ? -1.565  3.514   4.675   1.00 8.61  ? 11  ARG C CA   1 
ATOM   126  C C    . ARG A 1 11 ? -1.830  2.023   4.500   1.00 8.76  ? 11  ARG C C    1 
ATOM   127  O O    . ARG A 1 11 ? -1.907  1.257   5.487   1.00 9.58  ? 11  ARG C O    1 
ATOM   128  C CB   . ARG A 1 11 ? -0.094  3.771   4.972   1.00 9.52  ? 11  ARG C CB   1 
ATOM   129  C CG   . ARG A 1 11 ? 0.828   3.401   3.879   1.00 9.00  ? 11  ARG C CG   1 
ATOM   130  C CD   . ARG A 1 11 ? 2.247   3.782   4.202   1.00 10.48 ? 11  ARG C CD   1 
ATOM   131  N NE   . ARG A 1 11 ? 3.103   3.483   3.088   1.00 9.72  ? 11  ARG C NE   1 
ATOM   132  C CZ   . ARG A 1 11 ? 4.425   3.383   3.184   1.00 10.04 ? 11  ARG C CZ   1 
ATOM   133  N NH1  . ARG A 1 11 ? 5.053   3.505   4.353   1.00 11.42 ? 11  ARG C NH1  1 
ATOM   134  N NH2  . ARG A 1 11 ? 5.179   3.197   2.078   1.00 10.34 ? 11  ARG C NH2  1 
ATOM   135  H H    . ARG A 1 11 ? -1.945  4.311   6.460   1.00 10.58 ? 11  ARG C H    1 
ATOM   136  H HA   . ARG A 1 11 ? -1.780  3.959   3.841   1.00 10.32 ? 11  ARG C HA   1 
ATOM   137  H HB2  . ARG A 1 11 ? 0.024   4.717   5.146   1.00 11.42 ? 11  ARG C HB2  1 
ATOM   138  H HB3  . ARG A 1 11 ? 0.158   3.256   5.754   1.00 11.42 ? 11  ARG C HB3  1 
ATOM   139  H HG2  . ARG A 1 11 ? 0.794   2.442   3.741   1.00 10.79 ? 11  ARG C HG2  1 
ATOM   140  H HG3  . ARG A 1 11 ? 0.566   3.863   3.067   1.00 10.79 ? 11  ARG C HG3  1 
ATOM   141  H HD2  . ARG A 1 11 ? 2.296   4.733   4.385   1.00 12.57 ? 11  ARG C HD2  1 
ATOM   142  H HD3  . ARG A 1 11 ? 2.554   3.280   4.972   1.00 12.57 ? 11  ARG C HD3  1 
ATOM   143  H HE   . ARG A 1 11 ? 2.741   3.363   2.317   1.00 11.65 ? 11  ARG C HE   1 
ATOM   144  H HH11 . ARG A 1 11 ? 4.603   3.652   5.071   1.00 13.69 ? 11  ARG C HH11 1 
ATOM   145  H HH12 . ARG A 1 11 ? 5.909   3.436   4.390   1.00 13.69 ? 11  ARG C HH12 1 
ATOM   146  H HH21 . ARG A 1 11 ? 4.804   3.142   1.306   1.00 12.40 ? 11  ARG C HH21 1 
ATOM   147  H HH22 . ARG A 1 11 ? 6.034   3.133   2.147   1.00 12.40 ? 11  ARG C HH22 1 
HETATM 148  C C    . XZA A 1 12 ? -1.018  -0.605  3.009   1.00 9.39  ? 12  XZA C C    1 
HETATM 149  O O    . XZA A 1 12 ? 0.078   -0.275  3.428   1.00 10.00 ? 12  XZA C O    1 
HETATM 150  N NA   . XZA A 1 12 ? -2.074  0.253   2.911   1.00 9.61  ? 12  XZA C NA   1 
HETATM 151  N N    . XZA A 1 12 ? -1.865  1.605   3.251   1.00 8.66  ? 12  XZA C N    1 
HETATM 152  H HNA  . XZA A 1 12 ? -2.901  -0.153  2.607   1.00 11.52 ? 12  XZA C HNA  1 
HETATM 153  H H    . XZA A 1 12 ? -1.637  2.101   2.586   1.00 10.38 ? 12  XZA C H    1 
ATOM   154  N N    . PRO A 1 13 ? -1.309  -1.907  2.701   1.00 10.60 ? 13  PRO C N    1 
ATOM   155  C CA   . PRO A 1 13 ? -0.374  -2.997  2.988   1.00 10.92 ? 13  PRO C CA   1 
ATOM   156  C C    . PRO A 1 13 ? 0.799   -3.030  1.975   1.00 10.34 ? 13  PRO C C    1 
ATOM   157  O O    . PRO A 1 13 ? 0.832   -2.291  1.007   1.00 10.74 ? 13  PRO C O    1 
ATOM   158  C CB   . PRO A 1 13 ? -1.231  -4.250  2.795   1.00 13.04 ? 13  PRO C CB   1 
ATOM   159  C CG   . PRO A 1 13 ? -2.581  -3.843  2.735   1.00 14.58 ? 13  PRO C CG   1 
ATOM   160  C CD   . PRO A 1 13 ? -2.628  -2.402  2.297   1.00 12.01 ? 13  PRO C CD   1 
ATOM   161  H HA   . PRO A 1 13 ? -0.045  -2.941  3.899   1.00 13.09 ? 13  PRO C HA   1 
ATOM   162  H HB2  . PRO A 1 13 ? -0.972  -4.689  1.970   1.00 15.64 ? 13  PRO C HB2  1 
ATOM   163  H HB3  . PRO A 1 13 ? -1.093  -4.849  3.547   1.00 15.64 ? 13  PRO C HB3  1 
ATOM   164  H HG2  . PRO A 1 13 ? -3.051  -4.402  2.095   1.00 17.49 ? 13  PRO C HG2  1 
ATOM   165  H HG3  . PRO A 1 13 ? -2.980  -3.939  3.613   1.00 17.49 ? 13  PRO C HG3  1 
ATOM   166  H HD2  . PRO A 1 13 ? -2.747  -2.332  1.337   1.00 14.40 ? 13  PRO C HD2  1 
ATOM   167  H HD3  . PRO A 1 13 ? -3.337  -1.922  2.754   1.00 14.40 ? 13  PRO C HD3  1 
HETATM 168  N N    . HYP A 1 14 ? 1.734   -3.918  2.217   1.00 10.15 ? 14  HYP C N    1 
HETATM 169  C CA   . HYP A 1 14 ? 2.911   -4.025  1.351   1.00 10.78 ? 14  HYP C CA   1 
HETATM 170  C C    . HYP A 1 14 ? 2.567   -4.597  0.002   1.00 9.62  ? 14  HYP C C    1 
HETATM 171  O O    . HYP A 1 14 ? 1.637   -5.374  -0.201  1.00 11.14 ? 14  HYP C O    1 
HETATM 172  C CB   . HYP A 1 14 ? 3.845   -4.956  2.125   1.00 10.83 ? 14  HYP C CB   1 
HETATM 173  C CG   . HYP A 1 14 ? 3.395   -4.920  3.520   1.00 10.29 ? 14  HYP C CG   1 
HETATM 174  C CD   . HYP A 1 14 ? 1.919   -4.799  3.387   1.00 10.73 ? 14  HYP C CD   1 
HETATM 175  O OD1  . HYP A 1 14 ? 3.883   -3.684  4.090   1.00 11.10 ? 14  HYP C OD1  1 
HETATM 176  H HA   . HYP A 1 14 ? 3.339   -3.156  1.311   1.00 12.93 ? 14  HYP C HA   1 
HETATM 177  H HB2  . HYP A 1 14 ? 4.753   -4.620  2.069   1.00 12.99 ? 14  HYP C HB2  1 
HETATM 178  H HB3  . HYP A 1 14 ? 3.757   -5.860  1.781   1.00 12.99 ? 14  HYP C HB3  1 
HETATM 179  H HG   . HYP A 1 14 ? 3.595   -5.773  3.936   1.00 12.34 ? 14  HYP C HG   1 
HETATM 180  H HD22 . HYP A 1 14 ? 1.522   -4.427  4.190   1.00 12.87 ? 14  HYP C HD22 1 
HETATM 181  H HD23 . HYP A 1 14 ? 1.503   -5.666  3.260   1.00 12.87 ? 14  HYP C HD23 1 
HETATM 182  H HD1  . HYP A 1 14 ? 4.773   -3.836  4.201   1.00 13.31 ? 14  HYP C HD1  1 
ATOM   183  N N    . GLY A 1 15 ? 3.408   -4.220  -0.963  1.00 9.71  ? 15  GLY C N    1 
ATOM   184  C CA   . GLY A 1 15 ? 3.409   -4.792  -2.263  1.00 9.19  ? 15  GLY C CA   1 
ATOM   185  C C    . GLY A 1 15 ? 3.918   -6.219  -2.255  1.00 8.53  ? 15  GLY C C    1 
ATOM   186  O O    . GLY A 1 15 ? 4.406   -6.768  -1.286  1.00 8.86  ? 15  GLY C O    1 
ATOM   187  H H    . GLY A 1 15 ? 4.003   -3.608  -0.863  1.00 11.64 ? 15  GLY C H    1 
ATOM   188  H HA2  . GLY A 1 15 ? 2.506   -4.789  -2.617  1.00 11.03 ? 15  GLY C HA2  1 
ATOM   189  H HA3  . GLY A 1 15 ? 3.978   -4.265  -2.846  1.00 11.03 ? 15  GLY C HA3  1 
ATOM   190  N N    . PRO A 1 16 ? 3.878   -6.842  -3.446  1.00 9.08  ? 16  PRO C N    1 
ATOM   191  C CA   . PRO A 1 16 ? 4.345   -8.223  -3.605  1.00 9.05  ? 16  PRO C CA   1 
ATOM   192  C C    . PRO A 1 16 ? 5.874   -8.244  -3.725  1.00 9.04  ? 16  PRO C C    1 
ATOM   193  O O    . PRO A 1 16 ? 6.528   -7.239  -3.950  1.00 9.34  ? 16  PRO C O    1 
ATOM   194  C CB   . PRO A 1 16 ? 3.702   -8.667  -4.908  1.00 10.47 ? 16  PRO C CB   1 
ATOM   195  C CG   . PRO A 1 16 ? 3.595   -7.420  -5.705  1.00 10.77 ? 16  PRO C CG   1 
ATOM   196  C CD   . PRO A 1 16 ? 3.298   -6.314  -4.686  1.00 10.57 ? 16  PRO C CD   1 
ATOM   197  H HA   . PRO A 1 16 ? 4.036   -8.804  -2.892  1.00 10.85 ? 16  PRO C HA   1 
ATOM   198  H HB2  . PRO A 1 16 ? 4.265   -9.319  -5.352  1.00 12.55 ? 16  PRO C HB2  1 
ATOM   199  H HB3  . PRO A 1 16 ? 2.826   -9.046  -4.735  1.00 12.55 ? 16  PRO C HB3  1 
ATOM   200  H HG2  . PRO A 1 16 ? 4.433   -7.251  -6.164  1.00 12.92 ? 16  PRO C HG2  1 
ATOM   201  H HG3  . PRO A 1 16 ? 2.875   -7.502  -6.349  1.00 12.92 ? 16  PRO C HG3  1 
ATOM   202  H HD2  . PRO A 1 16 ? 3.726   -5.482  -4.942  1.00 12.68 ? 16  PRO C HD2  1 
ATOM   203  H HD3  . PRO A 1 16 ? 2.342   -6.179  -4.590  1.00 12.68 ? 16  PRO C HD3  1 
HETATM 204  N N    . HYP A 1 17 ? 6.454   -9.435  -3.549  1.00 9.00  ? 17  HYP C N    1 
HETATM 205  C CA   . HYP A 1 17 ? 7.897   -9.569  -3.675  1.00 8.98  ? 17  HYP C CA   1 
HETATM 206  C C    . HYP A 1 17 ? 8.381   -9.163  -5.050  1.00 8.75  ? 17  HYP C C    1 
HETATM 207  O O    . HYP A 1 17 ? 7.674   -9.371  -6.060  1.00 9.98  ? 17  HYP C O    1 
HETATM 208  C CB   . HYP A 1 17 ? 8.129   -11.068 -3.420  1.00 9.92  ? 17  HYP C CB   1 
HETATM 209  C CG   . HYP A 1 17 ? 6.982   -11.554 -2.641  1.00 10.31 ? 17  HYP C CG   1 
HETATM 210  C CD   . HYP A 1 17 ? 5.854   -10.744 -3.214  1.00 11.33 ? 17  HYP C CD   1 
HETATM 211  O OD1  . HYP A 1 17 ? 7.152   -11.175 -1.252  1.00 11.11 ? 17  HYP C OD1  1 
HETATM 212  H HA   . HYP A 1 17 ? 8.323   -9.080  -2.954  1.00 10.77 ? 17  HYP C HA   1 
HETATM 213  H HB2  . HYP A 1 17 ? 8.940   -11.181 -2.899  1.00 11.90 ? 17  HYP C HB2  1 
HETATM 214  H HB3  . HYP A 1 17 ? 8.159   -11.535 -4.269  1.00 11.90 ? 17  HYP C HB3  1 
HETATM 215  H HG   . HYP A 1 17 ? 6.847   -12.488 -2.863  1.00 12.37 ? 17  HYP C HG   1 
HETATM 216  H HD22 . HYP A 1 17 ? 5.474   -11.178 -3.993  1.00 13.59 ? 17  HYP C HD22 1 
HETATM 217  H HD23 . HYP A 1 17 ? 5.128   -10.656 -2.574  1.00 13.59 ? 17  HYP C HD23 1 
HETATM 218  H HD1  . HYP A 1 17 ? 7.980   -11.485 -1.043  1.00 13.33 ? 17  HYP C HD1  1 
ATOM   219  N N    . GLY A 1 18 ? 9.624   -8.704  -5.107  1.00 8.96  ? 18  GLY C N    1 
ATOM   220  C CA   . GLY A 1 18 ? 10.266  -8.496  -6.348  1.00 9.75  ? 18  GLY C CA   1 
ATOM   221  C C    . GLY A 1 18 ? 10.558  -9.778  -7.084  1.00 9.97  ? 18  GLY C C    1 
ATOM   222  O O    . GLY A 1 18 ? 10.453  -10.887 -6.528  1.00 10.28 ? 18  GLY C O    1 
ATOM   223  H H    . GLY A 1 18 ? 10.105  -8.510  -4.421  1.00 10.74 ? 18  GLY C H    1 
ATOM   224  H HA2  . GLY A 1 18 ? 9.700   -7.945  -6.910  1.00 11.70 ? 18  GLY C HA2  1 
ATOM   225  H HA3  . GLY A 1 18 ? 11.107  -8.035  -6.198  1.00 11.70 ? 18  GLY C HA3  1 
ATOM   226  N N    . PRO A 1 19 ? 11.050  -9.661  -8.326  1.00 11.20 ? 19  PRO C N    1 
ATOM   227  C CA   . PRO A 1 19 ? 11.453  -10.840 -9.092  1.00 12.30 ? 19  PRO C CA   1 
ATOM   228  C C    . PRO A 1 19 ? 12.802  -11.319 -8.625  1.00 11.46 ? 19  PRO C C    1 
ATOM   229  O O    . PRO A 1 19 ? 13.512  -10.703 -7.874  1.00 11.55 ? 19  PRO C O    1 
ATOM   230  C CB   . PRO A 1 19 ? 11.494  -10.336 -10.529 1.00 15.26 ? 19  PRO C CB   1 
ATOM   231  C CG   . PRO A 1 19 ? 11.697  -8.903  -10.378 1.00 14.67 ? 19  PRO C CG   1 
ATOM   232  C CD   . PRO A 1 19 ? 11.171  -8.429  -9.086  1.00 12.08 ? 19  PRO C CD   1 
ATOM   233  H HA   . PRO A 1 19 ? 10.802  -11.558 -9.050  1.00 14.76 ? 19  PRO C HA   1 
ATOM   234  H HB2  . PRO A 1 19 ? 12.230  -10.747 -11.009 1.00 18.31 ? 19  PRO C HB2  1 
ATOM   235  H HB3  . PRO A 1 19 ? 10.656  -10.528 -10.977 1.00 18.31 ? 19  PRO C HB3  1 
ATOM   236  H HG2  . PRO A 1 19 ? 12.648  -8.722  -10.428 1.00 17.60 ? 19  PRO C HG2  1 
ATOM   237  H HG3  . PRO A 1 19 ? 11.234  -8.452  -11.102 1.00 17.60 ? 19  PRO C HG3  1 
ATOM   238  H HD2  . PRO A 1 19 ? 11.793  -7.818  -8.660  1.00 14.49 ? 19  PRO C HD2  1 
ATOM   239  H HD3  . PRO A 1 19 ? 10.308  -8.001  -9.197  1.00 14.49 ? 19  PRO C HD3  1 
HETATM 240  N N    . HYP A 1 20 ? 13.185  -12.522 -9.086  1.00 12.08 ? 20  HYP C N    1 
HETATM 241  C CA   . HYP A 1 20 ? 14.512  -13.051 -8.792  1.00 13.84 ? 20  HYP C CA   1 
HETATM 242  C C    . HYP A 1 20 ? 15.621  -12.107 -9.246  1.00 14.95 ? 20  HYP C C    1 
HETATM 243  O O    . HYP A 1 20 ? 15.480  -11.401 -10.250 1.00 15.98 ? 20  HYP C O    1 
HETATM 244  C CB   . HYP A 1 20 ? 14.544  -14.355 -9.613  1.00 14.19 ? 20  HYP C CB   1 
HETATM 245  C CG   . HYP A 1 20 ? 13.142  -14.810 -9.672  1.00 12.57 ? 20  HYP C CG   1 
HETATM 246  C CD   . HYP A 1 20 ? 12.430  -13.512 -9.869  1.00 12.81 ? 20  HYP C CD   1 
HETATM 247  O OD1  . HYP A 1 20 ? 12.679  -15.361 -8.427  1.00 13.83 ? 20  HYP C OD1  1 
HETATM 248  H HA   . HYP A 1 20 ? 14.551  -13.277 -7.850  1.00 16.60 ? 20  HYP C HA   1 
HETATM 249  H HB2  . HYP A 1 20 ? 15.083  -15.017 -9.153  1.00 17.02 ? 20  HYP C HB2  1 
HETATM 250  H HB3  . HYP A 1 20 ? 14.865  -14.168 -10.510 1.00 17.02 ? 20  HYP C HB3  1 
HETATM 251  H HG   . HYP A 1 20 ? 13.087  -15.368 -10.464 1.00 15.07 ? 20  HYP C HG   1 
HETATM 252  H HD22 . HYP A 1 20 ? 11.508  -13.576 -9.574  1.00 15.37 ? 20  HYP C HD22 1 
HETATM 253  H HD23 . HYP A 1 20 ? 12.395  -13.276 -10.809 1.00 15.37 ? 20  HYP C HD23 1 
HETATM 254  H HD1  . HYP A 1 20 ? 11.851  -14.999 -8.326  1.00 16.59 ? 20  HYP C HD1  1 
ATOM   255  N N    . GLY A 1 21 ? 16.726  -12.104 -8.523  1.00 15.98 ? 21  GLY C N    1 
ATOM   256  C CA   . GLY A 1 21 ? 17.865  -11.234 -8.803  1.00 16.40 ? 21  GLY C CA   1 
ATOM   257  C C    . GLY A 1 21 ? 18.554  -11.539 -10.118 1.00 17.37 ? 21  GLY C C    1 
ATOM   258  O O    . GLY A 1 21 ? 18.271  -12.541 -10.795 1.00 16.63 ? 21  GLY C O    1 
ATOM   259  H H    . GLY A 1 21 ? 16.849  -12.610 -7.839  1.00 19.17 ? 21  GLY C H    1 
ATOM   260  H HA2  . GLY A 1 21 ? 17.562  -10.314 -8.829  1.00 19.67 ? 21  GLY C HA2  1 
ATOM   261  H HA3  . GLY A 1 21 ? 18.519  -11.332 -8.093  1.00 19.67 ? 21  GLY C HA3  1 
ATOM   262  N N    . PRO A 1 22 ? 19.610  -10.768 -10.435 1.00 18.96 ? 22  PRO C N    1 
ATOM   263  C CA   . PRO A 1 22 ? 20.381  -10.987 -11.661 1.00 20.33 ? 22  PRO C CA   1 
ATOM   264  C C    . PRO A 1 22 ? 20.914  -12.412 -11.726 1.00 20.65 ? 22  PRO C C    1 
ATOM   265  O O    . PRO A 1 22 ? 21.432  -13.004 -10.762 1.00 21.73 ? 22  PRO C O    1 
ATOM   266  C CB   . PRO A 1 22 ? 21.500  -9.965  -11.540 1.00 22.10 ? 22  PRO C CB   1 
ATOM   267  C CG   . PRO A 1 22 ? 20.900  -8.865  -10.717 1.00 22.85 ? 22  PRO C CG   1 
ATOM   268  C CD   . PRO A 1 22 ? 20.002  -9.530  -9.738  1.00 22.01 ? 22  PRO C CD   1 
ATOM   269  H HA   . PRO A 1 22 ? 19.870  -10.795 -12.463 1.00 24.39 ? 22  PRO C HA   1 
ATOM   270  H HB2  . PRO A 1 22 ? 22.266  -10.360 -11.094 1.00 26.51 ? 22  PRO C HB2  1 
ATOM   271  H HB3  . PRO A 1 22 ? 21.757  -9.645  -12.419 1.00 26.51 ? 22  PRO C HB3  1 
ATOM   272  H HG2  . PRO A 1 22 ? 21.604  -8.379  -10.260 1.00 27.42 ? 22  PRO C HG2  1 
ATOM   273  H HG3  . PRO A 1 22 ? 20.399  -8.265  -11.291 1.00 27.42 ? 22  PRO C HG3  1 
ATOM   274  H HD2  . PRO A 1 22 ? 20.473  -9.731  -8.915  1.00 26.40 ? 22  PRO C HD2  1 
ATOM   275  H HD3  . PRO A 1 22 ? 19.225  -8.979  -9.551  1.00 26.40 ? 22  PRO C HD3  1 
HETATM 276  N N    . HYP A 1 23 ? 20.903  -12.984 -12.937 1.00 19.25 ? 23  HYP C N    1 
HETATM 277  C CA   . HYP A 1 23 ? 21.549  -14.286 -13.063 1.00 18.69 ? 23  HYP C CA   1 
HETATM 278  C C    . HYP A 1 23 ? 23.039  -14.245 -12.822 1.00 19.62 ? 23  HYP C C    1 
HETATM 279  O O    . HYP A 1 23 ? 23.730  -13.237 -13.102 1.00 20.71 ? 23  HYP C O    1 
HETATM 280  C CB   . HYP A 1 23 ? 21.305  -14.662 -14.540 1.00 19.15 ? 23  HYP C CB   1 
HETATM 281  C CG   . HYP A 1 23 ? 20.083  -13.916 -14.941 1.00 19.05 ? 23  HYP C CG   1 
HETATM 282  C CD   . HYP A 1 23 ? 20.233  -12.613 -14.212 1.00 19.57 ? 23  HYP C CD   1 
HETATM 283  O OD1  . HYP A 1 23 ? 18.928  -14.560 -14.368 1.00 18.32 ? 23  HYP C OD1  1 
HETATM 284  H HA   . HYP A 1 23 ? 21.064  -14.892 -12.481 1.00 22.42 ? 23  HYP C HA   1 
HETATM 285  H HB2  . HYP A 1 23 ? 21.142  -15.616 -14.609 1.00 22.97 ? 23  HYP C HB2  1 
HETATM 286  H HB3  . HYP A 1 23 ? 22.057  -14.368 -15.077 1.00 22.97 ? 23  HYP C HB3  1 
HETATM 287  H HG   . HYP A 1 23 ? 20.143  -13.771 -15.898 1.00 22.85 ? 23  HYP C HG   1 
HETATM 288  H HD22 . HYP A 1 23 ? 20.757  -11.980 -14.728 1.00 23.48 ? 23  HYP C HD22 1 
HETATM 289  H HD23 . HYP A 1 23 ? 19.373  -12.191 -14.063 1.00 23.48 ? 23  HYP C HD23 1 
HETATM 290  H HD1  . HYP A 1 23 ? 18.269  -14.399 -14.973 1.00 21.98 ? 23  HYP C HD1  1 
ATOM   291  N N    . GLY A 1 24 ? 23.537  -15.299 -12.201 1.00 20.86 ? 24  GLY C N    1 
ATOM   292  C CA   . GLY A 1 24 ? 24.948  -15.496 -12.020 1.00 22.49 ? 24  GLY C CA   1 
ATOM   293  C C    . GLY A 1 24 ? 25.674  -15.932 -13.296 1.00 24.62 ? 24  GLY C C    1 
ATOM   294  O O    . GLY A 1 24 ? 25.074  -16.034 -14.373 1.00 27.45 ? 24  GLY C O    1 
ATOM   295  H H    . GLY A 1 24 ? 23.058  -15.931 -11.869 1.00 25.03 ? 24  GLY C H    1 
ATOM   296  H HA2  . GLY A 1 24 ? 25.347  -14.666 -11.716 1.00 26.98 ? 24  GLY C HA2  1 
ATOM   297  H HA3  . GLY A 1 24 ? 25.088  -16.179 -11.346 1.00 26.98 ? 24  GLY C HA3  1 
HETATM 298  N N    . NH2 A 1 25 ? 26.985  -16.148 -13.165 1.00 26.17 ? 25  NH2 C N    1 
ATOM   299  N N    . PRO B 1 1  ? -26.433 14.018  10.463  1.00 18.86 ? 1   PRO D N    1 
ATOM   300  C CA   . PRO B 1 1  ? -25.728 12.792  10.896  1.00 17.73 ? 1   PRO D CA   1 
ATOM   301  C C    . PRO B 1 1  ? -24.260 12.939  10.611  1.00 14.53 ? 1   PRO D C    1 
ATOM   302  O O    . PRO B 1 1  ? -23.848 13.868  9.936   1.00 14.51 ? 1   PRO D O    1 
ATOM   303  C CB   . PRO B 1 1  ? -26.379 11.672  10.045  1.00 20.22 ? 1   PRO D CB   1 
ATOM   304  C CG   . PRO B 1 1  ? -27.624 12.319  9.464   1.00 23.39 ? 1   PRO D CG   1 
ATOM   305  C CD   . PRO B 1 1  ? -27.314 13.777  9.312   1.00 21.46 ? 1   PRO D CD   1 
ATOM   306  H H2   . PRO B 1 1  ? -25.781 14.680  10.221  1.00 22.63 ? 1   PRO D H2   1 
ATOM   307  H H3   . PRO B 1 1  ? -26.963 14.343  11.194  1.00 22.63 ? 1   PRO D H3   1 
ATOM   308  H HA   . PRO B 1 1  ? -25.881 12.571  11.827  1.00 21.27 ? 1   PRO D HA   1 
ATOM   309  H HB2  . PRO B 1 1  ? -25.771 11.391  9.344   1.00 24.25 ? 1   PRO D HB2  1 
ATOM   310  H HB3  . PRO B 1 1  ? -26.608 10.917  10.610  1.00 24.25 ? 1   PRO D HB3  1 
ATOM   311  H HG2  . PRO B 1 1  ? -27.824 11.920  8.602   1.00 28.06 ? 1   PRO D HG2  1 
ATOM   312  H HG3  . PRO B 1 1  ? -28.370 12.190  10.070  1.00 28.06 ? 1   PRO D HG3  1 
ATOM   313  H HD2  . PRO B 1 1  ? -26.854 13.954  8.475   1.00 25.75 ? 1   PRO D HD2  1 
ATOM   314  H HD3  . PRO B 1 1  ? -28.119 14.315  9.367   1.00 25.75 ? 1   PRO D HD3  1 
HETATM 315  N N    . HYP B 1 2  ? -23.472 11.981  11.074  1.00 14.25 ? 2   HYP D N    1 
HETATM 316  C CA   . HYP B 1 2  ? -22.072 11.957  10.693  1.00 13.15 ? 2   HYP D CA   1 
HETATM 317  C C    . HYP B 1 2  ? -21.936 11.876  9.199   1.00 13.78 ? 2   HYP D C    1 
HETATM 318  O O    . HYP B 1 2  ? -22.757 11.260  8.483   1.00 13.48 ? 2   HYP D O    1 
HETATM 319  C CB   . HYP B 1 2  ? -21.579 10.659  11.341  1.00 15.03 ? 2   HYP D CB   1 
HETATM 320  C CG   . HYP B 1 2  ? -22.464 10.434  12.511  1.00 15.28 ? 2   HYP D CG   1 
HETATM 321  C CD   . HYP B 1 2  ? -23.796 10.868  11.990  1.00 14.48 ? 2   HYP D CD   1 
HETATM 322  O OD1  . HYP B 1 2  ? -22.048 11.348  13.571  1.00 15.29 ? 2   HYP D OD1  1 
HETATM 323  H HA   . HYP B 1 2  ? -21.604 12.702  11.103  1.00 15.77 ? 2   HYP D HA   1 
HETATM 324  H HB2  . HYP B 1 2  ? -20.664 10.775  11.644  1.00 18.03 ? 2   HYP D HB2  1 
HETATM 325  H HB3  . HYP B 1 2  ? -21.678 9.926   10.714  1.00 18.03 ? 2   HYP D HB3  1 
HETATM 326  H HG   . HYP B 1 2  ? -22.512 9.482   12.691  1.00 18.33 ? 2   HYP D HG   1 
HETATM 327  H HD22 . HYP B 1 2  ? -24.385 11.147  12.709  1.00 17.37 ? 2   HYP D HD22 1 
HETATM 328  H HD23 . HYP B 1 2  ? -24.253 10.142  11.537  1.00 17.37 ? 2   HYP D HD23 1 
HETATM 329  H HD1  . HYP B 1 2  ? -22.766 11.896  13.677  1.00 18.35 ? 2   HYP D HD1  1 
ATOM   330  N N    . GLY B 1 3  ? -20.870 12.480  8.702   1.00 12.77 ? 3   GLY D N    1 
ATOM   331  C CA   . GLY B 1 3  ? -20.576 12.478  7.272   1.00 12.08 ? 3   GLY D CA   1 
ATOM   332  C C    . GLY B 1 3  ? -20.179 11.137  6.691   1.00 11.63 ? 3   GLY D C    1 
ATOM   333  O O    . GLY B 1 3  ? -19.939 10.181  7.422   1.00 11.95 ? 3   GLY D O    1 
ATOM   334  H H    . GLY B 1 3  ? -20.291 12.906  9.175   1.00 15.32 ? 3   GLY D H    1 
ATOM   335  H HA2  . GLY B 1 3  ? -21.365 12.780  6.794   1.00 14.48 ? 3   GLY D HA2  1 
ATOM   336  H HA3  . GLY B 1 3  ? -19.849 13.097  7.105   1.00 14.48 ? 3   GLY D HA3  1 
ATOM   337  N N    . PRO B 1 4  ? -20.055 11.072  5.361   1.00 11.83 ? 4   PRO D N    1 
ATOM   338  C CA   . PRO B 1 4  ? -19.548 9.873   4.710   1.00 12.54 ? 4   PRO D CA   1 
ATOM   339  C C    . PRO B 1 4  ? -18.100 9.588   5.044   1.00 11.41 ? 4   PRO D C    1 
ATOM   340  O O    . PRO B 1 4  ? -17.367 10.451  5.498   1.00 10.94 ? 4   PRO D O    1 
ATOM   341  C CB   . PRO B 1 4  ? -19.699 10.181  3.234   1.00 15.14 ? 4   PRO D CB   1 
ATOM   342  C CG   . PRO B 1 4  ? -20.579 11.362  3.122   1.00 15.20 ? 4   PRO D CG   1 
ATOM   343  C CD   . PRO B 1 4  ? -20.391 12.117  4.405   1.00 12.51 ? 4   PRO D CD   1 
ATOM   344  H HA   . PRO B 1 4  ? -20.093 9.106   4.944   1.00 15.04 ? 4   PRO D HA   1 
ATOM   345  H HB2  . PRO B 1 4  ? -18.827 10.370  2.854   1.00 18.16 ? 4   PRO D HB2  1 
ATOM   346  H HB3  . PRO B 1 4  ? -20.098 9.418   2.787   1.00 18.16 ? 4   PRO D HB3  1 
ATOM   347  H HG2  . PRO B 1 4  ? -20.311 11.901  2.361   1.00 18.23 ? 4   PRO D HG2  1 
ATOM   348  H HG3  . PRO B 1 4  ? -21.501 11.078  3.020   1.00 18.23 ? 4   PRO D HG3  1 
ATOM   349  H HD2  . PRO B 1 4  ? -19.666 12.757  4.326   1.00 15.00 ? 4   PRO D HD2  1 
ATOM   350  H HD3  . PRO B 1 4  ? -21.209 12.571  4.662   1.00 15.00 ? 4   PRO D HD3  1 
HETATM 351  N N    . HYP B 1 5  ? -17.660 8.356   4.805   1.00 11.48 ? 5   HYP D N    1 
HETATM 352  C CA   . HYP B 1 5  ? -16.241 8.040   4.986   1.00 11.70 ? 5   HYP D CA   1 
HETATM 353  C C    . HYP B 1 5  ? -15.349 8.808   4.081   1.00 10.83 ? 5   HYP D C    1 
HETATM 354  O O    . HYP B 1 5  ? -15.794 9.243   2.992   1.00 12.39 ? 5   HYP D O    1 
HETATM 355  C CB   . HYP B 1 5  ? -16.180 6.511   4.678   1.00 13.53 ? 5   HYP D CB   1 
HETATM 356  C CG   . HYP B 1 5  ? -17.584 6.043   4.758   1.00 13.99 ? 5   HYP D CG   1 
HETATM 357  C CD   . HYP B 1 5  ? -18.398 7.188   4.283   1.00 12.55 ? 5   HYP D CD   1 
HETATM 358  O OD1  . HYP B 1 5  ? -17.895 5.736   6.135   1.00 16.92 ? 5   HYP D OD1  1 
HETATM 359  H HA   . HYP B 1 5  ? -16.027 8.169   5.923   1.00 14.03 ? 5   HYP D HA   1 
HETATM 360  H HB2  . HYP B 1 5  ? -15.648 6.064   5.353   1.00 16.23 ? 5   HYP D HB2  1 
HETATM 361  H HB3  . HYP B 1 5  ? -15.841 6.373   3.780   1.00 16.23 ? 5   HYP D HB3  1 
HETATM 362  H HG   . HYP B 1 5  ? -17.691 5.358   4.080   1.00 16.78 ? 5   HYP D HG   1 
HETATM 363  H HD22 . HYP B 1 5  ? -18.469 7.199   3.315   1.00 15.05 ? 5   HYP D HD22 1 
HETATM 364  H HD23 . HYP B 1 5  ? -19.307 7.145   4.620   1.00 15.05 ? 5   HYP D HD23 1 
HETATM 365  H HD1  . HYP B 1 5  ? -18.599 5.165   6.075   1.00 20.29 ? 5   HYP D HD1  1 
ATOM   366  N N    . GLY B 1 6  ? -14.092 8.993   4.481   1.00 10.69 ? 6   GLY D N    1 
ATOM   367  C CA   . GLY B 1 6  ? -13.116 9.589   3.601   1.00 10.27 ? 6   GLY D CA   1 
ATOM   368  C C    . GLY B 1 6  ? -12.628 8.671   2.504   1.00 10.35 ? 6   GLY D C    1 
ATOM   369  O O    . GLY B 1 6  ? -13.153 7.578   2.311   1.00 10.87 ? 6   GLY D O    1 
ATOM   370  H H    . GLY B 1 6  ? -13.791 8.779   5.257   1.00 12.82 ? 6   GLY D H    1 
ATOM   371  H HA2  . GLY B 1 6  ? -13.507 10.371  3.183   1.00 12.32 ? 6   GLY D HA2  1 
ATOM   372  H HA3  . GLY B 1 6  ? -12.347 9.862   4.125   1.00 12.32 ? 6   GLY D HA3  1 
HETATM 373  N N    . ZPO B 1 7  ? -11.575 9.147   1.783   1.00 11.30 ? 7   ZPO D N    1 
HETATM 374  C CB   . ZPO B 1 7  ? -10.733 9.240   -0.225  1.00 12.45 ? 7   ZPO D CB   1 
HETATM 375  C CG   . ZPO B 1 7  ? -10.142 10.441  0.619   1.00 13.11 ? 7   ZPO D CG   1 
HETATM 376  C C    . ZPO B 1 7  ? -10.003 7.466   1.266   1.00 9.83  ? 7   ZPO D C    1 
HETATM 377  O O    . ZPO B 1 7  ? -9.640  7.393   2.374   1.00 9.40  ? 7   ZPO D O    1 
HETATM 378  C CD   . ZPO B 1 7  ? -11.007 10.490  1.822   1.00 11.12 ? 7   ZPO D CD   1 
HETATM 379  N NA   . ZPO B 1 7  ? -11.036 8.374   0.740   1.00 10.82 ? 7   ZPO D NA   1 
HETATM 380  H HB3  . ZPO B 1 7  ? -11.530 9.503   -0.711  1.00 14.93 ? 7   ZPO D HB3  1 
HETATM 381  H HB2  . ZPO B 1 7  ? -10.067 8.864   -0.824  1.00 14.93 ? 7   ZPO D HB2  1 
HETATM 382  H HG2  . ZPO B 1 7  ? -9.219  10.261  0.858   1.00 15.72 ? 7   ZPO D HG2  1 
HETATM 383  H HG3  . ZPO B 1 7  ? -10.201 11.267  0.113   1.00 15.72 ? 7   ZPO D HG3  1 
HETATM 384  H HD2  . ZPO B 1 7  ? -10.479 10.621  2.625   1.00 13.34 ? 7   ZPO D HD2  1 
HETATM 385  H HD3  . ZPO B 1 7  ? -11.698 11.163  1.727   1.00 13.34 ? 7   ZPO D HD3  1 
HETATM 386  N N    . HYP B 1 8  ? -9.608  6.550   0.291   1.00 10.21 ? 8   HYP D N    1 
HETATM 387  C CA   . HYP B 1 8  ? -8.624  5.562   0.665   1.00 9.30  ? 8   HYP D CA   1 
HETATM 388  C C    . HYP B 1 8  ? -7.319  6.154   1.084   1.00 8.18  ? 8   HYP D C    1 
HETATM 389  O O    . HYP B 1 8  ? -6.912  7.193   0.578   1.00 9.46  ? 8   HYP D O    1 
HETATM 390  C CB   . HYP B 1 8  ? -8.487  4.735   -0.633  1.00 9.36  ? 8   HYP D CB   1 
HETATM 391  C CG   . HYP B 1 8  ? -9.826  4.835   -1.260  1.00 10.82 ? 8   HYP D CG   1 
HETATM 392  C CD   . HYP B 1 8  ? -10.208 6.266   -1.035  1.00 11.81 ? 8   HYP D CD   1 
HETATM 393  O OD1  . HYP B 1 8  ? -10.768 3.981   -0.573  1.00 12.83 ? 8   HYP D OD1  1 
HETATM 394  H HA   . HYP B 1 8  ? -9.007  4.994   1.353   1.00 11.15 ? 8   HYP D HA   1 
HETATM 395  H HB2  . HYP B 1 8  ? -8.292  3.810   -0.417  1.00 11.23 ? 8   HYP D HB2  1 
HETATM 396  H HB3  . HYP B 1 8  ? -7.819  5.135   -1.211  1.00 11.23 ? 8   HYP D HB3  1 
HETATM 397  H HG   . HYP B 1 8  ? -9.690  4.714   -2.213  1.00 12.98 ? 8   HYP D HG   1 
HETATM 398  H HD22 . HYP B 1 8  ? -11.171 6.386   -1.042  1.00 14.17 ? 8   HYP D HD22 1 
HETATM 399  H HD23 . HYP B 1 8  ? -9.861  6.845   -1.733  1.00 14.17 ? 8   HYP D HD23 1 
HETATM 400  H HD1  . HYP B 1 8  ? -10.453 3.143   -0.731  1.00 15.39 ? 8   HYP D HD1  1 
ATOM   401  N N    . GLY B 1 9  ? -6.623  5.514   1.982   1.00 8.57  ? 9   GLY D N    1 
ATOM   402  C CA   . GLY B 1 9  ? -5.331  5.977   2.448   1.00 8.94  ? 9   GLY D CA   1 
ATOM   403  C C    . GLY B 1 9  ? -4.205  5.780   1.468   1.00 9.12  ? 9   GLY D C    1 
ATOM   404  O O    . GLY B 1 9  ? -4.419  5.193   0.357   1.00 9.94  ? 9   GLY D O    1 
ATOM   405  H H    . GLY B 1 9  ? -6.879  4.783   2.357   1.00 10.27 ? 9   GLY D H    1 
ATOM   406  H HA2  . GLY B 1 9  ? -5.392  6.925   2.643   1.00 10.72 ? 9   GLY D HA2  1 
ATOM   407  H HA3  . GLY B 1 9  ? -5.103  5.501   3.262   1.00 10.72 ? 9   GLY D HA3  1 
ATOM   408  N N    . PRO B 1 10 ? -3.022  6.277   1.820   1.00 8.97  ? 10  PRO D N    1 
ATOM   409  C CA   . PRO B 1 10 ? -1.823  6.098   1.003   1.00 9.69  ? 10  PRO D CA   1 
ATOM   410  C C    . PRO B 1 10 ? -1.562  4.619   0.704   1.00 9.83  ? 10  PRO D C    1 
ATOM   411  O O    . PRO B 1 10 ? -1.956  3.739   1.429   1.00 10.11 ? 10  PRO D O    1 
ATOM   412  C CB   . PRO B 1 10 ? -0.698  6.673   1.881   1.00 10.09 ? 10  PRO D CB   1 
ATOM   413  C CG   . PRO B 1 10 ? -1.424  7.699   2.759   1.00 11.03 ? 10  PRO D CG   1 
ATOM   414  C CD   . PRO B 1 10 ? -2.749  7.016   3.044   1.00 9.07  ? 10  PRO D CD   1 
ATOM   415  H HA   . PRO B 1 10 ? -1.901  6.601   0.178   1.00 11.62 ? 10  PRO D HA   1 
ATOM   416  H HB2  . PRO B 1 10 ? -0.297  5.972   2.418   1.00 12.10 ? 10  PRO D HB2  1 
ATOM   417  H HB3  . PRO B 1 10 ? -0.022  7.097   1.330   1.00 12.10 ? 10  PRO D HB3  1 
ATOM   418  H HG2  . PRO B 1 10 ? -0.924  7.862   3.575   1.00 13.23 ? 10  PRO D HG2  1 
ATOM   419  H HG3  . PRO B 1 10 ? -1.550  8.531   2.276   1.00 13.23 ? 10  PRO D HG3  1 
ATOM   420  H HD2  . PRO B 1 10 ? -2.669  6.413   3.800   1.00 10.87 ? 10  PRO D HD2  1 
ATOM   421  H HD3  . PRO B 1 10 ? -3.444  7.671   3.214   1.00 10.87 ? 10  PRO D HD3  1 
ATOM   422  N N    . ARG B 1 11 ? -0.873  4.405   -0.402  1.00 9.70  ? 11  ARG D N    1 
ATOM   423  C CA   . ARG B 1 11 ? -0.444  3.059   -0.699  1.00 9.97  ? 11  ARG D CA   1 
ATOM   424  C C    . ARG B 1 11 ? 0.684   2.630   0.215   1.00 8.98  ? 11  ARG D C    1 
ATOM   425  O O    . ARG B 1 11 ? 1.464   3.435   0.697   1.00 9.33  ? 11  ARG D O    1 
ATOM   426  C CB   . ARG B 1 11 ? -0.109  2.809   -2.174  1.00 13.48 ? 11  ARG D CB   1 
ATOM   427  C CG   . ARG B 1 11 ? 1.258   3.167   -2.631  1.00 14.22 ? 11  ARG D CG   1 
ATOM   428  C CD   . ARG B 1 11 ? 1.466   2.956   -4.127  1.00 13.61 ? 11  ARG D CD   1 
ATOM   429  N NE   . ARG B 1 11 ? 1.267   1.575   -4.574  1.00 13.72 ? 11  ARG D NE   1 
ATOM   430  C CZ   . ARG B 1 11 ? 1.598   1.148   -5.780  1.00 13.47 ? 11  ARG D CZ   1 
ATOM   431  N NH1  . ARG B 1 11 ? 1.312   -0.080  -6.084  1.00 14.88 ? 11  ARG D NH1  1 
ATOM   432  N NH2  . ARG B 1 11 ? 2.294   1.882   -6.606  1.00 13.93 ? 11  ARG D NH2  1 
ATOM   433  H H    . ARG B 1 11 ? -0.651  5.006   -0.976  1.00 11.64 ? 11  ARG D H    1 
ATOM   434  H HA   . ARG B 1 11 ? -1.206  2.481   -0.532  1.00 11.95 ? 11  ARG D HA   1 
ATOM   435  H HB2  . ARG B 1 11 ? -0.225  1.863   -2.350  1.00 16.17 ? 11  ARG D HB2  1 
ATOM   436  H HB3  . ARG B 1 11 ? -0.730  3.325   -2.712  1.00 16.17 ? 11  ARG D HB3  1 
ATOM   437  H HG2  . ARG B 1 11 ? 1.419   4.104   -2.437  1.00 17.06 ? 11  ARG D HG2  1 
ATOM   438  H HG3  . ARG B 1 11 ? 1.902   2.615   -2.161  1.00 17.06 ? 11  ARG D HG3  1 
ATOM   439  H HD2  . ARG B 1 11 ? 0.836   3.514   -4.610  1.00 16.33 ? 11  ARG D HD2  1 
ATOM   440  H HD3  . ARG B 1 11 ? 2.375   3.209   -4.353  1.00 16.33 ? 11  ARG D HD3  1 
ATOM   441  H HE   . ARG B 1 11 ? 0.917   1.014   -4.025  1.00 16.46 ? 11  ARG D HE   1 
ATOM   442  H HH11 . ARG B 1 11 ? 0.920   -0.586  -5.510  1.00 17.85 ? 11  ARG D HH11 1 
ATOM   443  H HH12 . ARG B 1 11 ? 1.514   -0.390  -6.861  1.00 17.85 ? 11  ARG D HH12 1 
ATOM   444  H HH21 . ARG B 1 11 ? 2.552   2.669   -6.370  1.00 16.71 ? 11  ARG D HH21 1 
ATOM   445  H HH22 . ARG B 1 11 ? 2.496   1.579   -7.384  1.00 16.71 ? 11  ARG D HH22 1 
HETATM 446  C C    . XZA B 1 12 ? 2.972   0.644   0.854   1.00 8.58  ? 12  XZA D C    1 
HETATM 447  O O    . XZA B 1 12 ? 3.381   1.114   -0.201  1.00 8.71  ? 12  XZA D O    1 
HETATM 448  N NA   . XZA B 1 12 ? 1.686   0.786   1.250   1.00 9.16  ? 12  XZA D NA   1 
HETATM 449  N N    . XZA B 1 12 ? 0.775   1.305   0.426   1.00 9.29  ? 12  XZA D N    1 
HETATM 450  H HNA  . XZA B 1 12 ? 1.528   0.479   2.155   1.00 10.98 ? 12  XZA D HNA  1 
HETATM 451  H H    . XZA B 1 12 ? 0.183   0.741   0.160   1.00 11.15 ? 12  XZA D H    1 
ATOM   452  N N    . PRO B 1 13 ? 3.822   0.024   1.720   1.00 8.93  ? 13  PRO D N    1 
ATOM   453  C CA   . PRO B 1 13 ? 5.229   -0.108  1.450   1.00 8.92  ? 13  PRO D CA   1 
ATOM   454  C C    . PRO B 1 13 ? 5.506   -0.904  0.194   1.00 8.77  ? 13  PRO D C    1 
ATOM   455  O O    . PRO B 1 13 ? 4.802   -1.836  -0.157  1.00 8.83  ? 13  PRO D O    1 
ATOM   456  C CB   . PRO B 1 13 ? 5.753   -0.872  2.656   1.00 10.83 ? 13  PRO D CB   1 
ATOM   457  C CG   . PRO B 1 13 ? 4.775   -0.422  3.771   1.00 10.56 ? 13  PRO D CG   1 
ATOM   458  C CD   . PRO B 1 13 ? 3.465   -0.343  3.095   1.00 9.46  ? 13  PRO D CD   1 
ATOM   459  H HA   . PRO B 1 13 ? 5.645   0.767   1.397   1.00 10.70 ? 13  PRO D HA   1 
ATOM   460  H HB2  . PRO B 1 13 ? 5.706   -1.828  2.501   1.00 12.98 ? 13  PRO D HB2  1 
ATOM   461  H HB3  . PRO B 1 13 ? 6.667   -0.613  2.854   1.00 12.98 ? 13  PRO D HB3  1 
ATOM   462  H HG2  . PRO B 1 13 ? 4.760   -1.077  4.486   1.00 12.67 ? 13  PRO D HG2  1 
ATOM   463  H HG3  . PRO B 1 13 ? 5.040   0.444   4.120   1.00 12.67 ? 13  PRO D HG3  1 
ATOM   464  H HD2  . PRO B 1 13 ? 3.012   -1.200  3.119   1.00 11.34 ? 13  PRO D HD2  1 
ATOM   465  H HD3  . PRO B 1 13 ? 2.907   0.338   3.501   1.00 11.34 ? 13  PRO D HD3  1 
HETATM 466  N N    . HYP B 1 14 ? 6.632   -0.639  -0.420  1.00 8.72  ? 14  HYP D N    1 
HETATM 467  C CA   . HYP B 1 14 ? 7.146   -1.569  -1.454  1.00 9.30  ? 14  HYP D CA   1 
HETATM 468  C C    . HYP B 1 14 ? 7.288   -2.927  -0.907  1.00 9.05  ? 14  HYP D C    1 
HETATM 469  O O    . HYP B 1 14 ? 7.571   -3.131  0.272   1.00 9.94  ? 14  HYP D O    1 
HETATM 470  C CB   . HYP B 1 14 ? 8.488   -0.931  -1.837  1.00 9.63  ? 14  HYP D CB   1 
HETATM 471  C CG   . HYP B 1 14 ? 8.346   0.518   -1.523  1.00 10.76 ? 14  HYP D CG   1 
HETATM 472  C CD   . HYP B 1 14 ? 7.562   0.497   -0.236  1.00 10.16 ? 14  HYP D CD   1 
HETATM 473  O OD1  . HYP B 1 14 ? 7.626   1.126   -2.598  1.00 10.73 ? 14  HYP D OD1  1 
HETATM 474  H HA   . HYP B 1 14 ? 6.593   -1.534  -2.250  1.00 11.15 ? 14  HYP D HA   1 
HETATM 475  H HB2  . HYP B 1 14 ? 8.642   -1.045  -2.788  1.00 11.55 ? 14  HYP D HB2  1 
HETATM 476  H HB3  . HYP B 1 14 ? 9.195   -1.314  -1.294  1.00 11.55 ? 14  HYP D HB3  1 
HETATM 477  H HG   . HYP B 1 14 ? 9.208   0.890   -1.280  1.00 12.90 ? 14  HYP D HG   1 
HETATM 478  H HD22 . HYP B 1 14 ? 8.141   0.379   0.531   1.00 12.19 ? 14  HYP D HD22 1 
HETATM 479  H HD23 . HYP B 1 14 ? 7.094   1.335   -0.092  1.00 12.19 ? 14  HYP D HD23 1 
HETATM 480  H HD1  . HYP B 1 14 ? 7.776   2.015   -2.483  1.00 12.88 ? 14  HYP D HD1  1 
ATOM   481  N N    . GLY B 1 15 ? 7.076   -3.930  -1.755  1.00 8.98  ? 15  GLY D N    1 
ATOM   482  C CA   . GLY B 1 15 ? 7.208   -5.306  -1.333  1.00 8.49  ? 15  GLY D CA   1 
ATOM   483  C C    . GLY B 1 15 ? 8.614   -5.683  -1.004  1.00 8.67  ? 15  GLY D C    1 
ATOM   484  O O    . GLY B 1 15 ? 9.583   -4.939  -1.202  1.00 9.76  ? 15  GLY D O    1 
ATOM   485  H H    . GLY B 1 15 ? 6.853   -3.832  -2.580  1.00 10.77 ? 15  GLY D H    1 
ATOM   486  H HA2  . GLY B 1 15 ? 6.662   -5.451  -0.545  1.00 10.18 ? 15  GLY D HA2  1 
ATOM   487  H HA3  . GLY B 1 15 ? 6.896   -5.888  -2.044  1.00 10.18 ? 15  GLY D HA3  1 
ATOM   488  N N    . PRO B 1 16 ? 8.792   -6.916  -0.459  1.00 9.96  ? 16  PRO D N    1 
ATOM   489  C CA   . PRO B 1 16 ? 10.117  -7.372  -0.136  1.00 10.89 ? 16  PRO D CA   1 
ATOM   490  C C    . PRO B 1 16 ? 11.010  -7.584  -1.365  1.00 9.90  ? 16  PRO D C    1 
ATOM   491  O O    . PRO B 1 16 ? 10.515  -7.826  -2.435  1.00 9.67  ? 16  PRO D O    1 
ATOM   492  C CB   . PRO B 1 16 ? 9.811   -8.768  0.544   1.00 13.76 ? 16  PRO D CB   1 
ATOM   493  C CG   . PRO B 1 16 ? 8.398   -8.836  0.787   1.00 14.31 ? 16  PRO D CG   1 
ATOM   494  C CD   . PRO B 1 16 ? 7.732   -7.882  -0.105  1.00 11.18 ? 16  PRO D CD   1 
ATOM   495  H HA   . PRO B 1 16 ? 10.556  -6.759  0.475   1.00 13.06 ? 16  PRO D HA   1 
ATOM   496  H HB2  . PRO B 1 16 ? 10.083  -9.481  -0.056  1.00 16.51 ? 16  PRO D HB2  1 
ATOM   497  H HB3  . PRO B 1 16 ? 10.300  -8.831  1.379   1.00 16.51 ? 16  PRO D HB3  1 
ATOM   498  H HG2  . PRO B 1 16 ? 8.088   -9.736  0.605   1.00 17.16 ? 16  PRO D HG2  1 
ATOM   499  H HG3  . PRO B 1 16 ? 8.226   -8.605  1.713   1.00 17.16 ? 16  PRO D HG3  1 
ATOM   500  H HD2  . PRO B 1 16 ? 7.399   -8.330  -0.898  1.00 13.41 ? 16  PRO D HD2  1 
ATOM   501  H HD3  . PRO B 1 16 ? 7.003   -7.436  0.354   1.00 13.41 ? 16  PRO D HD3  1 
HETATM 502  N N    . HYP B 1 17 ? 12.307  -7.673  -1.152  1.00 11.12 ? 17  HYP D N    1 
HETATM 503  C CA   . HYP B 1 17 ? 13.192  -8.091  -2.237  1.00 11.49 ? 17  HYP D CA   1 
HETATM 504  C C    . HYP B 1 17 ? 12.824  -9.474  -2.765  1.00 10.22 ? 17  HYP D C    1 
HETATM 505  O O    . HYP B 1 17 ? 12.358  -10.313 -2.013  1.00 10.83 ? 17  HYP D O    1 
HETATM 506  C CB   . HYP B 1 17 ? 14.571  -8.139  -1.573  1.00 13.08 ? 17  HYP D CB   1 
HETATM 507  C CG   . HYP B 1 17 ? 14.467  -7.214  -0.412  1.00 14.74 ? 17  HYP D CG   1 
HETATM 508  C CD   . HYP B 1 17 ? 13.074  -7.449  0.079   1.00 13.32 ? 17  HYP D CD   1 
HETATM 509  O OD1  . HYP B 1 17 ? 14.518  -5.845  -0.858  1.00 15.96 ? 17  HYP D OD1  1 
HETATM 510  H HA   . HYP B 1 17 ? 13.200  -7.392  -2.908  1.00 13.78 ? 17  HYP D HA   1 
HETATM 511  H HB2  . HYP B 1 17 ? 15.243  -7.814  -2.192  1.00 15.69 ? 17  HYP D HB2  1 
HETATM 512  H HB3  . HYP B 1 17 ? 14.752  -9.038  -1.260  1.00 15.69 ? 17  HYP D HB3  1 
HETATM 513  H HG   . HYP B 1 17 ? 15.108  -7.532  0.242   1.00 17.68 ? 17  HYP D HG   1 
HETATM 514  H HD22 . HYP B 1 17 ? 12.744  -6.690  0.584   1.00 15.97 ? 17  HYP D HD22 1 
HETATM 515  H HD23 . HYP B 1 17 ? 13.033  -8.209  0.679   1.00 15.97 ? 17  HYP D HD23 1 
HETATM 516  H HD1  . HYP B 1 17 ? 15.390  -5.722  -1.080  1.00 19.15 ? 17  HYP D HD1  1 
ATOM   517  N N    . GLY B 1 18 ? 13.065  -9.683  -4.045  1.00 10.48 ? 18  GLY D N    1 
ATOM   518  C CA   . GLY B 1 18 ? 12.845  -10.985 -4.636  1.00 10.98 ? 18  GLY D CA   1 
ATOM   519  C C    . GLY B 1 18 ? 13.846  -11.989 -4.135  1.00 11.63 ? 18  GLY D C    1 
ATOM   520  O O    . GLY B 1 18 ? 14.803  -11.709 -3.400  1.00 12.39 ? 18  GLY D O    1 
ATOM   521  H H    . GLY B 1 18 ? 13.355  -9.087  -4.593  1.00 12.56 ? 18  GLY D H    1 
ATOM   522  H HA2  . GLY B 1 18 ? 11.955  -11.297 -4.414  1.00 13.17 ? 18  GLY D HA2  1 
ATOM   523  H HA3  . GLY B 1 18 ? 12.926  -10.922 -5.601  1.00 13.17 ? 18  GLY D HA3  1 
ATOM   524  N N    . PRO B 1 19 ? 13.634  -13.247 -4.550  1.00 12.74 ? 19  PRO D N    1 
ATOM   525  C CA   . PRO B 1 19 ? 14.594  -14.289 -4.220  1.00 14.91 ? 19  PRO D CA   1 
ATOM   526  C C    . PRO B 1 19 ? 15.948  -14.047 -4.904  1.00 14.42 ? 19  PRO D C    1 
ATOM   527  O O    . PRO B 1 19 ? 16.074  -13.338 -5.870  1.00 14.78 ? 19  PRO D O    1 
ATOM   528  C CB   . PRO B 1 19 ? 13.959  -15.577 -4.814  1.00 16.97 ? 19  PRO D CB   1 
ATOM   529  C CG   . PRO B 1 19 ? 12.561  -15.228 -5.074  1.00 14.81 ? 19  PRO D CG   1 
ATOM   530  C CD   . PRO B 1 19 ? 12.496  -13.774 -5.326  1.00 12.22 ? 19  PRO D CD   1 
ATOM   531  H HA   . PRO B 1 19 ? 14.693  -14.373 -3.259  1.00 17.89 ? 19  PRO D HA   1 
ATOM   532  H HB2  . PRO B 1 19 ? 14.414  -15.821 -5.636  1.00 20.36 ? 19  PRO D HB2  1 
ATOM   533  H HB3  . PRO B 1 19 ? 14.022  -16.302 -4.173  1.00 20.36 ? 19  PRO D HB3  1 
ATOM   534  H HG2  . PRO B 1 19 ? 12.249  -15.717 -5.850  1.00 17.77 ? 19  PRO D HG2  1 
ATOM   535  H HG3  . PRO B 1 19 ? 12.026  -15.458 -4.299  1.00 17.77 ? 19  PRO D HG3  1 
ATOM   536  H HD2  . PRO B 1 19 ? 12.603  -13.581 -6.271  1.00 14.66 ? 19  PRO D HD2  1 
ATOM   537  H HD3  . PRO B 1 19 ? 11.658  -13.404 -5.005  1.00 14.66 ? 19  PRO D HD3  1 
HETATM 538  N N    . HYP B 1 20 ? 16.968  -14.742 -4.427  1.00 17.27 ? 20  HYP D N    1 
HETATM 539  C CA   . HYP B 1 20 ? 18.259  -14.776 -5.101  1.00 19.33 ? 20  HYP D CA   1 
HETATM 540  C C    . HYP B 1 20 ? 18.122  -15.153 -6.550  1.00 19.68 ? 20  HYP D C    1 
HETATM 541  O O    . HYP B 1 20 ? 17.308  -16.018 -6.907  1.00 19.34 ? 20  HYP D O    1 
HETATM 542  C CB   . HYP B 1 20 ? 19.055  -15.876 -4.328  1.00 19.46 ? 20  HYP D CB   1 
HETATM 543  C CG   . HYP B 1 20 ? 18.443  -15.891 -2.972  1.00 18.87 ? 20  HYP D CG   1 
HETATM 544  C CD   . HYP B 1 20 ? 16.990  -15.595 -3.228  1.00 18.36 ? 20  HYP D CD   1 
HETATM 545  O OD1  . HYP B 1 20 ? 18.986  -14.756 -2.252  1.00 19.87 ? 20  HYP D OD1  1 
HETATM 546  H HA   . HYP B 1 20 ? 18.701  -13.927 -4.945  1.00 23.19 ? 20  HYP D HA   1 
HETATM 547  H HB2  . HYP B 1 20 ? 19.989  -15.622 -4.267  1.00 23.34 ? 20  HYP D HB2  1 
HETATM 548  H HB3  . HYP B 1 20 ? 18.927  -16.736 -4.758  1.00 23.34 ? 20  HYP D HB3  1 
HETATM 549  H HG   . HYP B 1 20 ? 18.510  -16.792 -2.621  1.00 22.64 ? 20  HYP D HG   1 
HETATM 550  H HD22 . HYP B 1 20 ? 16.488  -16.415 -3.361  1.00 22.03 ? 20  HYP D HD22 1 
HETATM 551  H HD23 . HYP B 1 20 ? 16.587  -15.154 -2.465  1.00 22.03 ? 20  HYP D HD23 1 
HETATM 552  H HD1  . HYP B 1 20 ? 18.410  -14.080 -2.448  1.00 23.84 ? 20  HYP D HD1  1 
ATOM   553  N N    . GLY B 1 21 ? 18.955  -14.502 -7.376  1.00 20.34 ? 21  GLY D N    1 
ATOM   554  C CA   . GLY B 1 21 ? 19.088  -14.867 -8.770  1.00 20.99 ? 21  GLY D CA   1 
ATOM   555  C C    . GLY B 1 21 ? 19.631  -16.259 -8.894  1.00 20.78 ? 21  GLY D C    1 
ATOM   556  O O    . GLY B 1 21 ? 20.188  -16.837 -7.944  1.00 21.96 ? 21  GLY D O    1 
ATOM   557  H H    . GLY B 1 21 ? 19.452  -13.841 -7.139  1.00 24.40 ? 21  GLY D H    1 
ATOM   558  H HA2  . GLY B 1 21 ? 18.221  -14.828 -9.204  1.00 25.18 ? 21  GLY D HA2  1 
ATOM   559  H HA3  . GLY B 1 21 ? 19.692  -14.253 -9.215  1.00 25.18 ? 21  GLY D HA3  1 
ATOM   560  N N    . PRO B 1 22 ? 19.414  -16.863 -10.076 1.00 19.51 ? 22  PRO D N    1 
ATOM   561  C CA   . PRO B 1 22 ? 19.884  -18.230 -10.273 1.00 22.17 ? 22  PRO D CA   1 
ATOM   562  C C    . PRO B 1 22 ? 21.420  -18.252 -10.420 1.00 24.23 ? 22  PRO D C    1 
ATOM   563  O O    . PRO B 1 22 ? 22.020  -17.305 -10.978 1.00 24.88 ? 22  PRO D O    1 
ATOM   564  C CB   . PRO B 1 22 ? 19.189  -18.686 -11.561 1.00 21.77 ? 22  PRO D CB   1 
ATOM   565  C CG   . PRO B 1 22 ? 19.020  -17.420 -12.340 1.00 21.90 ? 22  PRO D CG   1 
ATOM   566  C CD   . PRO B 1 22 ? 18.724  -16.323 -11.273 1.00 20.11 ? 22  PRO D CD   1 
ATOM   567  H HA   . PRO B 1 22 ? 19.600  -18.821 -9.558  1.00 26.59 ? 22  PRO D HA   1 
ATOM   568  H HB2  . PRO B 1 22 ? 19.746  -19.321 -12.036 1.00 26.12 ? 22  PRO D HB2  1 
ATOM   569  H HB3  . PRO B 1 22 ? 18.330  -19.088 -11.353 1.00 26.12 ? 22  PRO D HB3  1 
ATOM   570  H HG2  . PRO B 1 22 ? 19.835  -17.221 -12.827 1.00 26.27 ? 22  PRO D HG2  1 
ATOM   571  H HG3  . PRO B 1 22 ? 18.279  -17.510 -12.960 1.00 26.27 ? 22  PRO D HG3  1 
ATOM   572  H HD2  . PRO B 1 22 ? 19.098  -15.467 -11.536 1.00 24.13 ? 22  PRO D HD2  1 
ATOM   573  H HD3  . PRO B 1 22 ? 17.771  -16.233 -11.117 1.00 24.13 ? 22  PRO D HD3  1 
HETATM 574  N N    . HYP B 1 23 ? 22.038  -19.315 -9.918  1.00 27.78 ? 23  HYP D N    1 
HETATM 575  C CA   . HYP B 1 23 ? 23.483  -19.522 -10.053 1.00 28.17 ? 23  HYP D CA   1 
HETATM 576  C C    . HYP B 1 23 ? 23.941  -19.679 -11.459 1.00 27.39 ? 23  HYP D C    1 
HETATM 577  O O    . HYP B 1 23 ? 23.194  -20.192 -12.307 1.00 27.61 ? 23  HYP D O    1 
HETATM 578  C CB   . HYP B 1 23 ? 23.712  -20.847 -9.295  1.00 31.10 ? 23  HYP D CB   1 
HETATM 579  C CG   . HYP B 1 23 ? 22.423  -21.458 -8.872  1.00 33.89 ? 23  HYP D CG   1 
HETATM 580  C CD   . HYP B 1 23 ? 21.361  -20.529 -9.389  1.00 30.03 ? 23  HYP D CD   1 
HETATM 581  O OD1  . HYP B 1 23 ? 22.397  -21.411 -7.421  1.00 37.70 ? 23  HYP D OD1  1 
HETATM 582  H HA   . HYP B 1 23 ? 23.915  -18.792 -9.585  1.00 33.79 ? 23  HYP D HA   1 
HETATM 583  H HB2  . HYP B 1 23 ? 24.233  -20.654 -8.500  1.00 37.32 ? 23  HYP D HB2  1 
HETATM 584  H HB3  . HYP B 1 23 ? 24.159  -21.465 -9.894  1.00 37.32 ? 23  HYP D HB3  1 
HETATM 585  H HG   . HYP B 1 23 ? 22.317  -22.293 -9.355  1.00 40.66 ? 23  HYP D HG   1 
HETATM 586  H HD22 . HYP B 1 23 ? 20.837  -20.967 -10.078 1.00 36.03 ? 23  HYP D HD22 1 
HETATM 587  H HD23 . HYP B 1 23 ? 20.737  -20.303 -8.681  1.00 36.03 ? 23  HYP D HD23 1 
HETATM 588  H HD1  . HYP B 1 23 ? 21.548  -21.659 -7.212  1.00 45.23 ? 23  HYP D HD1  1 
ATOM   589  N N    . GLY B 1 24 ? 25.176  -19.259 -11.748 1.00 28.29 ? 24  GLY D N    1 
ATOM   590  C CA   . GLY B 1 24 ? 25.793  -19.530 -13.065 1.00 29.08 ? 24  GLY D CA   1 
ATOM   591  C C    . GLY B 1 24 ? 27.313  -19.536 -12.973 1.00 30.76 ? 24  GLY D C    1 
ATOM   592  O O    . GLY B 1 24 ? 27.861  -18.983 -12.024 1.00 32.94 ? 24  GLY D O    1 
ATOM   593  H H    . GLY B 1 24 ? 25.680  -18.819 -11.208 1.00 33.95 ? 24  GLY D H    1 
ATOM   594  H HA2  . GLY B 1 24 ? 25.498  -20.394 -13.391 1.00 34.89 ? 24  GLY D HA2  1 
ATOM   595  H HA3  . GLY B 1 24 ? 25.523  -18.845 -13.698 1.00 34.89 ? 24  GLY D HA3  1 
HETATM 596  N N    . NH2 B 1 25 ? 28.001  -20.164 -13.922 1.00 32.93 ? 25  NH2 D N    1 
ATOM   597  N N    . PRO C 1 1  ? -23.395 23.258  13.819  1.00 44.42 ? 1   PRO E N    1 
ATOM   598  C CA   . PRO C 1 1  ? -24.606 22.983  13.013  1.00 40.96 ? 1   PRO E CA   1 
ATOM   599  C C    . PRO C 1 1  ? -24.492 21.896  11.911  1.00 33.18 ? 1   PRO E C    1 
ATOM   600  O O    . PRO C 1 1  ? -25.393 21.055  11.826  1.00 32.65 ? 1   PRO E O    1 
ATOM   601  C CB   . PRO C 1 1  ? -24.918 24.333  12.424  1.00 44.52 ? 1   PRO E CB   1 
ATOM   602  C CG   . PRO C 1 1  ? -24.468 25.337  13.482  1.00 46.27 ? 1   PRO E CG   1 
ATOM   603  C CD   . PRO C 1 1  ? -23.210 24.712  14.053  1.00 46.38 ? 1   PRO E CD   1 
ATOM   604  H H2   . PRO C 1 1  ? -22.629 22.917  13.353  1.00 53.29 ? 1   PRO E H2   1 
ATOM   605  H H3   . PRO C 1 1  ? -23.478 22.814  14.666  1.00 53.29 ? 1   PRO E H3   1 
ATOM   606  H HA   . PRO C 1 1  ? -25.313 22.686  13.609  1.00 49.14 ? 1   PRO E HA   1 
ATOM   607  H HB2  . PRO C 1 1  ? -24.424 24.455  11.598  1.00 53.41 ? 1   PRO E HB2  1 
ATOM   608  H HB3  . PRO C 1 1  ? -25.870 24.408  12.255  1.00 53.41 ? 1   PRO E HB3  1 
ATOM   609  H HG2  . PRO C 1 1  ? -24.280 26.196  13.073  1.00 55.52 ? 1   PRO E HG2  1 
ATOM   610  H HG3  . PRO C 1 1  ? -25.151 25.437  14.163  1.00 55.52 ? 1   PRO E HG3  1 
ATOM   611  H HD2  . PRO C 1 1  ? -22.424 25.037  13.588  1.00 55.65 ? 1   PRO E HD2  1 
ATOM   612  H HD3  . PRO C 1 1  ? -23.134 24.900  15.002  1.00 55.65 ? 1   PRO E HD3  1 
HETATM 613  N N    . HYP C 1 2  ? -23.418 21.857  11.133  1.00 26.48 ? 2   HYP E N    1 
HETATM 614  C CA   . HYP C 1 2  ? -23.190 20.639  10.347  1.00 22.71 ? 2   HYP E CA   1 
HETATM 615  C C    . HYP C 1 2  ? -23.105 19.424  11.237  1.00 17.52 ? 2   HYP E C    1 
HETATM 616  O O    . HYP C 1 2  ? -22.732 19.508  12.412  1.00 18.97 ? 2   HYP E O    1 
HETATM 617  C CB   . HYP C 1 2  ? -21.825 20.895  9.659   1.00 23.83 ? 2   HYP E CB   1 
HETATM 618  C CG   . HYP C 1 2  ? -21.689 22.379  9.633   1.00 26.30 ? 2   HYP E CG   1 
HETATM 619  C CD   . HYP C 1 2  ? -22.270 22.780  10.950  1.00 27.06 ? 2   HYP E CD   1 
HETATM 620  O OD1  . HYP C 1 2  ? -22.580 22.938  8.628   1.00 28.48 ? 2   HYP E OD1  1 
HETATM 621  H HA   . HYP C 1 2  ? -23.867 20.588  9.653   1.00 27.25 ? 2   HYP E HA   1 
HETATM 622  H HB2  . HYP C 1 2  ? -21.845 20.550  8.753   1.00 28.59 ? 2   HYP E HB2  1 
HETATM 623  H HB3  . HYP C 1 2  ? -21.112 20.508  10.192  1.00 28.59 ? 2   HYP E HB3  1 
HETATM 624  H HG   . HYP C 1 2  ? -20.738 22.566  9.605   1.00 31.55 ? 2   HYP E HG   1 
HETATM 625  H HD22 . HYP C 1 2  ? -21.618 22.699  11.664  1.00 32.47 ? 2   HYP E HD22 1 
HETATM 626  H HD23 . HYP C 1 2  ? -22.547 23.710  10.945  1.00 32.47 ? 2   HYP E HD23 1 
HETATM 627  H HD1  . HYP C 1 2  ? -22.512 23.836  8.756   1.00 34.17 ? 2   HYP E HD1  1 
ATOM   628  N N    . GLY C 1 3  ? -23.395 18.269  10.669  1.00 15.37 ? 3   GLY E N    1 
ATOM   629  C CA   . GLY C 1 3  ? -23.158 17.048  11.385  1.00 13.60 ? 3   GLY E CA   1 
ATOM   630  C C    . GLY C 1 3  ? -21.668 16.831  11.605  1.00 12.85 ? 3   GLY E C    1 
ATOM   631  O O    . GLY C 1 3  ? -20.807 17.493  11.005  1.00 13.63 ? 3   GLY E O    1 
ATOM   632  H H    . GLY C 1 3  ? -23.727 18.175  9.881   1.00 18.44 ? 3   GLY E H    1 
ATOM   633  H HA2  . GLY C 1 3  ? -23.600 17.085  12.248  1.00 16.31 ? 3   GLY E HA2  1 
ATOM   634  H HA3  . GLY C 1 3  ? -23.512 16.300  10.880  1.00 16.31 ? 3   GLY E HA3  1 
ATOM   635  N N    . PRO C 1 4  ? -21.318 15.810  12.427  1.00 12.28 ? 4   PRO E N    1 
ATOM   636  C CA   . PRO C 1 4  ? -19.894 15.516  12.673  1.00 11.81 ? 4   PRO E CA   1 
ATOM   637  C C    . PRO C 1 4  ? -19.214 15.014  11.393  1.00 10.43 ? 4   PRO E C    1 
ATOM   638  O O    . PRO C 1 4  ? -19.867 14.414  10.513  1.00 11.77 ? 4   PRO E O    1 
ATOM   639  C CB   . PRO C 1 4  ? -19.970 14.360  13.706  1.00 14.06 ? 4   PRO E CB   1 
ATOM   640  C CG   . PRO C 1 4  ? -21.303 14.483  14.322  1.00 15.78 ? 4   PRO E CG   1 
ATOM   641  C CD   . PRO C 1 4  ? -22.208 14.978  13.240  1.00 13.46 ? 4   PRO E CD   1 
ATOM   642  H HA   . PRO C 1 4  ? -19.418 16.275  13.045  1.00 14.16 ? 4   PRO E HA   1 
ATOM   643  H HB2  . PRO C 1 4  ? -19.874 13.506  13.254  1.00 16.86 ? 4   PRO E HB2  1 
ATOM   644  H HB3  . PRO C 1 4  ? -19.271 14.464  14.370  1.00 16.86 ? 4   PRO E HB3  1 
ATOM   645  H HG2  . PRO C 1 4  ? -21.595 13.615  14.644  1.00 18.93 ? 4   PRO E HG2  1 
ATOM   646  H HG3  . PRO C 1 4  ? -21.267 15.114  15.057  1.00 18.93 ? 4   PRO E HG3  1 
ATOM   647  H HD2  . PRO C 1 4  ? -22.565 14.241  12.721  1.00 16.14 ? 4   PRO E HD2  1 
ATOM   648  H HD3  . PRO C 1 4  ? -22.934 15.505  13.610  1.00 16.14 ? 4   PRO E HD3  1 
HETATM 649  N N    . HYP C 1 5  ? -17.920 15.183  11.298  1.00 10.62 ? 5   HYP E N    1 
HETATM 650  C CA   . HYP C 1 5  ? -17.188 14.595  10.171  1.00 11.42 ? 5   HYP E CA   1 
HETATM 651  C C    . HYP C 1 5  ? -17.315 13.102  10.149  1.00 10.06 ? 5   HYP E C    1 
HETATM 652  O O    . HYP C 1 5  ? -17.446 12.421  11.164  1.00 11.51 ? 5   HYP E O    1 
HETATM 653  C CB   . HYP C 1 5  ? -15.733 14.991  10.444  1.00 11.04 ? 5   HYP E CB   1 
HETATM 654  C CG   . HYP C 1 5  ? -15.819 16.169  11.353  1.00 12.18 ? 5   HYP E CG   1 
HETATM 655  C CD   . HYP C 1 5  ? -16.995 15.849  12.226  1.00 12.10 ? 5   HYP E CD   1 
HETATM 656  O OD1  . HYP C 1 5  ? -16.181 17.345  10.581  1.00 13.52 ? 5   HYP E OD1  1 
HETATM 657  H HA   . HYP C 1 5  ? -17.477 15.036  9.357   1.00 13.70 ? 5   HYP E HA   1 
HETATM 658  H HB2  . HYP C 1 5  ? -15.303 15.248  9.613   1.00 13.24 ? 5   HYP E HB2  1 
HETATM 659  H HB3  . HYP C 1 5  ? -15.275 14.262  10.893  1.00 13.24 ? 5   HYP E HB3  1 
HETATM 660  H HG   . HYP C 1 5  ? -15.012 16.163  11.891  1.00 14.61 ? 5   HYP E HG   1 
HETATM 661  H HD22 . HYP C 1 5  ? -17.378 16.650  12.619  1.00 14.51 ? 5   HYP E HD22 1 
HETATM 662  H HD23 . HYP C 1 5  ? -16.744 15.280  12.970  1.00 14.51 ? 5   HYP E HD23 1 
HETATM 663  H HD1  . HYP C 1 5  ? -15.411 17.566  10.151  1.00 16.22 ? 5   HYP E HD1  1 
ATOM   664  N N    . GLY C 1 6  ? -17.277 12.544  8.931   1.00 10.46 ? 6   GLY E N    1 
ATOM   665  C CA   . GLY C 1 6  ? -17.316 11.090  8.746   1.00 10.60 ? 6   GLY E CA   1 
ATOM   666  C C    . GLY C 1 6  ? -16.007 10.469  9.234   1.00 10.02 ? 6   GLY E C    1 
ATOM   667  O O    . GLY C 1 6  ? -15.053 11.091  9.609   1.00 10.00 ? 6   GLY E O    1 
ATOM   668  H H    . GLY C 1 6  ? -17.228 12.988  8.195   1.00 12.55 ? 6   GLY E H    1 
ATOM   669  H HA2  . GLY C 1 6  ? -18.053 10.712  9.250   1.00 12.72 ? 6   GLY E HA2  1 
ATOM   670  H HA3  . GLY C 1 6  ? -17.434 10.880  7.806   1.00 12.72 ? 6   GLY E HA3  1 
HETATM 671  N N    . ZPO C 1 7  ? -16.019 9.095   9.171   1.00 11.28 ? 7   ZPO E N    1 
HETATM 672  C CB   . ZPO C 1 7  ? -15.374 7.152   10.068  1.00 11.60 ? 7   ZPO E CB   1 
HETATM 673  C CG   . ZPO C 1 7  ? -16.575 6.900   9.061   1.00 12.72 ? 7   ZPO E CG   1 
HETATM 674  C C    . ZPO C 1 7  ? -13.906 8.293   8.561   1.00 9.54  ? 7   ZPO E C    1 
HETATM 675  O O    . ZPO C 1 7  ? -14.003 8.815   7.500   1.00 9.91  ? 7   ZPO E O    1 
HETATM 676  C CD   . ZPO C 1 7  ? -17.162 8.222   8.797   1.00 11.41 ? 7   ZPO E CD   1 
HETATM 677  N NA   . ZPO C 1 7  ? -14.896 8.347   9.565   1.00 10.54 ? 7   ZPO E NA   1 
HETATM 678  H HB3  . ZPO C 1 7  ? -15.686 7.260   10.981  1.00 13.92 ? 7   ZPO E HB3  1 
HETATM 679  H HB2  . ZPO C 1 7  ? -14.700 6.457   10.009  1.00 13.92 ? 7   ZPO E HB2  1 
HETATM 680  H HG2  . ZPO C 1 7  ? -16.235 6.506   8.242   1.00 15.25 ? 7   ZPO E HG2  1 
HETATM 681  H HG3  . ZPO C 1 7  ? -17.226 6.309   9.471   1.00 15.25 ? 7   ZPO E HG3  1 
HETATM 682  H HD2  . ZPO C 1 7  ? -17.385 8.323   7.858   1.00 13.69 ? 7   ZPO E HD2  1 
HETATM 683  H HD3  . ZPO C 1 7  ? -17.925 8.384   9.373   1.00 13.69 ? 7   ZPO E HD3  1 
HETATM 684  N N    . HYP C 1 8  ? -12.735 7.815   9.004   1.00 10.20 ? 8   HYP E N    1 
HETATM 685  C CA   . HYP C 1 8  ? -11.594 7.692   8.100   1.00 9.49  ? 8   HYP E CA   1 
HETATM 686  C C    . HYP C 1 8  ? -11.958 6.772   6.962   1.00 9.62  ? 8   HYP E C    1 
HETATM 687  O O    . HYP C 1 8  ? -12.710 5.798   7.097   1.00 11.01 ? 8   HYP E O    1 
HETATM 688  C CB   . HYP C 1 8  ? -10.466 7.159   9.000   1.00 9.39  ? 8   HYP E CB   1 
HETATM 689  C CG   . HYP C 1 8  ? -10.853 7.586   10.373  1.00 10.14 ? 8   HYP E CG   1 
HETATM 690  C CD   . HYP C 1 8  ? -12.330 7.442   10.364  1.00 10.24 ? 8   HYP E CD   1 
HETATM 691  O OD1  . HYP C 1 8  ? -10.532 8.972   10.523  1.00 10.39 ? 8   HYP E OD1  1 
HETATM 692  H HA   . HYP C 1 8  ? -11.281 8.566   7.816   1.00 11.38 ? 8   HYP E HA   1 
HETATM 693  H HB2  . HYP C 1 8  ? -9.624  7.572   8.752   1.00 11.26 ? 8   HYP E HB2  1 
HETATM 694  H HB3  . HYP C 1 8  ? -10.438 6.190   8.953   1.00 11.26 ? 8   HYP E HB3  1 
HETATM 695  H HG   . HYP C 1 8  ? -10.494 6.937   10.998  1.00 12.17 ? 8   HYP E HG   1 
HETATM 696  H HD22 . HYP C 1 8  ? -12.594 6.536   10.586  1.00 12.28 ? 8   HYP E HD22 1 
HETATM 697  H HD23 . HYP C 1 8  ? -12.740 8.013   11.034  1.00 12.28 ? 8   HYP E HD23 1 
ATOM   698  N N    . GLY C 1 9  ? -11.368 7.044   5.805   1.00 9.46  ? 9   GLY E N    1 
ATOM   699  C CA   . GLY C 1 9  ? -11.574 6.164   4.673   1.00 10.03 ? 9   GLY E CA   1 
ATOM   700  C C    . GLY C 1 9  ? -10.949 4.816   4.830   1.00 9.15  ? 9   GLY E C    1 
ATOM   701  O O    . GLY C 1 9  ? -10.213 4.557   5.766   1.00 9.46  ? 9   GLY E O    1 
ATOM   702  H H    . GLY C 1 9  ? -10.855 7.718   5.657   1.00 11.34 ? 9   GLY E H    1 
ATOM   703  H HA2  . GLY C 1 9  ? -12.527 6.037   4.543   1.00 12.03 ? 9   GLY E HA2  1 
ATOM   704  H HA3  . GLY C 1 9  ? -11.200 6.577   3.880   1.00 12.03 ? 9   GLY E HA3  1 
ATOM   705  N N    . PRO C 1 10 ? -11.193 3.947   3.855   1.00 9.58  ? 10  PRO E N    1 
ATOM   706  C CA   . PRO C 1 10 ? -10.541 2.645   3.875   1.00 8.71  ? 10  PRO E CA   1 
ATOM   707  C C    . PRO C 1 10 ? -9.027  2.778   3.878   1.00 8.55  ? 10  PRO E C    1 
ATOM   708  O O    . PRO C 1 10 ? -8.443  3.755   3.404   1.00 9.01  ? 10  PRO E O    1 
ATOM   709  C CB   . PRO C 1 10 ? -11.009 2.013   2.566   1.00 9.99  ? 10  PRO E CB   1 
ATOM   710  C CG   . PRO C 1 10 ? -12.307 2.656   2.269   1.00 10.98 ? 10  PRO E CG   1 
ATOM   711  C CD   . PRO C 1 10 ? -12.069 4.115   2.679   1.00 9.95  ? 10  PRO E CD   1 
ATOM   712  H HA   . PRO C 1 10 ? -10.832 2.124   4.639   1.00 10.45 ? 10  PRO E HA   1 
ATOM   713  H HB2  . PRO C 1 10 ? -10.364 2.192   1.863   1.00 11.98 ? 10  PRO E HB2  1 
ATOM   714  H HB3  . PRO C 1 10 ? -11.115 1.055   2.681   1.00 11.98 ? 10  PRO E HB3  1 
ATOM   715  H HG2  . PRO C 1 10 ? -12.513 2.583   1.324   1.00 13.17 ? 10  PRO E HG2  1 
ATOM   716  H HG3  . PRO C 1 10 ? -13.014 2.251   2.795   1.00 13.17 ? 10  PRO E HG3  1 
ATOM   717  H HD2  . PRO C 1 10 ? -11.623 4.611   1.974   1.00 11.94 ? 10  PRO E HD2  1 
ATOM   718  H HD3  . PRO C 1 10 ? -12.900 4.554   2.918   1.00 11.94 ? 10  PRO E HD3  1 
ATOM   719  N N    . ARG C 1 11 ? -8.378  1.735   4.369   1.00 8.74  ? 11  ARG E N    1 
ATOM   720  C CA   . ARG C 1 11 ? -6.951  1.614   4.228   1.00 8.85  ? 11  ARG E CA   1 
ATOM   721  C C    . ARG C 1 11 ? -6.589  1.662   2.751   1.00 9.03  ? 11  ARG E C    1 
ATOM   722  O O    . ARG C 1 11 ? -7.282  1.134   1.921   1.00 10.98 ? 11  ARG E O    1 
ATOM   723  C CB   . ARG C 1 11 ? -6.540  0.324   4.900   1.00 10.46 ? 11  ARG E CB   1 
ATOM   724  C CG   . ARG C 1 11 ? -5.093  0.132   5.015   1.00 10.27 ? 11  ARG E CG   1 
ATOM   725  C CD   . ARG C 1 11 ? -4.680  -1.119  5.793   1.00 10.77 ? 11  ARG E CD   1 
ATOM   726  N NE   . ARG C 1 11 ? -3.263  -1.157  5.887   1.00 11.58 ? 11  ARG E NE   1 
ATOM   727  C CZ   . ARG C 1 11 ? -2.566  -2.194  6.316   1.00 10.89 ? 11  ARG E CZ   1 
ATOM   728  N NH1  . ARG C 1 11 ? -3.176  -3.319  6.670   1.00 11.45 ? 11  ARG E NH1  1 
ATOM   729  N NH2  . ARG C 1 11 ? -1.224  -2.180  6.338   1.00 10.39 ? 11  ARG E NH2  1 
ATOM   730  H H    . ARG C 1 11 ? -8.749  1.084   4.791   1.00 10.48 ? 11  ARG E H    1 
ATOM   731  H HA   . ARG C 1 11 ? -6.459  2.335   4.653   1.00 10.62 ? 11  ARG E HA   1 
ATOM   732  H HB2  . ARG C 1 11 ? -6.909  0.311   5.796   1.00 12.55 ? 11  ARG E HB2  1 
ATOM   733  H HB3  . ARG C 1 11 ? -6.893  -0.418  4.385   1.00 12.55 ? 11  ARG E HB3  1 
ATOM   734  H HG2  . ARG C 1 11 ? -4.718  0.060   4.125   1.00 12.32 ? 11  ARG E HG2  1 
ATOM   735  H HG3  . ARG C 1 11 ? -4.715  0.899   5.474   1.00 12.32 ? 11  ARG E HG3  1 
ATOM   736  H HD2  . ARG C 1 11 ? -5.056  -1.092  6.687   1.00 12.92 ? 11  ARG E HD2  1 
ATOM   737  H HD3  . ARG C 1 11 ? -4.988  -1.913  5.328   1.00 12.92 ? 11  ARG E HD3  1 
ATOM   738  H HE   . ARG C 1 11 ? -2.828  -0.455  5.649   1.00 13.89 ? 11  ARG E HE   1 
ATOM   739  H HH11 . ARG C 1 11 ? -4.033  -3.378  6.621   1.00 13.74 ? 11  ARG E HH11 1 
ATOM   740  H HH12 . ARG C 1 11 ? -2.714  -3.990  6.947   1.00 13.74 ? 11  ARG E HH12 1 
ATOM   741  H HH21 . ARG C 1 11 ? -0.797  -1.484  6.069   1.00 12.46 ? 11  ARG E HH21 1 
ATOM   742  H HH22 . ARG C 1 11 ? -0.791  -2.867  6.621   1.00 12.46 ? 11  ARG E HH22 1 
HETATM 743  C C    . XZA C 1 12 ? -4.498  1.154   0.614   1.00 11.64 ? 12  XZA E C    1 
HETATM 744  O O    . XZA C 1 12 ? -4.450  0.114   1.271   1.00 11.63 ? 12  XZA E O    1 
HETATM 745  N NA   . XZA C 1 12 ? -4.965  2.333   1.190   1.00 9.91  ? 12  XZA E NA   1 
HETATM 746  N N    . XZA C 1 12 ? -5.445  2.278   2.461   1.00 9.51  ? 12  XZA E N    1 
HETATM 747  H HNA  . XZA C 1 12 ? -4.907  3.117   0.622   1.00 11.88 ? 12  XZA E HNA  1 
HETATM 748  H H    . XZA C 1 12 ? -4.930  2.642   3.046   1.00 11.41 ? 12  XZA E H    1 
ATOM   749  N N    . PRO C 1 13 ? -4.150  1.237   -0.678  1.00 12.15 ? 13  PRO E N    1 
ATOM   750  C CA   . PRO C 1 13 ? -3.899  0.007   -1.420  1.00 13.23 ? 13  PRO E CA   1 
ATOM   751  C C    . PRO C 1 13 ? -2.505  -0.504  -1.217  1.00 12.28 ? 13  PRO E C    1 
ATOM   752  O O    . PRO C 1 13 ? -1.660  0.136   -0.673  1.00 10.54 ? 13  PRO E O    1 
ATOM   753  C CB   . PRO C 1 13 ? -4.205  0.445   -2.825  1.00 16.88 ? 13  PRO E CB   1 
ATOM   754  C CG   . PRO C 1 13 ? -3.820  1.893   -2.870  1.00 15.00 ? 13  PRO E CG   1 
ATOM   755  C CD   . PRO C 1 13 ? -4.211  2.420   -1.523  1.00 13.33 ? 13  PRO E CD   1 
ATOM   756  H HA   . PRO C 1 13 ? -4.501  -0.719  -1.190  1.00 15.86 ? 13  PRO E HA   1 
ATOM   757  H HB2  . PRO C 1 13 ? -3.680  -0.075  -3.453  1.00 20.25 ? 13  PRO E HB2  1 
ATOM   758  H HB3  . PRO C 1 13 ? -5.150  0.331   -3.007  1.00 20.25 ? 13  PRO E HB3  1 
ATOM   759  H HG2  . PRO C 1 13 ? -2.865  1.980   -3.016  1.00 17.99 ? 13  PRO E HG2  1 
ATOM   760  H HG3  . PRO C 1 13 ? -4.306  2.345   -3.577  1.00 17.99 ? 13  PRO E HG3  1 
ATOM   761  H HD2  . PRO C 1 13 ? -3.584  3.096   -1.220  1.00 15.99 ? 13  PRO E HD2  1 
ATOM   762  H HD3  . PRO C 1 13 ? -5.110  2.786   -1.542  1.00 15.99 ? 13  PRO E HD3  1 
HETATM 763  N N    . HYP C 1 14 ? -2.267  -1.725  -1.724  1.00 13.43 ? 14  HYP E N    1 
HETATM 764  C CA   . HYP C 1 14 ? -0.940  -2.311  -1.575  1.00 12.64 ? 14  HYP E CA   1 
HETATM 765  C C    . HYP C 1 14 ? 0.151   -1.472  -2.340  1.00 11.27 ? 14  HYP E C    1 
HETATM 766  O O    . HYP C 1 14 ? -0.067  -0.809  -3.354  1.00 11.77 ? 14  HYP E O    1 
HETATM 767  C CB   . HYP C 1 14 ? -1.080  -3.735  -2.152  1.00 14.45 ? 14  HYP E CB   1 
HETATM 768  C CG   . HYP C 1 14 ? -2.529  -4.036  -1.994  1.00 16.05 ? 14  HYP E CG   1 
HETATM 769  C CD   . HYP C 1 14 ? -3.192  -2.727  -2.290  1.00 16.99 ? 14  HYP E CD   1 
HETATM 770  O OD1  . HYP C 1 14 ? -2.807  -4.367  -0.614  1.00 18.80 ? 14  HYP E OD1  1 
HETATM 771  H HA   . HYP C 1 14 ? -0.762  -2.424  -0.627  1.00 15.16 ? 14  HYP E HA   1 
HETATM 772  H HB2  . HYP C 1 14 ? -0.552  -4.358  -1.630  1.00 17.33 ? 14  HYP E HB2  1 
HETATM 773  H HB3  . HYP C 1 14 ? -0.842  -3.735  -3.092  1.00 17.33 ? 14  HYP E HB3  1 
HETATM 774  H HG   . HYP C 1 14 ? -2.758  -4.663  -2.698  1.00 19.25 ? 14  HYP E HG   1 
HETATM 775  H HD22 . HYP C 1 14 ? -3.324  -2.606  -3.243  1.00 20.38 ? 14  HYP E HD22 1 
HETATM 776  H HD23 . HYP C 1 14 ? -4.075  -2.680  -1.888  1.00 20.38 ? 14  HYP E HD23 1 
HETATM 777  H HD1  . HYP C 1 14 ? -2.932  -5.268  -0.630  1.00 22.56 ? 14  HYP E HD1  1 
ATOM   778  N N    . GLY C 1 15 ? 1.319   -1.535  -1.788  1.00 10.15 ? 15  GLY E N    1 
ATOM   779  C CA   . GLY C 1 15 ? 2.471   -0.910  -2.359  1.00 9.35  ? 15  GLY E CA   1 
ATOM   780  C C    . GLY C 1 15 ? 2.946   -1.498  -3.631  1.00 9.22  ? 15  GLY E C    1 
ATOM   781  O O    . GLY C 1 15 ? 2.443   -2.515  -4.124  1.00 10.08 ? 15  GLY E O    1 
ATOM   782  H H    . GLY C 1 15 ? 1.482   -1.949  -1.052  1.00 12.17 ? 15  GLY E H    1 
ATOM   783  H HA2  . GLY C 1 15 ? 2.266   0.022   -2.525  1.00 11.21 ? 15  GLY E HA2  1 
ATOM   784  H HA3  . GLY C 1 15 ? 3.200   -0.965  -1.721  1.00 11.21 ? 15  GLY E HA3  1 
ATOM   785  N N    . PRO C 1 16 ? 3.971   -0.904  -4.190  1.00 9.99  ? 16  PRO E N    1 
ATOM   786  C CA   . PRO C 1 16 ? 4.519   -1.417  -5.430  1.00 11.40 ? 16  PRO E CA   1 
ATOM   787  C C    . PRO C 1 16 ? 5.332   -2.679  -5.234  1.00 10.12 ? 16  PRO E C    1 
ATOM   788  O O    . PRO C 1 16 ? 5.667   -3.071  -4.115  1.00 10.07 ? 16  PRO E O    1 
ATOM   789  C CB   . PRO C 1 16 ? 5.417   -0.308  -5.935  1.00 13.77 ? 16  PRO E CB   1 
ATOM   790  C CG   . PRO C 1 16 ? 5.581   0.541   -4.866  1.00 14.84 ? 16  PRO E CG   1 
ATOM   791  C CD   . PRO C 1 16 ? 4.614   0.332   -3.765  1.00 11.37 ? 16  PRO E CD   1 
ATOM   792  H HA   . PRO C 1 16 ? 3.801   -1.570  -6.065  1.00 13.67 ? 16  PRO E HA   1 
ATOM   793  H HB2  . PRO C 1 16 ? 6.268   -0.678  -6.216  1.00 16.51 ? 16  PRO E HB2  1 
ATOM   794  H HB3  . PRO C 1 16 ? 4.991   0.148   -6.677  1.00 16.51 ? 16  PRO E HB3  1 
ATOM   795  H HG2  . PRO C 1 16 ? 6.478   0.409   -4.523  1.00 17.80 ? 16  PRO E HG2  1 
ATOM   796  H HG3  . PRO C 1 16 ? 5.484   1.448   -5.198  1.00 17.80 ? 16  PRO E HG3  1 
ATOM   797  H HD2  . PRO C 1 16 ? 5.066   0.223   -2.914  1.00 13.64 ? 16  PRO E HD2  1 
ATOM   798  H HD3  . PRO C 1 16 ? 3.977   1.062   -3.710  1.00 13.64 ? 16  PRO E HD3  1 
HETATM 799  N N    . HYP C 1 17 ? 5.669   -3.362  -6.339  1.00 10.10 ? 17  HYP E N    1 
HETATM 800  C CA   . HYP C 1 17 ? 6.542   -4.526  -6.229  1.00 9.54  ? 17  HYP E CA   1 
HETATM 801  C C    . HYP C 1 17 ? 7.852   -4.220  -5.563  1.00 9.44  ? 17  HYP E C    1 
HETATM 802  O O    . HYP C 1 17 ? 8.377   -3.114  -5.696  1.00 10.16 ? 17  HYP E O    1 
HETATM 803  C CB   . HYP C 1 17 ? 6.737   -4.937  -7.693  1.00 10.68 ? 17  HYP E CB   1 
HETATM 804  C CG   . HYP C 1 17 ? 5.554   -4.430  -8.414  1.00 11.37 ? 17  HYP E CG   1 
HETATM 805  C CD   . HYP C 1 17 ? 5.274   -3.128  -7.739  1.00 11.79 ? 17  HYP E CD   1 
HETATM 806  O OD1  . HYP C 1 17 ? 4.439   -5.294  -8.184  1.00 11.90 ? 17  HYP E OD1  1 
HETATM 807  H HA   . HYP C 1 17 ? 6.051   -5.231  -5.779  1.00 11.44 ? 17  HYP E HA   1 
HETATM 808  H HB2  . HYP C 1 17 ? 6.763   -5.905  -7.756  1.00 12.81 ? 17  HYP E HB2  1 
HETATM 809  H HB3  . HYP C 1 17 ? 7.536   -4.516  -8.045  1.00 12.81 ? 17  HYP E HB3  1 
HETATM 810  H HG   . HYP C 1 17 ? 5.841   -4.250  -9.322  1.00 13.63 ? 17  HYP E HG   1 
HETATM 811  H HD22 . HYP C 1 17 ? 4.338   -2.883  -7.819  1.00 14.14 ? 17  HYP E HD22 1 
HETATM 812  H HD23 . HYP C 1 17 ? 5.775   -2.405  -8.145  1.00 14.14 ? 17  HYP E HD23 1 
HETATM 813  H HD1  . HYP C 1 17 ? 4.204   -5.119  -7.323  1.00 14.27 ? 17  HYP E HD1  1 
ATOM   814  N N    . GLY C 1 18 ? 8.379   -5.186  -4.814  1.00 9.14  ? 18  GLY E N    1 
ATOM   815  C CA   . GLY C 1 18 ? 9.707   -5.101  -4.318  1.00 8.83  ? 18  GLY E CA   1 
ATOM   816  C C    . GLY C 1 18 ? 10.758  -5.107  -5.390  1.00 9.68  ? 18  GLY E C    1 
ATOM   817  O O    . GLY C 1 18 ? 10.483  -5.370  -6.554  1.00 10.17 ? 18  GLY E O    1 
ATOM   818  H H    . GLY C 1 18 ? 7.966   -5.905  -4.586  1.00 10.96 ? 18  GLY E H    1 
ATOM   819  H HA2  . GLY C 1 18 ? 9.802   -4.280  -3.811  1.00 10.59 ? 18  GLY E HA2  1 
ATOM   820  H HA3  . GLY C 1 18 ? 9.874   -5.856  -3.732  1.00 10.59 ? 18  GLY E HA3  1 
ATOM   821  N N    . PRO C 1 19 ? 11.982  -4.846  -5.001  1.00 10.66 ? 19  PRO E N    1 
ATOM   822  C CA   . PRO C 1 19 ? 13.080  -4.798  -5.950  1.00 12.15 ? 19  PRO E CA   1 
ATOM   823  C C    . PRO C 1 19 ? 13.465  -6.239  -6.317  1.00 12.27 ? 19  PRO E C    1 
ATOM   824  O O    . PRO C 1 19 ? 13.225  -7.188  -5.585  1.00 11.91 ? 19  PRO E O    1 
ATOM   825  C CB   . PRO C 1 19 ? 14.207  -4.107  -5.159  1.00 14.28 ? 19  PRO E CB   1 
ATOM   826  C CG   . PRO C 1 19 ? 13.891  -4.429  -3.730  1.00 15.10 ? 19  PRO E CG   1 
ATOM   827  C CD   . PRO C 1 19 ? 12.419  -4.517  -3.639  1.00 12.08 ? 19  PRO E CD   1 
ATOM   828  H HA   . PRO C 1 19 ? 12.893  -4.261  -6.735  1.00 14.57 ? 19  PRO E HA   1 
ATOM   829  H HB2  . PRO C 1 19 ? 15.069  -4.469  -5.419  1.00 17.13 ? 19  PRO E HB2  1 
ATOM   830  H HB3  . PRO C 1 19 ? 14.187  -3.150  -5.316  1.00 17.13 ? 19  PRO E HB3  1 
ATOM   831  H HG2  . PRO C 1 19 ? 14.299  -5.276  -3.490  1.00 18.11 ? 19  PRO E HG2  1 
ATOM   832  H HG3  . PRO C 1 19 ? 14.229  -3.724  -3.156  1.00 18.11 ? 19  PRO E HG3  1 
ATOM   833  H HD2  . PRO C 1 19 ? 12.157  -5.216  -3.019  1.00 14.49 ? 19  PRO E HD2  1 
ATOM   834  H HD3  . PRO C 1 19 ? 12.044  -3.667  -3.358  1.00 14.49 ? 19  PRO E HD3  1 
HETATM 835  N N    . HYP C 1 20 ? 14.199  -6.386  -7.392  1.00 13.48 ? 20  HYP E N    1 
HETATM 836  C CA   . HYP C 1 20 ? 14.862  -7.659  -7.705  1.00 12.77 ? 20  HYP E CA   1 
HETATM 837  C C    . HYP C 1 20 ? 15.712  -8.149  -6.567  1.00 12.61 ? 20  HYP E C    1 
HETATM 838  O O    . HYP C 1 20 ? 16.289  -7.382  -5.797  1.00 15.33 ? 20  HYP E O    1 
HETATM 839  C CB   . HYP C 1 20 ? 15.678  -7.300  -8.973  1.00 14.89 ? 20  HYP E CB   1 
HETATM 840  C CG   . HYP C 1 20 ? 14.966  -6.186  -9.632  1.00 14.86 ? 20  HYP E CG   1 
HETATM 841  C CD   . HYP C 1 20 ? 14.518  -5.393  -8.435  1.00 15.01 ? 20  HYP E CD   1 
HETATM 842  O OD1  . HYP C 1 20 ? 13.839  -6.667  -10.403 1.00 16.99 ? 20  HYP E OD1  1 
HETATM 843  H HA   . HYP C 1 20 ? 14.201  -8.314  -7.976  1.00 15.31 ? 20  HYP E HA   1 
HETATM 844  H HB2  . HYP C 1 20 ? 15.699  -8.066  -9.568  1.00 17.87 ? 20  HYP E HB2  1 
HETATM 845  H HB3  . HYP C 1 20 ? 16.564  -7.005  -8.711  1.00 17.87 ? 20  HYP E HB3  1 
HETATM 846  H HG   . HYP C 1 20 ? 15.620  -5.652  -10.111 1.00 17.83 ? 20  HYP E HG   1 
HETATM 847  H HD22 . HYP C 1 20 ? 13.749  -4.844  -8.654  1.00 18.00 ? 20  HYP E HD22 1 
HETATM 848  H HD23 . HYP C 1 20 ? 15.212  -4.780  -8.147  1.00 18.00 ? 20  HYP E HD23 1 
HETATM 849  H HD1  . HYP C 1 20 ? 14.120  -6.591  -11.265 1.00 20.38 ? 20  HYP E HD1  1 
ATOM   850  N N    . GLY C 1 21 ? 15.792  -9.457  -6.413  1.00 13.04 ? 21  GLY E N    1 
ATOM   851  C CA   . GLY C 1 21 ? 16.579  -10.045 -5.372  1.00 14.30 ? 21  GLY E CA   1 
ATOM   852  C C    . GLY C 1 21 ? 18.076  -9.877  -5.593  1.00 15.51 ? 21  GLY E C    1 
ATOM   853  O O    . GLY C 1 21 ? 18.592  -9.284  -6.541  1.00 16.55 ? 21  GLY E O    1 
ATOM   854  H H    . GLY C 1 21 ? 15.389  -10.029 -6.912  1.00 15.64 ? 21  GLY E H    1 
ATOM   855  H HA2  . GLY C 1 21 ? 16.348  -9.632  -4.526  1.00 17.16 ? 21  GLY E HA2  1 
ATOM   856  H HA3  . GLY C 1 21 ? 16.385  -10.995 -5.324  1.00 17.16 ? 21  GLY E HA3  1 
ATOM   857  N N    . PRO C 1 22 ? 18.852  -10.479 -4.700  1.00 17.10 ? 22  PRO E N    1 
ATOM   858  C CA   . PRO C 1 22 ? 20.323  -10.360 -4.762  1.00 19.25 ? 22  PRO E CA   1 
ATOM   859  C C    . PRO C 1 22 ? 20.877  -11.113 -5.935  1.00 20.15 ? 22  PRO E C    1 
ATOM   860  O O    . PRO C 1 22 ? 20.292  -12.024 -6.500  1.00 19.86 ? 22  PRO E O    1 
ATOM   861  C CB   . PRO C 1 22 ? 20.812  -11.016 -3.491  1.00 21.17 ? 22  PRO E CB   1 
ATOM   862  C CG   . PRO C 1 22 ? 19.770  -11.701 -2.949  1.00 22.52 ? 22  PRO E CG   1 
ATOM   863  C CD   . PRO C 1 22 ? 18.437  -11.158 -3.477  1.00 18.74 ? 22  PRO E CD   1 
ATOM   864  H HA   . PRO C 1 22 ? 20.587  -9.427  -4.773  1.00 23.10 ? 22  PRO E HA   1 
ATOM   865  H HB2  . PRO C 1 22 ? 21.538  -11.621 -3.705  1.00 25.39 ? 22  PRO E HB2  1 
ATOM   866  H HB3  . PRO C 1 22 ? 21.120  -10.331 -2.877  1.00 25.39 ? 22  PRO E HB3  1 
ATOM   867  H HG2  . PRO C 1 22 ? 19.858  -12.636 -3.188  1.00 27.01 ? 22  PRO E HG2  1 
ATOM   868  H HG3  . PRO C 1 22 ? 19.804  -11.600 -1.984  1.00 27.01 ? 22  PRO E HG3  1 
ATOM   869  H HD2  . PRO C 1 22 ? 17.816  -11.878 -3.670  1.00 22.48 ? 22  PRO E HD2  1 
ATOM   870  H HD3  . PRO C 1 22 ? 18.039  -10.535 -2.849  1.00 22.48 ? 22  PRO E HD3  1 
HETATM 871  N N    . HYP C 1 23 ? 22.093  -10.760 -6.296  1.00 22.47 ? 23  HYP E N    1 
HETATM 872  C CA   . HYP C 1 23 ? 22.697  -11.401 -7.455  1.00 23.00 ? 23  HYP E CA   1 
HETATM 873  C C    . HYP C 1 23 ? 22.827  -12.821 -7.246  1.00 23.62 ? 23  HYP E C    1 
HETATM 874  O O    . HYP C 1 23 ? 23.117  -13.293 -6.134  1.00 22.90 ? 23  HYP E O    1 
HETATM 875  C CB   . HYP C 1 23 ? 24.096  -10.752 -7.574  1.00 26.24 ? 23  HYP E CB   1 
HETATM 876  C CG   . HYP C 1 23 ? 23.924  -9.401  -6.997  1.00 28.87 ? 23  HYP E CG   1 
HETATM 877  C CD   . HYP C 1 23 ? 22.964  -9.642  -5.873  1.00 25.42 ? 23  HYP E CD   1 
HETATM 878  O OD1  . HYP C 1 23 ? 23.264  -8.593  -8.004  1.00 31.99 ? 23  HYP E OD1  1 
HETATM 879  H HA   . HYP C 1 23 ? 22.193  -11.140 -8.242  1.00 27.59 ? 23  HYP E HA   1 
HETATM 880  H HB2  . HYP C 1 23 ? 24.348  -10.682 -8.508  1.00 31.48 ? 23  HYP E HB2  1 
HETATM 881  H HB3  . HYP C 1 23 ? 24.738  -11.256 -7.048  1.00 31.48 ? 23  HYP E HB3  1 
HETATM 882  H HG   . HYP C 1 23 ? 24.764  -9.111  -6.608  1.00 34.64 ? 23  HYP E HG   1 
HETATM 883  H HD22 . HYP C 1 23 ? 23.441  -9.853  -5.054  1.00 30.50 ? 23  HYP E HD22 1 
HETATM 884  H HD23 . HYP C 1 23 ? 22.449  -8.842  -5.684  1.00 30.50 ? 23  HYP E HD23 1 
HETATM 885  H HD1  . HYP C 1 23 ? 23.313  -7.749  -7.670  1.00 38.38 ? 23  HYP E HD1  1 
ATOM   886  N N    . GLY C 1 24 ? 22.705  -13.560 -8.354  1.00 24.17 ? 24  GLY E N    1 
ATOM   887  C CA   . GLY C 1 24 ? 22.918  -14.995 -8.350  1.00 25.29 ? 24  GLY E CA   1 
ATOM   888  C C    . GLY C 1 24 ? 24.411  -15.335 -8.279  1.00 26.32 ? 24  GLY E C    1 
ATOM   889  O O    . GLY C 1 24 ? 24.740  -16.416 -7.785  1.00 28.66 ? 24  GLY E O    1 
ATOM   890  H H    . GLY C 1 24 ? 22.498  -13.243 -9.126  1.00 29.00 ? 24  GLY E H    1 
ATOM   891  H HA2  . GLY C 1 24 ? 22.474  -15.388 -7.582  1.00 30.34 ? 24  GLY E HA2  1 
ATOM   892  H HA3  . GLY C 1 24 ? 22.550  -15.381 -9.160  1.00 30.34 ? 24  GLY E HA3  1 
HETATM 893  N N    . NH2 C 1 25 ? 25.260  -14.394 -8.708  1.00 27.38 ? 25  NH2 E N    1 
HETATM 894  C C1   . EDO D 2 .  ? -31.225 20.036  3.120   1.00 46.48 ? 101 EDO C C1   1 
HETATM 895  O O1   . EDO D 2 .  ? -32.283 19.499  3.928   1.00 47.29 ? 101 EDO C O1   1 
HETATM 896  C C2   . EDO D 2 .  ? -29.851 19.667  3.725   1.00 46.14 ? 101 EDO C C2   1 
HETATM 897  O O2   . EDO D 2 .  ? -30.005 19.176  5.062   1.00 46.85 ? 101 EDO C O2   1 
HETATM 898  H H11  . EDO D 2 .  ? -31.299 19.639  2.106   1.00 55.77 ? 101 EDO C H11  1 
HETATM 899  H H12  . EDO D 2 .  ? -31.322 21.122  3.062   1.00 55.77 ? 101 EDO C H12  1 
HETATM 900  H HO1  . EDO D 2 .  ? -33.136 19.774  3.567   1.00 56.74 ? 101 EDO C HO1  1 
HETATM 901  H H21  . EDO D 2 .  ? -29.372 18.904  3.108   1.00 55.36 ? 101 EDO C H21  1 
HETATM 902  H H22  . EDO D 2 .  ? -29.205 20.547  3.731   1.00 55.36 ? 101 EDO C H22  1 
HETATM 903  H HO2  . EDO D 2 .  ? -29.133 19.033  5.455   1.00 56.21 ? 101 EDO C HO2  1 
HETATM 904  S S    . SO4 E 3 .  ? -0.253  -5.657  7.054   1.00 14.00 ? 101 SO4 E S    1 
HETATM 905  O O1   . SO4 E 3 .  ? -0.706  -6.299  5.808   1.00 18.11 ? 101 SO4 E O1   1 
HETATM 906  O O2   . SO4 E 3 .  ? -1.457  -5.259  7.758   1.00 17.28 ? 101 SO4 E O2   1 
HETATM 907  O O3   . SO4 E 3 .  ? 0.462   -6.636  7.841   1.00 16.92 ? 101 SO4 E O3   1 
HETATM 908  O O4   . SO4 E 3 .  ? 0.392   -4.423  6.669   1.00 16.63 ? 101 SO4 E O4   1 
HETATM 909  O O    . HOH F 4 .  ? -29.361 20.542  6.189   1.00 41.19 ? 201 HOH C O    1 
HETATM 910  O O    . HOH F 4 .  ? 17.723  -11.570 -12.769 1.00 47.49 ? 202 HOH C O    1 
HETATM 911  O O    . HOH F 4 .  ? -26.522 13.427  6.074   1.00 47.37 ? 203 HOH C O    1 
HETATM 912  O O    . HOH F 4 .  ? -12.195 14.358  3.274   1.00 18.33 ? 204 HOH C O    1 
HETATM 913  O O    . HOH F 4 .  ? 10.086  -15.373 -7.852  1.00 15.37 ? 205 HOH C O    1 
HETATM 914  O O    . HOH F 4 .  ? 16.754  -13.461 -12.797 1.00 18.31 ? 206 HOH C O    1 
HETATM 915  O O    . HOH F 4 .  ? -6.613  7.601   8.854   1.00 10.54 ? 207 HOH C O    1 
HETATM 916  O O    . HOH F 4 .  ? -22.208 15.441  3.495   1.00 23.97 ? 208 HOH C O    1 
HETATM 917  O O    . HOH F 4 .  ? 5.219   -10.852 0.608   1.00 18.58 ? 209 HOH C O    1 
HETATM 918  O O    . HOH F 4 .  ? 13.713  -17.850 -8.172  1.00 17.10 ? 210 HOH C O    1 
HETATM 919  O O    . HOH F 4 .  ? 6.542   -3.845  4.633   1.00 14.04 ? 211 HOH C O    1 
HETATM 920  O O    . HOH F 4 .  ? 9.142   -12.620 -0.083  1.00 13.83 ? 212 HOH C O    1 
HETATM 921  O O    . HOH F 4 .  ? -20.603 15.111  1.465   1.00 28.45 ? 213 HOH C O    1 
HETATM 922  O O    . HOH F 4 .  ? -17.891 11.912  0.092   1.00 16.70 ? 214 HOH C O    1 
HETATM 923  O O    . HOH F 4 .  ? 1.249   -0.540  5.880   1.00 13.33 ? 215 HOH C O    1 
HETATM 924  O O    . HOH F 4 .  ? -3.147  8.312   6.338   1.00 19.05 ? 216 HOH C O    1 
HETATM 925  O O    . HOH F 4 .  ? -12.962 15.137  7.727   1.00 14.20 ? 217 HOH C O    1 
HETATM 926  O O    . HOH F 4 .  ? 9.209   -13.334 -6.283  1.00 13.42 ? 218 HOH C O    1 
HETATM 927  O O    . HOH F 4 .  ? -6.017  11.497  0.593   1.00 9.97  ? 219 HOH C O    1 
HETATM 928  O O    . HOH F 4 .  ? -14.142 16.538  4.213   1.00 18.53 ? 220 HOH C O    1 
HETATM 929  O O    . HOH F 4 .  ? 4.274   -8.360  0.966   1.00 17.07 ? 221 HOH C O    1 
HETATM 930  O O    . HOH F 4 .  ? 7.659   -8.783  -8.759  1.00 11.06 ? 222 HOH C O    1 
HETATM 931  O O    . HOH F 4 .  ? -30.351 16.490  5.621   1.00 50.27 ? 223 HOH C O    1 
HETATM 932  O O    . HOH F 4 .  ? 5.611   -11.142 -6.644  1.00 12.02 ? 224 HOH C O    1 
HETATM 933  O O    . HOH F 4 .  ? 7.765   2.373   2.691   1.00 13.42 ? 225 HOH C O    1 
HETATM 934  O O    . HOH F 4 .  ? 0.008   -7.131  1.257   1.00 17.45 ? 226 HOH C O    1 
HETATM 935  O O    . HOH F 4 .  ? -24.614 20.275  6.420   1.00 35.74 ? 227 HOH C O    1 
HETATM 936  O O    . HOH F 4 .  ? 16.888  -9.444  -11.774 1.00 21.27 ? 228 HOH C O    1 
HETATM 937  O O    . HOH F 4 .  ? 24.961  -12.055 -10.805 1.00 22.22 ? 229 HOH C O    1 
HETATM 938  O O    . HOH F 4 .  ? 4.094   3.912   7.072   1.00 16.47 ? 230 HOH C O    1 
HETATM 939  O O    . HOH F 4 .  ? 29.903  -16.920 -13.550 1.00 34.94 ? 231 HOH C O    1 
HETATM 940  O O    . HOH F 4 .  ? 1.014   -7.766  -2.023  1.00 24.72 ? 232 HOH C O    1 
HETATM 941  O O    . HOH F 4 .  ? 29.291  -15.865 -15.604 1.00 38.25 ? 233 HOH C O    1 
HETATM 942  O O    . HOH F 4 .  ? 15.869  -15.990 -13.567 1.00 18.57 ? 234 HOH C O    1 
HETATM 943  O O    . HOH F 4 .  ? 3.918   7.093   4.933   1.00 43.62 ? 235 HOH C O    1 
HETATM 944  O O    . HOH F 4 .  ? 7.842   -11.337 -9.908  1.00 13.23 ? 236 HOH C O    1 
HETATM 945  O O    . HOH F 4 .  ? -26.521 19.404  3.191   1.00 51.71 ? 237 HOH C O    1 
HETATM 946  O O    . HOH F 4 .  ? 6.227   2.632   8.099   1.00 22.24 ? 238 HOH C O    1 
HETATM 947  O O    . HOH F 4 .  ? 6.685   -11.634 2.731   1.00 36.40 ? 239 HOH C O    1 
HETATM 948  O O    . HOH F 4 .  ? 18.335  -9.468  -14.095 1.00 25.76 ? 240 HOH C O    1 
HETATM 949  O O    A HOH F 4 .  ? 2.198   -10.401 -2.190  0.65 20.55 ? 241 HOH C O    1 
HETATM 950  O O    B HOH F 4 .  ? 2.074   -10.973 -2.674  0.35 21.94 ? 241 HOH C O    1 
HETATM 951  O O    . HOH F 4 .  ? 2.386   1.722   7.058   1.00 15.28 ? 242 HOH C O    1 
HETATM 952  O O    . HOH F 4 .  ? 8.149   2.942   7.138   1.00 51.91 ? 243 HOH C O    1 
HETATM 953  O O    . HOH F 4 .  ? 1.821   -8.794  2.242   1.00 23.40 ? 244 HOH C O    1 
HETATM 954  O O    . HOH F 4 .  ? -3.959  7.742   9.374   1.00 13.24 ? 245 HOH C O    1 
HETATM 955  O O    . HOH F 4 .  ? -23.789 12.967  3.867   1.00 35.32 ? 246 HOH C O    1 
HETATM 956  O O    . HOH F 4 .  ? 7.068   -13.135 -7.931  1.00 13.72 ? 247 HOH C O    1 
HETATM 957  O O    . HOH F 4 .  ? 9.140   -14.190 -3.599  1.00 14.04 ? 248 HOH C O    1 
HETATM 958  O O    . HOH F 4 .  ? -18.595 19.058  3.480   1.00 36.67 ? 249 HOH C O    1 
HETATM 959  O O    . HOH F 4 .  ? 8.378   0.680   4.967   1.00 19.57 ? 250 HOH C O    1 
HETATM 960  O O    . HOH F 4 .  ? -7.211  11.163  -1.749  1.00 13.83 ? 251 HOH C O    1 
HETATM 961  O O    A HOH F 4 .  ? -3.539  11.026  6.833   0.76 15.66 ? 252 HOH C O    1 
HETATM 962  O O    B HOH F 4 .  ? -3.516  10.045  7.925   0.24 11.36 ? 252 HOH C O    1 
HETATM 963  O O    . HOH F 4 .  ? -13.492 15.898  1.801   1.00 54.89 ? 253 HOH C O    1 
HETATM 964  O O    . HOH F 4 .  ? 3.017   6.491   7.213   1.00 14.55 ? 254 HOH C O    1 
HETATM 965  O O    . HOH F 4 .  ? 2.570   -11.524 0.037   1.00 20.98 ? 255 HOH C O    1 
HETATM 966  O O    . HOH F 4 .  ? 9.940   2.862   5.774   1.00 36.26 ? 256 HOH C O    1 
HETATM 967  O O    . HOH F 4 .  ? 2.000   -11.749 -4.715  1.00 19.41 ? 257 HOH C O    1 
HETATM 968  O O    . HOH F 4 .  ? -5.377  12.806  -2.776  1.00 14.21 ? 258 HOH C O    1 
HETATM 969  O O    A HOH F 4 .  ? -0.555  -12.662 -4.594  0.73 12.41 ? 259 HOH C O    1 
HETATM 970  O O    B HOH F 4 .  ? 0.015   -11.983 -3.736  0.27 12.15 ? 259 HOH C O    1 
HETATM 971  O O    . HOH G 4 .  ? -16.200 9.843   0.576   1.00 31.22 ? 101 HOH D O    1 
HETATM 972  O O    . HOH G 4 .  ? 8.443   -3.370  2.729   1.00 32.39 ? 102 HOH D O    1 
HETATM 973  O O    . HOH G 4 .  ? -10.229 1.461   -1.185  1.00 21.28 ? 103 HOH D O    1 
HETATM 974  O O    . HOH G 4 .  ? -23.862 11.752  15.460  1.00 28.15 ? 104 HOH D O    1 
HETATM 975  O O    . HOH G 4 .  ? 15.663  -12.011 -0.867  1.00 28.58 ? 105 HOH D O    1 
HETATM 976  O O    . HOH G 4 .  ? 16.393  -17.636 -8.859  1.00 20.68 ? 106 HOH D O    1 
HETATM 977  O O    . HOH G 4 .  ? 11.144  -3.145  0.077   1.00 20.87 ? 107 HOH D O    1 
HETATM 978  O O    . HOH G 4 .  ? -19.628 10.567  14.483  1.00 22.22 ? 108 HOH D O    1 
HETATM 979  O O    . HOH G 4 .  ? 16.977  -5.228  -1.835  1.00 26.21 ? 109 HOH D O    1 
HETATM 980  O O    . HOH G 4 .  ? 13.554  -3.952  0.876   1.00 23.72 ? 110 HOH D O    1 
HETATM 981  O O    . HOH G 4 .  ? -13.492 4.107   -0.993  1.00 14.16 ? 111 HOH D O    1 
HETATM 982  O O    . HOH G 4 .  ? 4.241   3.706   -0.625  1.00 11.54 ? 112 HOH D O    1 
HETATM 983  O O    . HOH G 4 .  ? -14.079 6.575   -0.097  1.00 26.46 ? 113 HOH D O    1 
HETATM 984  O O    . HOH G 4 .  ? 12.859  -10.931 0.659   1.00 18.51 ? 114 HOH D O    1 
HETATM 985  O O    . HOH G 4 .  ? 7.831   -4.951  2.373   1.00 14.69 ? 115 HOH D O    1 
HETATM 986  O O    . HOH G 4 .  ? 17.616  -13.798 -0.014  1.00 34.67 ? 116 HOH D O    1 
HETATM 987  O O    . HOH G 4 .  ? -4.858  9.075   0.893   1.00 10.41 ? 117 HOH D O    1 
HETATM 988  O O    . HOH G 4 .  ? -24.006 13.154  6.809   1.00 19.96 ? 118 HOH D O    1 
HETATM 989  O O    . HOH G 4 .  ? 11.119  -12.852 -1.998  1.00 12.84 ? 119 HOH D O    1 
HETATM 990  O O    . HOH G 4 .  ? 1.317   -1.917  -8.238  1.00 37.33 ? 120 HOH D O    1 
HETATM 991  O O    . HOH G 4 .  ? -7.527  8.391   -1.919  1.00 15.46 ? 121 HOH D O    1 
HETATM 992  O O    . HOH G 4 .  ? 0.663   6.673   -1.406  1.00 11.63 ? 122 HOH D O    1 
HETATM 993  O O    . HOH G 4 .  ? -14.649 10.813  0.642   1.00 44.33 ? 123 HOH D O    1 
HETATM 994  O O    . HOH G 4 .  ? 26.281  -21.667 -16.596 1.00 45.10 ? 124 HOH D O    1 
HETATM 995  O O    . HOH G 4 .  ? 15.967  -18.557 -4.683  1.00 36.79 ? 125 HOH D O    1 
HETATM 996  O O    . HOH G 4 .  ? 17.887  -20.037 -8.212  1.00 46.02 ? 126 HOH D O    1 
HETATM 997  O O    . HOH G 4 .  ? 10.453  -5.506  2.861   1.00 33.40 ? 127 HOH D O    1 
HETATM 998  O O    . HOH G 4 .  ? 12.945  -14.838 -0.959  1.00 27.53 ? 128 HOH D O    1 
HETATM 999  O O    . HOH G 4 .  ? -25.495 13.216  14.476  1.00 38.87 ? 129 HOH D O    1 
HETATM 1000 O O    . HOH G 4 .  ? -27.850 12.749  14.025  1.00 51.86 ? 130 HOH D O    1 
HETATM 1001 O O    . HOH G 4 .  ? -1.985  5.365   -4.207  1.00 14.19 ? 131 HOH D O    1 
HETATM 1002 O O    . HOH G 4 .  ? -13.492 12.104  -0.273  1.00 36.55 ? 132 HOH D O    1 
HETATM 1003 O O    . HOH G 4 .  ? -16.884 6.907   -0.338  1.00 40.11 ? 133 HOH D O    1 
HETATM 1004 O O    . HOH G 4 .  ? -4.458  8.009   -3.014  1.00 49.64 ? 134 HOH D O    1 
HETATM 1005 O O    . HOH G 4 .  ? 0.401   6.643   -4.106  1.00 12.57 ? 135 HOH D O    1 
HETATM 1006 O O    . HOH G 4 .  ? 12.880  -5.436  3.483   1.00 37.98 ? 136 HOH D O    1 
HETATM 1007 O O    . HOH G 4 .  ? -18.766 10.419  16.820  1.00 17.58 ? 137 HOH D O    1 
HETATM 1008 O O    . HOH G 4 .  ? 10.463  -11.646 2.110   1.00 26.17 ? 138 HOH D O    1 
HETATM 1009 O O    . HOH G 4 .  ? -26.926 9.680   13.479  1.00 42.28 ? 139 HOH D O    1 
HETATM 1010 O O    . HOH G 4 .  ? 11.594  -7.215  3.570   1.00 38.57 ? 140 HOH D O    1 
HETATM 1011 O O    . HOH G 4 .  ? -19.785 8.041   0.018   1.00 50.60 ? 141 HOH D O    1 
HETATM 1012 O O    . HOH G 4 .  ? 9.382   -16.549 -3.503  1.00 41.64 ? 142 HOH D O    1 
HETATM 1013 O O    . HOH G 4 .  ? -19.370 7.972   17.111  1.00 35.66 ? 143 HOH D O    1 
HETATM 1014 O O    . HOH G 4 .  ? 16.172  -21.318 -11.140 1.00 39.62 ? 144 HOH D O    1 
HETATM 1015 O O    . HOH G 4 .  ? -24.516 10.835  1.920   1.00 39.40 ? 145 HOH D O    1 
HETATM 1016 O O    . HOH G 4 .  ? -2.468  5.019   -8.467  1.00 31.43 ? 146 HOH D O    1 
HETATM 1017 O O    . HOH G 4 .  ? 0.251   9.426   -4.149  1.00 11.67 ? 147 HOH D O    1 
HETATM 1018 O O    . HOH G 4 .  ? 11.204  -13.924 3.250   1.00 21.22 ? 148 HOH D O    1 
HETATM 1019 O O    . HOH G 4 .  ? -4.189  8.679   -5.382  1.00 16.06 ? 149 HOH D O    1 
HETATM 1020 O O    . HOH G 4 .  ? -2.832  6.931   -6.705  1.00 17.80 ? 150 HOH D O    1 
HETATM 1021 O O    . HOH H 4 .  ? -0.571  -7.580  3.737   1.00 42.46 ? 201 HOH E O    1 
HETATM 1022 O O    . HOH H 4 .  ? -3.098  -6.664  4.918   1.00 48.45 ? 202 HOH E O    1 
HETATM 1023 O O    . HOH H 4 .  ? 22.557  -15.368 -4.633  1.00 37.39 ? 203 HOH E O    1 
HETATM 1024 O O    . HOH H 4 .  ? -22.428 22.377  6.067   1.00 47.75 ? 204 HOH E O    1 
HETATM 1025 O O    . HOH H 4 .  ? 2.571   -2.982  6.336   1.00 13.35 ? 205 HOH E O    1 
HETATM 1026 O O    . HOH H 4 .  ? 19.920  -7.172  -7.407  1.00 38.98 ? 206 HOH E O    1 
HETATM 1027 O O    . HOH H 4 .  ? 0.780   -3.603  -5.867  1.00 26.13 ? 207 HOH E O    1 
HETATM 1028 O O    . HOH H 4 .  ? -1.703  -1.724  -5.274  1.00 36.02 ? 208 HOH E O    1 
HETATM 1029 O O    . HOH H 4 .  ? -7.637  0.766   -0.724  1.00 14.90 ? 209 HOH E O    1 
HETATM 1030 O O    . HOH H 4 .  ? 10.416  -4.460  -9.098  1.00 29.70 ? 210 HOH E O    1 
HETATM 1031 O O    . HOH H 4 .  ? -14.376 3.968   8.185   1.00 17.61 ? 211 HOH E O    1 
HETATM 1032 O O    . HOH H 4 .  ? -14.017 17.845  8.998   1.00 20.38 ? 212 HOH E O    1 
HETATM 1033 O O    . HOH H 4 .  ? 12.146  -4.643  -11.101 1.00 15.88 ? 213 HOH E O    1 
HETATM 1034 O O    . HOH H 4 .  ? -18.064 10.003  12.273  1.00 14.28 ? 214 HOH E O    1 
HETATM 1035 O O    . HOH H 4 .  ? 8.519   -1.308  -7.742  1.00 24.61 ? 215 HOH E O    1 
HETATM 1036 O O    . HOH H 4 .  ? -10.717 3.174   8.074   1.00 13.34 ? 216 HOH E O    1 
HETATM 1037 O O    . HOH H 4 .  ? -20.824 20.857  13.851  1.00 20.19 ? 217 HOH E O    1 
HETATM 1038 O O    . HOH H 4 .  ? -18.441 18.867  11.210  1.00 17.02 ? 218 HOH E O    1 
HETATM 1039 O O    . HOH H 4 .  ? 14.816  -7.535  -12.821 1.00 28.92 ? 219 HOH E O    1 
HETATM 1040 O O    . HOH H 4 .  ? -13.637 12.181  11.733  1.00 11.29 ? 220 HOH E O    1 
HETATM 1041 O O    . HOH H 4 .  ? 17.546  -4.988  -6.581  1.00 37.42 ? 221 HOH E O    1 
HETATM 1042 O O    . HOH H 4 .  ? 10.770  -1.811  -4.920  1.00 16.06 ? 222 HOH E O    1 
HETATM 1043 O O    . HOH H 4 .  ? 1.218   -8.268  5.056   1.00 34.67 ? 223 HOH E O    1 
HETATM 1044 O O    . HOH H 4 .  ? 17.948  -7.351  -3.470  1.00 29.72 ? 224 HOH E O    1 
HETATM 1045 O O    . HOH H 4 .  ? -2.319  -7.148  -0.131  1.00 24.90 ? 225 HOH E O    1 
HETATM 1046 O O    . HOH H 4 .  ? -9.905  -0.604  5.083   1.00 11.08 ? 226 HOH E O    1 
HETATM 1047 O O    . HOH H 4 .  ? 26.789  -17.062 -9.832  1.00 36.34 ? 227 HOH E O    1 
HETATM 1048 O O    . HOH H 4 .  ? -25.027 19.237  14.283  1.00 37.66 ? 228 HOH E O    1 
HETATM 1049 O O    . HOH H 4 .  ? 2.217   -3.686  -9.369  1.00 21.82 ? 229 HOH E O    1 
HETATM 1050 O O    . HOH H 4 .  ? 1.495   -4.957  -7.672  1.00 29.75 ? 230 HOH E O    1 
HETATM 1051 O O    . HOH H 4 .  ? 24.383  -12.062 -3.691  1.00 28.47 ? 231 HOH E O    1 
HETATM 1052 O O    . HOH H 4 .  ? -16.493 19.529  12.822  1.00 46.51 ? 232 HOH E O    1 
HETATM 1053 O O    . HOH H 4 .  ? -15.553 20.666  10.959  1.00 52.06 ? 233 HOH E O    1 
HETATM 1054 O O    . HOH H 4 .  ? -6.111  -3.244  -0.772  1.00 26.58 ? 234 HOH E O    1 
HETATM 1055 O O    . HOH H 4 .  ? -21.293 26.230  14.970  1.00 40.23 ? 235 HOH E O    1 
HETATM 1056 O O    . HOH H 4 .  ? -12.368 17.293  11.212  1.00 22.67 ? 236 HOH E O    1 
HETATM 1057 O O    . HOH H 4 .  ? 20.493  -7.516  -2.468  1.00 42.45 ? 237 HOH E O    1 
HETATM 1058 O O    . HOH H 4 .  ? -8.678  1.424   8.414   1.00 13.26 ? 238 HOH E O    1 
HETATM 1059 O O    . HOH H 4 .  ? -1.727  -7.861  -2.686  1.00 22.79 ? 239 HOH E O    1 
HETATM 1060 O O    . HOH H 4 .  ? -25.088 16.904  14.791  1.00 41.44 ? 240 HOH E O    1 
HETATM 1061 O O    . HOH H 4 .  ? -13.221 19.271  13.033  1.00 33.30 ? 241 HOH E O    1 
HETATM 1062 O O    . HOH H 4 .  ? 8.801   -2.747  -9.977  1.00 29.32 ? 242 HOH E O    1 
HETATM 1063 O O    . HOH H 4 .  ? -18.430 19.424  14.113  1.00 22.52 ? 243 HOH E O    1 
HETATM 1064 O O    . HOH H 4 .  ? -12.302 14.405  10.523  1.00 15.39 ? 244 HOH E O    1 
HETATM 1065 O O    . HOH H 4 .  ? -19.405 7.564   11.532  1.00 29.68 ? 245 HOH E O    1 
HETATM 1066 O O    . HOH H 4 .  ? -9.325  -1.050  7.678   1.00 12.58 ? 246 HOH E O    1 
HETATM 1067 O O    . HOH H 4 .  ? -13.955 20.877  9.097   1.00 18.61 ? 247 HOH E O    1 
HETATM 1068 O O    . HOH H 4 .  ? -2.428  -6.533  -4.512  1.00 29.20 ? 248 HOH E O    1 
HETATM 1069 O O    . HOH H 4 .  ? -18.249 21.322  10.095  1.00 26.56 ? 249 HOH E O    1 
HETATM 1070 O O    . HOH H 4 .  ? -6.576  -3.017  -2.849  1.00 43.90 ? 250 HOH E O    1 
HETATM 1071 O O    . HOH H 4 .  ? -7.542  -1.528  -2.154  1.00 30.85 ? 251 HOH E O    1 
HETATM 1072 O O    . HOH H 4 .  ? -16.739 5.119   12.326  1.00 22.59 ? 252 HOH E O    1 
HETATM 1073 O O    . HOH H 4 .  ? -10.460 3.756   10.762  1.00 14.85 ? 253 HOH E O    1 
HETATM 1074 O O    . HOH H 4 .  ? -15.134 3.687   10.754  1.00 17.47 ? 254 HOH E O    1 
HETATM 1075 O O    . HOH H 4 .  ? -25.435 28.003  13.993  1.00 48.87 ? 255 HOH E O    1 
HETATM 1076 O O    . HOH H 4 .  ? 29.891  -15.915 -6.363  1.00 58.27 ? 256 HOH E O    1 
# 
loop_
_atom_site_anisotrop.id 
_atom_site_anisotrop.type_symbol 
_atom_site_anisotrop.pdbx_label_atom_id 
_atom_site_anisotrop.pdbx_label_alt_id 
_atom_site_anisotrop.pdbx_label_comp_id 
_atom_site_anisotrop.pdbx_label_asym_id 
_atom_site_anisotrop.pdbx_label_seq_id 
_atom_site_anisotrop.pdbx_PDB_ins_code 
_atom_site_anisotrop.U[1][1] 
_atom_site_anisotrop.U[2][2] 
_atom_site_anisotrop.U[3][3] 
_atom_site_anisotrop.U[1][2] 
_atom_site_anisotrop.U[1][3] 
_atom_site_anisotrop.U[2][3] 
_atom_site_anisotrop.pdbx_auth_seq_id 
_atom_site_anisotrop.pdbx_auth_comp_id 
_atom_site_anisotrop.pdbx_auth_asym_id 
_atom_site_anisotrop.pdbx_auth_atom_id 
1    N N   . PRO A 1  ? 0.2199 0.3199 0.4500 0.0939  0.0815  0.0049  1   PRO C N   
2    C CA  . PRO A 1  ? 0.2007 0.2913 0.4163 0.1045  0.0523  0.0101  1   PRO C CA  
3    C C   . PRO A 1  ? 0.1636 0.2963 0.3491 0.1124  0.0058  0.0048  1   PRO C C   
4    O O   . PRO A 1  ? 0.1392 0.2848 0.3226 0.0960  0.0300  0.0194  1   PRO C O   
5    C CB  . PRO A 1  ? 0.2193 0.3092 0.4666 0.1060  0.0714  -0.0088 1   PRO C CB  
6    C CG  . PRO A 1  ? 0.2392 0.3704 0.4788 0.1059  0.0772  -0.0248 1   PRO C CG  
7    C CD  . PRO A 1  ? 0.2425 0.3699 0.4768 0.0932  0.0801  -0.0227 1   PRO C CD  
17   N N   . HYP A 2  ? 0.1405 0.3401 0.3117 0.0983  -0.0177 -0.0279 2   HYP C N   
18   C CA  . HYP A 2  ? 0.1420 0.3079 0.2855 0.0666  -0.0391 -0.0227 2   HYP C CA  
19   C C   . HYP A 2  ? 0.1409 0.2188 0.3159 0.0515  -0.0306 -0.0191 2   HYP C C   
20   O O   . HYP A 2  ? 0.1787 0.2099 0.2982 0.0484  -0.0379 0.0051  2   HYP C O   
21   C CB  . HYP A 2  ? 0.1447 0.3980 0.3203 0.0534  -0.0461 -0.0335 2   HYP C CB  
22   C CG  . HYP A 2  ? 0.1553 0.4476 0.3939 0.0612  -0.0566 -0.0701 2   HYP C CG  
23   C CD  . HYP A 2  ? 0.1566 0.4245 0.3408 0.0836  -0.0513 -0.0630 2   HYP C CD  
24   O OD1 . HYP A 2  ? 0.1818 0.5087 0.4763 0.0593  -0.0864 -0.1032 2   HYP C OD1 
32   N N   . GLY A 3  ? 0.0888 0.2298 0.2683 0.0453  0.0258  -0.0249 3   GLY C N   
33   C CA  . GLY A 3  ? 0.0849 0.1985 0.2396 0.0497  0.0150  -0.0241 3   GLY C CA  
34   C C   . GLY A 3  ? 0.0835 0.1776 0.2145 0.0543  0.0154  -0.0177 3   GLY C C   
35   O O   . GLY A 3  ? 0.0924 0.1964 0.2178 0.0426  0.0081  -0.0299 3   GLY C O   
39   N N   . PRO A 4  ? 0.0881 0.1809 0.2007 0.0523  0.0053  -0.0162 4   PRO C N   
40   C CA  . PRO A 4  ? 0.0942 0.1646 0.2350 0.0402  0.0082  -0.0055 4   PRO C CA  
41   C C   . PRO A 4  ? 0.0879 0.1637 0.1599 0.0454  -0.0100 -0.0111 4   PRO C C   
42   O O   . PRO A 4  ? 0.0896 0.1669 0.1659 0.0456  -0.0025 -0.0187 4   PRO C O   
43   C CB  . PRO A 4  ? 0.1152 0.1964 0.3159 0.0177  0.0244  -0.0343 4   PRO C CB  
44   C CG  . PRO A 4  ? 0.1251 0.2701 0.2393 0.0097  0.0203  -0.0466 4   PRO C CG  
45   C CD  . PRO A 4  ? 0.1077 0.1924 0.2214 0.0360  0.0015  -0.0361 4   PRO C CD  
53   N N   . HYP A 5  ? 0.0844 0.1552 0.1710 0.0361  -0.0040 -0.0066 5   HYP C N   
54   C CA  . HYP A 5  ? 0.0791 0.1627 0.1962 0.0479  -0.0073 -0.0305 5   HYP C CA  
55   C C   . HYP A 5  ? 0.0652 0.1659 0.1618 0.0411  0.0044  -0.0247 5   HYP C C   
56   O O   . HYP A 5  ? 0.0664 0.1818 0.2019 0.0275  -0.0042 -0.0429 5   HYP C O   
57   C CB  . HYP A 5  ? 0.0879 0.2213 0.1969 0.0379  0.0046  -0.0597 5   HYP C CB  
58   C CG  . HYP A 5  ? 0.1012 0.2312 0.1843 0.0359  0.0022  -0.0432 5   HYP C CG  
59   C CD  . HYP A 5  ? 0.1057 0.1805 0.2011 0.0239  -0.0091 -0.0330 5   HYP C CD  
60   O OD1 . HYP A 5  ? 0.1141 0.2406 0.1979 0.0320  -0.0083 -0.0453 5   HYP C OD1 
68   N N   . GLY A 6  ? 0.0667 0.1555 0.1698 0.0427  0.0140  -0.0179 6   GLY C N   
69   C CA  . GLY A 6  ? 0.0672 0.1351 0.1943 0.0339  0.0110  -0.0218 6   GLY C CA  
70   C C   . GLY A 6  ? 0.0795 0.1250 0.1893 0.0407  0.0069  -0.0339 6   GLY C C   
71   O O   . GLY A 6  ? 0.0854 0.1655 0.1829 0.0451  0.0034  -0.0314 6   GLY C O   
75   N N   . ZPO A 7  ? 0.0719 0.1480 0.1845 0.0372  0.0129  -0.0345 7   ZPO C N   
76   C CB  . ZPO A 7  ? 0.0755 0.1281 0.2185 0.0296  -0.0017 -0.0295 7   ZPO C CB  
77   C CG  . ZPO A 7  ? 0.0835 0.1547 0.1887 0.0376  0.0145  -0.0245 7   ZPO C CG  
78   C C   . ZPO A 7  ? 0.0717 0.1323 0.1516 0.0218  -0.0008 -0.0244 7   ZPO C C   
79   O O   . ZPO A 7  ? 0.0552 0.1358 0.1702 0.0163  0.0091  -0.0343 7   ZPO C O   
80   C CD  . ZPO A 7  ? 0.0794 0.1595 0.1780 0.0335  0.0206  -0.0330 7   ZPO C CD  
81   N NA  . ZPO A 7  ? 0.0735 0.1313 0.1803 0.0238  0.0009  -0.0364 7   ZPO C NA  
88   N N   . HYP A 8  ? 0.0715 0.1318 0.1754 0.0222  -0.0024 -0.0246 8   HYP C N   
89   C CA  . HYP A 8  ? 0.0646 0.1246 0.1611 0.0323  0.0087  -0.0270 8   HYP C CA  
90   C C   . HYP A 8  ? 0.0488 0.1195 0.1522 0.0262  0.0102  -0.0080 8   HYP C C   
91   O O   . HYP A 8  ? 0.0671 0.1409 0.1481 0.0393  -0.0043 -0.0179 8   HYP C O   
92   C CB  . HYP A 8  ? 0.0657 0.1408 0.1681 0.0230  0.0100  -0.0154 8   HYP C CB  
93   C CG  . HYP A 8  ? 0.0748 0.1471 0.2000 0.0229  -0.0018 -0.0164 8   HYP C CG  
94   C CD  . HYP A 8  ? 0.0796 0.1334 0.1946 0.0140  -0.0019 -0.0118 8   HYP C CD  
95   O OD1 . HYP A 8  ? 0.0787 0.1454 0.2049 0.0377  0.0014  -0.0177 8   HYP C OD1 
103  N N   . GLY A 9  ? 0.0493 0.1210 0.1441 0.0257  -0.0006 -0.0238 9   GLY C N   
104  C CA  . GLY A 9  ? 0.0467 0.1144 0.1284 0.0318  -0.0038 -0.0064 9   GLY C CA  
105  C C   . GLY A 9  ? 0.0520 0.1214 0.1252 0.0325  0.0153  -0.0136 9   GLY C C   
106  O O   . GLY A 9  ? 0.0585 0.1328 0.1516 0.0368  0.0157  -0.0133 9   GLY C O   
110  N N   . PRO A 10 ? 0.0481 0.1269 0.1374 0.0293  0.0079  -0.0125 10  PRO C N   
111  C CA  . PRO A 10 ? 0.0521 0.1353 0.1412 0.0342  -0.0055 -0.0123 10  PRO C CA  
112  C C   . PRO A 10 ? 0.0532 0.1352 0.1454 0.0266  0.0100  -0.0132 10  PRO C C   
113  O O   . PRO A 10 ? 0.0610 0.1335 0.1567 0.0354  0.0044  -0.0201 10  PRO C O   
114  C CB  . PRO A 10 ? 0.0700 0.1511 0.1499 0.0499  -0.0017 -0.0165 10  PRO C CB  
115  C CG  . PRO A 10 ? 0.0668 0.1574 0.1673 0.0464  -0.0117 -0.0089 10  PRO C CG  
116  C CD  . PRO A 10 ? 0.0543 0.1415 0.1617 0.0347  -0.0092 -0.0033 10  PRO C CD  
124  N N   . ARG A 11 ? 0.0514 0.1424 0.1413 0.0279  0.0206  -0.0104 11  ARG C N   
125  C CA  . ARG A 11 ? 0.0575 0.1317 0.1379 0.0323  0.0277  -0.0082 11  ARG C CA  
126  C C   . ARG A 11 ? 0.0605 0.1237 0.1486 0.0393  0.0178  -0.0074 11  ARG C C   
127  O O   . ARG A 11 ? 0.0780 0.1315 0.1547 0.0296  0.0020  -0.0135 11  ARG C O   
128  C CB  . ARG A 11 ? 0.0543 0.1523 0.1554 0.0316  0.0212  -0.0060 11  ARG C CB  
129  C CG  . ARG A 11 ? 0.0565 0.1401 0.1455 0.0381  0.0145  -0.0077 11  ARG C CG  
130  C CD  . ARG A 11 ? 0.0577 0.1745 0.1660 0.0095  0.0225  -0.0137 11  ARG C CD  
131  N NE  . ARG A 11 ? 0.0514 0.1457 0.1722 0.0146  0.0155  -0.0137 11  ARG C NE  
132  C CZ  . ARG A 11 ? 0.0621 0.1301 0.1894 0.0149  0.0026  -0.0227 11  ARG C CZ  
133  N NH1 . ARG A 11 ? 0.0732 0.1684 0.1921 0.0227  -0.0103 -0.0312 11  ARG C NH1 
134  N NH2 . ARG A 11 ? 0.0629 0.1460 0.1838 0.0294  0.0153  -0.0262 11  ARG C NH2 
148  C C   . XZA A 12 ? 0.0612 0.1572 0.1384 0.0340  0.0171  -0.0231 12  XZA C C   
149  O O   . XZA A 12 ? 0.0614 0.1522 0.1662 0.0402  0.0152  -0.0105 12  XZA C O   
150  N NA  . XZA A 12 ? 0.0630 0.1446 0.1573 0.0381  0.0030  -0.0280 12  XZA C NA  
151  N N   . XZA A 12 ? 0.0656 0.1281 0.1353 0.0444  0.0076  -0.0187 12  XZA C N   
154  N N   . PRO A 13 ? 0.0679 0.1530 0.1818 0.0385  0.0129  -0.0252 13  PRO C N   
155  C CA  . PRO A 13 ? 0.0757 0.1590 0.1801 0.0353  0.0083  -0.0279 13  PRO C CA  
156  C C   . PRO A 13 ? 0.0740 0.1529 0.1660 0.0394  -0.0043 -0.0144 13  PRO C C   
157  O O   . PRO A 13 ? 0.0800 0.1480 0.1800 0.0502  0.0127  -0.0172 13  PRO C O   
158  C CB  . PRO A 13 ? 0.0878 0.1610 0.2465 0.0148  0.0007  -0.0196 13  PRO C CB  
159  C CG  . PRO A 13 ? 0.0906 0.1654 0.2981 0.0317  -0.0142 -0.0256 13  PRO C CG  
160  C CD  . PRO A 13 ? 0.0760 0.1693 0.2109 0.0374  0.0087  -0.0409 13  PRO C CD  
168  N N   . HYP A 14 ? 0.0665 0.1628 0.1562 0.0377  0.0100  -0.0063 14  HYP C N   
169  C CA  . HYP A 14 ? 0.0618 0.1807 0.1671 0.0362  0.0112  -0.0172 14  HYP C CA  
170  C C   . HYP A 14 ? 0.0597 0.1515 0.1543 0.0402  0.0092  -0.0121 14  HYP C C   
171  O O   . HYP A 14 ? 0.0679 0.1650 0.1904 0.0199  -0.0031 -0.0222 14  HYP C O   
172  C CB  . HYP A 14 ? 0.0684 0.1716 0.1717 0.0403  -0.0009 -0.0204 14  HYP C CB  
173  C CG  . HYP A 14 ? 0.0779 0.1613 0.1516 0.0569  -0.0017 0.0011  14  HYP C CG  
174  C CD  . HYP A 14 ? 0.0829 0.1557 0.1692 0.0409  0.0021  -0.0093 14  HYP C CD  
175  O OD1 . HYP A 14 ? 0.0719 0.1687 0.1810 0.0489  0.0046  -0.0182 14  HYP C OD1 
183  N N   . GLY A 15 ? 0.0683 0.1373 0.1633 0.0410  0.0023  -0.0303 15  GLY C N   
184  C CA  . GLY A 15 ? 0.0650 0.1280 0.1564 0.0376  0.0077  -0.0156 15  GLY C CA  
185  C C   . GLY A 15 ? 0.0540 0.1150 0.1551 0.0291  0.0001  -0.0211 15  GLY C C   
186  O O   . GLY A 15 ? 0.0637 0.1291 0.1439 0.0437  0.0064  -0.0156 15  GLY C O   
190  N N   . PRO A 16 ? 0.0561 0.1248 0.1644 0.0312  -0.0061 -0.0190 16  PRO C N   
191  C CA  . PRO A 16 ? 0.0554 0.1336 0.1550 0.0155  -0.0001 -0.0259 16  PRO C CA  
192  C C   . PRO A 16 ? 0.0598 0.1346 0.1490 0.0167  0.0019  -0.0209 16  PRO C C   
193  O O   . PRO A 16 ? 0.0637 0.1195 0.1716 0.0245  -0.0001 -0.0085 16  PRO C O   
194  C CB  . PRO A 16 ? 0.0736 0.1551 0.1691 0.0334  -0.0112 -0.0262 16  PRO C CB  
195  C CG  . PRO A 16 ? 0.0898 0.1636 0.1559 0.0291  -0.0138 -0.0360 16  PRO C CG  
196  C CD  . PRO A 16 ? 0.0663 0.1527 0.1826 0.0279  -0.0091 -0.0408 16  PRO C CD  
204  N N   . HYP A 17 ? 0.0550 0.1170 0.1698 0.0117  0.0025  -0.0044 17  HYP C N   
205  C CA  . HYP A 17 ? 0.0511 0.1256 0.1645 0.0270  0.0003  -0.0107 17  HYP C CA  
206  C C   . HYP A 17 ? 0.0539 0.1262 0.1522 0.0332  0.0130  -0.0080 17  HYP C C   
207  O O   . HYP A 17 ? 0.0609 0.1473 0.1710 0.0187  -0.0026 -0.0292 17  HYP C O   
208  C CB  . HYP A 17 ? 0.0687 0.1242 0.1840 0.0369  -0.0062 -0.0033 17  HYP C CB  
209  C CG  . HYP A 17 ? 0.0765 0.1292 0.1862 0.0376  0.0051  -0.0022 17  HYP C CG  
210  C CD  . HYP A 17 ? 0.0777 0.1457 0.2074 0.0192  0.0015  -0.0140 17  HYP C CD  
211  O OD1 . HYP A 17 ? 0.0899 0.1557 0.1765 0.0382  -0.0020 -0.0065 17  HYP C OD1 
219  N N   . GLY A 18 ? 0.0503 0.1395 0.1505 0.0240  0.0150  -0.0167 18  GLY C N   
220  C CA  . GLY A 18 ? 0.0603 0.1298 0.1805 0.0339  0.0032  -0.0118 18  GLY C CA  
221  C C   . GLY A 18 ? 0.0749 0.1507 0.1531 0.0537  -0.0024 -0.0096 18  GLY C C   
222  O O   . GLY A 18 ? 0.0744 0.1476 0.1686 0.0466  -0.0018 -0.0247 18  GLY C O   
226  N N   . PRO A 19 ? 0.0997 0.1501 0.1757 0.0563  0.0009  -0.0142 19  PRO C N   
227  C CA  . PRO A 19 ? 0.1092 0.1848 0.1734 0.0552  -0.0032 -0.0312 19  PRO C CA  
228  C C   . PRO A 19 ? 0.0884 0.1609 0.1863 0.0382  0.0040  -0.0379 19  PRO C C   
229  O O   . PRO A 19 ? 0.0810 0.1593 0.1986 0.0501  -0.0026 -0.0295 19  PRO C O   
230  C CB  . PRO A 19 ? 0.1496 0.2231 0.2072 0.0674  -0.0074 -0.0228 19  PRO C CB  
231  C CG  . PRO A 19 ? 0.1528 0.2072 0.1974 0.0401  0.0073  -0.0014 19  PRO C CG  
232  C CD  . PRO A 19 ? 0.1186 0.1780 0.1625 0.0623  0.0181  0.0001  19  PRO C CD  
240  N N   . HYP A 20 ? 0.0898 0.1726 0.1965 0.0412  -0.0064 -0.0274 20  HYP C N   
241  C CA  . HYP A 20 ? 0.0970 0.1878 0.2409 0.0533  -0.0036 -0.0497 20  HYP C CA  
242  C C   . HYP A 20 ? 0.0953 0.2144 0.2585 0.0297  0.0252  -0.0697 20  HYP C C   
243  O O   . HYP A 20 ? 0.0973 0.2184 0.2915 0.0270  0.0449  -0.0387 20  HYP C O   
244  C CB  . HYP A 20 ? 0.1241 0.2061 0.2089 0.0541  -0.0240 -0.0425 20  HYP C CB  
245  C CG  . HYP A 20 ? 0.1247 0.1733 0.1796 0.0518  -0.0224 -0.0214 20  HYP C CG  
246  C CD  . HYP A 20 ? 0.0996 0.2037 0.1836 0.0442  -0.0060 -0.0363 20  HYP C CD  
247  O OD1 . HYP A 20 ? 0.1379 0.1599 0.2277 0.0557  -0.0369 -0.0457 20  HYP C OD1 
255  N N   . GLY A 21 ? 0.1002 0.2373 0.2697 0.0278  0.0195  -0.0866 21  GLY C N   
256  C CA  . GLY A 21 ? 0.0998 0.2678 0.2553 0.0239  0.0126  -0.0984 21  GLY C CA  
257  C C   . GLY A 21 ? 0.1080 0.2917 0.2604 0.0197  0.0003  -0.0885 21  GLY C C   
258  O O   . GLY A 21 ? 0.1115 0.2633 0.2572 0.0389  -0.0137 -0.1003 21  GLY C O   
262  N N   . PRO A 22 ? 0.1107 0.3149 0.2949 -0.0056 0.0286  -0.0963 22  PRO C N   
263  C CA  . PRO A 22 ? 0.1145 0.3383 0.3197 0.0041  0.0187  -0.1048 22  PRO C CA  
264  C C   . PRO A 22 ? 0.1185 0.3595 0.3065 0.0353  -0.0095 -0.1078 22  PRO C C   
265  O O   . PRO A 22 ? 0.1297 0.4069 0.2891 0.0517  -0.0265 -0.1053 22  PRO C O   
266  C CB  . PRO A 22 ? 0.1341 0.3562 0.3496 -0.0125 0.0094  -0.1035 22  PRO C CB  
267  C CG  . PRO A 22 ? 0.1429 0.3823 0.3431 -0.0229 0.0152  -0.0996 22  PRO C CG  
268  C CD  . PRO A 22 ? 0.1341 0.3758 0.3263 -0.0199 0.0196  -0.1203 22  PRO C CD  
276  N N   . HYP A 23 ? 0.1058 0.3300 0.2954 0.0209  -0.0083 -0.0952 23  HYP C N   
277  C CA  . HYP A 23 ? 0.1081 0.3109 0.2910 0.0270  -0.0081 -0.0784 23  HYP C CA  
278  C C   . HYP A 23 ? 0.1136 0.3104 0.3214 0.0479  -0.0061 -0.0723 23  HYP C C   
279  O O   . HYP A 23 ? 0.1140 0.3621 0.3106 0.0440  -0.0014 -0.0675 23  HYP C O   
280  C CB  . HYP A 23 ? 0.1116 0.3522 0.2640 0.0175  -0.0091 -0.0826 23  HYP C CB  
281  C CG  . HYP A 23 ? 0.1079 0.3290 0.2869 0.0111  0.0024  -0.0812 23  HYP C CG  
282  C CD  . HYP A 23 ? 0.1059 0.3351 0.3026 0.0003  0.0019  -0.0952 23  HYP C CD  
283  O OD1 . HYP A 23 ? 0.1244 0.2790 0.2928 0.0364  -0.0392 -0.0807 23  HYP C OD1 
291  N N   . GLY A 24 ? 0.1238 0.3190 0.3499 0.0657  -0.0068 -0.0664 24  GLY C N   
292  C CA  . GLY A 24 ? 0.1403 0.3344 0.3798 0.0646  -0.0133 -0.0893 24  GLY C CA  
293  C C   . GLY A 24 ? 0.1560 0.3705 0.4092 0.0422  0.0138  -0.1062 24  GLY C C   
294  O O   . GLY A 24 ? 0.1750 0.4117 0.4564 0.0392  0.0150  -0.1687 24  GLY C O   
298  N N   . NH2 A 25 ? 0.1571 0.3984 0.4388 0.0317  0.0323  -0.0882 25  NH2 C N   
299  N N   . PRO B 1  ? 0.1195 0.2824 0.3147 0.0228  -0.0168 0.0260  1   PRO D N   
300  C CA  . PRO B 1  ? 0.1016 0.2624 0.3096 0.0216  -0.0005 -0.0161 1   PRO D CA  
301  C C   . PRO B 1  ? 0.0839 0.2188 0.2492 0.0243  0.0059  -0.0142 1   PRO D C   
302  O O   . PRO B 1  ? 0.0845 0.2203 0.2468 0.0327  -0.0001 -0.0249 1   PRO D O   
303  C CB  . PRO B 1  ? 0.1045 0.3002 0.3635 -0.0127 -0.0005 -0.0412 1   PRO D CB  
304  C CG  . PRO B 1  ? 0.1347 0.3393 0.4147 -0.0195 -0.0505 -0.0239 1   PRO D CG  
305  C CD  . PRO B 1  ? 0.1304 0.3168 0.3681 -0.0121 -0.0380 0.0230  1   PRO D CD  
315  N N   . HYP B 2  ? 0.0820 0.2518 0.2075 0.0316  0.0104  -0.0392 2   HYP D N   
316  C CA  . HYP B 2  ? 0.0732 0.2295 0.1970 0.0324  0.0174  -0.0201 2   HYP D CA  
317  C C   . HYP B 2  ? 0.0817 0.2312 0.2106 0.0389  0.0103  -0.0482 2   HYP D C   
318  O O   . HYP B 2  ? 0.0936 0.2198 0.1988 0.0240  -0.0101 -0.0377 2   HYP D O   
319  C CB  . HYP B 2  ? 0.0825 0.2507 0.2379 0.0235  0.0073  -0.0398 2   HYP D CB  
320  C CG  . HYP B 2  ? 0.0998 0.2302 0.2504 0.0223  -0.0017 -0.0442 2   HYP D CG  
321  C CD  . HYP B 2  ? 0.0953 0.2495 0.2054 0.0242  0.0007  -0.0332 2   HYP D CD  
322  O OD1 . HYP B 2  ? 0.1160 0.2390 0.2260 0.0282  -0.0080 -0.0416 2   HYP D OD1 
330  N N   . GLY B 3  ? 0.0801 0.2216 0.1835 0.0412  0.0100  -0.0404 3   GLY D N   
331  C CA  . GLY B 3  ? 0.0908 0.1627 0.2053 0.0601  -0.0080 -0.0227 3   GLY D CA  
332  C C   . GLY B 3  ? 0.0885 0.1649 0.1885 0.0570  -0.0236 -0.0296 3   GLY D C   
333  O O   . GLY B 3  ? 0.0865 0.1780 0.1895 0.0480  -0.0311 -0.0364 3   GLY D O   
337  N N   . PRO B 4  ? 0.0897 0.1631 0.1966 0.0471  -0.0151 -0.0459 4   PRO D N   
338  C CA  . PRO B 4  ? 0.0915 0.1779 0.2071 0.0389  -0.0298 -0.0521 4   PRO D CA  
339  C C   . PRO B 4  ? 0.0809 0.1600 0.1924 0.0264  -0.0200 -0.0327 4   PRO D C   
340  O O   . PRO B 4  ? 0.0718 0.1548 0.1892 0.0240  -0.0100 -0.0250 4   PRO D O   
341  C CB  . PRO B 4  ? 0.1148 0.2486 0.2117 0.0458  -0.0288 -0.0584 4   PRO D CB  
342  C CG  . PRO B 4  ? 0.1332 0.2177 0.2265 0.0380  -0.0238 -0.0413 4   PRO D CG  
343  C CD  . PRO B 4  ? 0.1054 0.1758 0.1939 0.0472  -0.0039 -0.0382 4   PRO D CD  
351  N N   . HYP B 5  ? 0.0801 0.1440 0.2122 0.0358  -0.0122 -0.0349 5   HYP D N   
352  C CA  . HYP B 5  ? 0.0891 0.1458 0.2097 0.0527  -0.0160 -0.0275 5   HYP D CA  
353  C C   . HYP B 5  ? 0.0804 0.1584 0.1724 0.0561  -0.0089 -0.0197 5   HYP D C   
354  O O   . HYP B 5  ? 0.0819 0.2234 0.1653 0.0551  -0.0103 -0.0081 5   HYP D O   
355  C CB  . HYP B 5  ? 0.1158 0.1650 0.2332 0.0518  -0.0332 -0.0350 5   HYP D CB  
356  C CG  . HYP B 5  ? 0.1296 0.1824 0.2195 0.0351  -0.0480 -0.0117 5   HYP D CG  
357  C CD  . HYP B 5  ? 0.0940 0.1768 0.2061 0.0322  -0.0237 -0.0274 5   HYP D CD  
358  O OD1 . HYP B 5  ? 0.1641 0.2225 0.2561 0.0187  -0.0704 0.0000  5   HYP D OD1 
366  N N   . GLY B 6  ? 0.0763 0.1730 0.1569 0.0474  -0.0034 -0.0424 6   GLY D N   
367  C CA  . GLY B 6  ? 0.0711 0.1583 0.1608 0.0462  -0.0043 -0.0305 6   GLY D CA  
368  C C   . GLY B 6  ? 0.0784 0.1541 0.1605 0.0519  -0.0116 -0.0325 6   GLY D C   
369  O O   . GLY B 6  ? 0.0815 0.1741 0.1573 0.0482  -0.0069 -0.0407 6   GLY D O   
373  N N   . ZPO B 7  ? 0.0892 0.1748 0.1653 0.0493  -0.0068 -0.0382 7   ZPO D N   
374  C CB  . ZPO B 7  ? 0.1190 0.1738 0.1801 0.0265  0.0026  -0.0198 7   ZPO D CB  
375  C CG  . ZPO B 7  ? 0.1212 0.1887 0.1881 0.0331  -0.0046 -0.0209 7   ZPO D CG  
376  C C   . ZPO B 7  ? 0.0802 0.1536 0.1396 0.0279  -0.0074 -0.0106 7   ZPO D C   
377  O O   . ZPO B 7  ? 0.0675 0.1641 0.1255 0.0327  -0.0074 -0.0184 7   ZPO D O   
378  C CD  . ZPO B 7  ? 0.1044 0.1400 0.1782 0.0502  -0.0171 -0.0197 7   ZPO D CD  
379  N NA  . ZPO B 7  ? 0.0985 0.1756 0.1369 0.0413  -0.0065 -0.0274 7   ZPO D NA  
386  N N   . HYP B 8  ? 0.0742 0.1604 0.1535 0.0377  -0.0154 -0.0307 8   HYP D N   
387  C CA  . HYP B 8  ? 0.0649 0.1396 0.1488 0.0444  -0.0112 -0.0089 8   HYP D CA  
388  C C   . HYP B 8  ? 0.0582 0.1222 0.1302 0.0433  0.0003  -0.0010 8   HYP D C   
389  O O   . HYP B 8  ? 0.0643 0.1355 0.1596 0.0366  0.0072  -0.0052 8   HYP D O   
390  C CB  . HYP B 8  ? 0.0788 0.1409 0.1359 0.0395  0.0057  -0.0227 8   HYP D CB  
391  C CG  . HYP B 8  ? 0.0950 0.1585 0.1576 0.0280  -0.0066 -0.0311 8   HYP D CG  
392  C CD  . HYP B 8  ? 0.0922 0.1629 0.1937 0.0437  -0.0293 -0.0336 8   HYP D CD  
393  O OD1 . HYP B 8  ? 0.1107 0.1821 0.1946 0.0254  -0.0065 -0.0456 8   HYP D OD1 
401  N N   . GLY B 9  ? 0.0511 0.1310 0.1434 0.0358  0.0092  -0.0036 9   GLY D N   
402  C CA  . GLY B 9  ? 0.0496 0.1495 0.1405 0.0308  0.0038  -0.0085 9   GLY D CA  
403  C C   . GLY B 9  ? 0.0498 0.1409 0.1558 0.0302  0.0113  -0.0021 9   GLY D C   
404  O O   . GLY B 9  ? 0.0607 0.1697 0.1473 0.0389  0.0013  -0.0189 9   GLY D O   
408  N N   . PRO B 10 ? 0.0555 0.1329 0.1523 0.0394  0.0054  -0.0036 10  PRO D N   
409  C CA  . PRO B 10 ? 0.0556 0.1389 0.1735 0.0284  0.0170  0.0081  10  PRO D CA  
410  C C   . PRO B 10 ? 0.0726 0.1422 0.1586 0.0302  0.0081  -0.0099 10  PRO D C   
411  O O   . PRO B 10 ? 0.0753 0.1445 0.1644 0.0381  0.0079  -0.0009 10  PRO D O   
412  C CB  . PRO B 10 ? 0.0624 0.1443 0.1768 0.0384  0.0164  0.0024  10  PRO D CB  
413  C CG  . PRO B 10 ? 0.0677 0.1632 0.1882 0.0419  0.0002  -0.0067 10  PRO D CG  
414  C CD  . PRO B 10 ? 0.0610 0.1329 0.1507 0.0447  0.0079  -0.0034 10  PRO D CD  
422  N N   . ARG B 11 ? 0.0748 0.1444 0.1494 0.0547  0.0068  0.0060  11  ARG D N   
423  C CA  . ARG B 11 ? 0.0746 0.1459 0.1583 0.0550  0.0067  0.0010  11  ARG D CA  
424  C C   . ARG B 11 ? 0.0599 0.1315 0.1498 0.0417  0.0130  -0.0080 11  ARG D C   
425  O O   . ARG B 11 ? 0.0651 0.1348 0.1547 0.0475  0.0043  -0.0065 11  ARG D O   
426  C CB  . ARG B 11 ? 0.0994 0.2270 0.1859 0.0719  0.0120  -0.0098 11  ARG D CB  
427  C CG  . ARG B 11 ? 0.1189 0.2163 0.2051 0.0836  0.0067  0.0045  11  ARG D CG  
428  C CD  . ARG B 11 ? 0.1188 0.2157 0.1828 0.0675  0.0314  0.0090  11  ARG D CD  
429  N NE  . ARG B 11 ? 0.1357 0.2046 0.1811 0.0604  0.0023  0.0166  11  ARG D NE  
430  C CZ  . ARG B 11 ? 0.1374 0.1966 0.1778 0.0609  -0.0046 0.0181  11  ARG D CZ  
431  N NH1 . ARG B 11 ? 0.1356 0.1981 0.2317 0.0771  -0.0170 0.0043  11  ARG D NH1 
432  N NH2 . ARG B 11 ? 0.1420 0.2032 0.1842 0.0700  0.0103  -0.0143 11  ARG D NH2 
446  C C   . XZA B 12 ? 0.0573 0.1138 0.1549 0.0313  0.0052  -0.0223 12  XZA D C   
447  O O   . XZA B 12 ? 0.0630 0.1122 0.1556 0.0355  0.0172  -0.0116 12  XZA D O   
448  N NA  . XZA B 12 ? 0.0576 0.1379 0.1525 0.0423  0.0013  -0.0006 12  XZA D NA  
449  N N   . XZA B 12 ? 0.0576 0.1399 0.1556 0.0409  0.0107  -0.0045 12  XZA D N   
452  N N   . PRO B 13 ? 0.0608 0.1262 0.1522 0.0406  0.0045  -0.0141 13  PRO D N   
453  C CA  . PRO B 13 ? 0.0569 0.1238 0.1584 0.0336  0.0033  -0.0178 13  PRO D CA  
454  C C   . PRO B 13 ? 0.0560 0.1398 0.1376 0.0245  0.0090  -0.0387 13  PRO D C   
455  O O   . PRO B 13 ? 0.0614 0.1323 0.1416 0.0367  -0.0003 -0.0322 13  PRO D O   
456  C CB  . PRO B 13 ? 0.0774 0.1716 0.1624 0.0527  -0.0144 -0.0227 13  PRO D CB  
457  C CG  . PRO B 13 ? 0.0784 0.1624 0.1604 0.0527  -0.0030 -0.0309 13  PRO D CG  
458  C CD  . PRO B 13 ? 0.0621 0.1449 0.1523 0.0403  0.0125  -0.0067 13  PRO D CD  
466  N N   . HYP B 14 ? 0.0626 0.1131 0.1558 0.0280  0.0123  -0.0289 14  HYP D N   
467  C CA  . HYP B 14 ? 0.0614 0.1610 0.1309 0.0374  0.0152  -0.0165 14  HYP D CA  
468  C C   . HYP B 14 ? 0.0604 0.1327 0.1508 0.0411  0.0047  -0.0095 14  HYP D C   
469  O O   . HYP B 14 ? 0.0802 0.1378 0.1597 0.0491  0.0056  -0.0281 14  HYP D O   
470  C CB  . HYP B 14 ? 0.0703 0.1504 0.1452 0.0438  0.0117  -0.0167 14  HYP D CB  
471  C CG  . HYP B 14 ? 0.0761 0.1600 0.1727 0.0376  0.0033  -0.0419 14  HYP D CG  
472  C CD  . HYP B 14 ? 0.0794 0.1430 0.1638 0.0396  -0.0082 -0.0376 14  HYP D CD  
473  O OD1 . HYP B 14 ? 0.0957 0.1299 0.1823 0.0288  -0.0007 -0.0083 14  HYP D OD1 
481  N N   . GLY B 15 ? 0.0613 0.1352 0.1448 0.0415  0.0055  -0.0171 15  GLY D N   
482  C CA  . GLY B 15 ? 0.0551 0.1377 0.1296 0.0387  0.0033  -0.0108 15  GLY D CA  
483  C C   . GLY B 15 ? 0.0642 0.1309 0.1344 0.0423  0.0107  -0.0197 15  GLY D C   
484  O O   . GLY B 15 ? 0.0654 0.1396 0.1656 0.0391  -0.0018 -0.0294 15  GLY D O   
488  N N   . PRO B 16 ? 0.0788 0.1444 0.1553 0.0572  0.0029  -0.0091 16  PRO D N   
489  C CA  . PRO B 16 ? 0.0950 0.1561 0.1625 0.0557  -0.0110 -0.0040 16  PRO D CA  
490  C C   . PRO B 16 ? 0.0771 0.1335 0.1658 0.0402  -0.0322 -0.0168 16  PRO D C   
491  O O   . PRO B 16 ? 0.0628 0.1412 0.1633 0.0295  -0.0125 -0.0136 16  PRO D O   
492  C CB  . PRO B 16 ? 0.1225 0.2046 0.1958 0.0548  0.0125  0.0374  16  PRO D CB  
493  C CG  . PRO B 16 ? 0.1311 0.1920 0.2205 0.0405  -0.0167 0.0057  16  PRO D CG  
494  C CD  . PRO B 16 ? 0.0879 0.1400 0.1969 0.0375  0.0143  -0.0011 16  PRO D CD  
502  N N   . HYP B 17 ? 0.0833 0.1470 0.1924 0.0418  -0.0385 -0.0481 17  HYP D N   
503  C CA  . HYP B 17 ? 0.0704 0.1688 0.1973 0.0351  -0.0097 -0.0444 17  HYP D CA  
504  C C   . HYP B 17 ? 0.0611 0.1470 0.1803 0.0316  -0.0025 -0.0294 17  HYP D C   
505  O O   . HYP B 17 ? 0.0820 0.1567 0.1727 0.0415  -0.0020 -0.0292 17  HYP D O   
506  C CB  . HYP B 17 ? 0.0843 0.1825 0.2300 0.0376  -0.0259 -0.0596 17  HYP D CB  
507  C CG  . HYP B 17 ? 0.1069 0.1783 0.2749 0.0402  -0.0605 -0.0599 17  HYP D CG  
508  C CD  . HYP B 17 ? 0.1031 0.1577 0.2451 0.0394  -0.0578 -0.0423 17  HYP D CD  
509  O OD1 . HYP B 17 ? 0.0994 0.2095 0.2977 0.0277  -0.0490 -0.0647 17  HYP D OD1 
517  N N   . GLY B 18 ? 0.0630 0.1541 0.1809 0.0362  0.0005  -0.0241 18  GLY D N   
518  C CA  . GLY B 18 ? 0.0638 0.1641 0.1892 0.0319  0.0094  -0.0280 18  GLY D CA  
519  C C   . GLY B 18 ? 0.0693 0.1711 0.2015 0.0351  -0.0086 -0.0379 18  GLY D C   
520  O O   . GLY B 18 ? 0.0824 0.1714 0.2170 0.0405  -0.0326 -0.0465 18  GLY D O   
524  N N   . PRO B 19 ? 0.0863 0.1546 0.2432 0.0388  -0.0277 -0.0473 19  PRO D N   
525  C CA  . PRO B 19 ? 0.1114 0.1669 0.2882 0.0464  -0.0527 -0.0566 19  PRO D CA  
526  C C   . PRO B 19 ? 0.1047 0.1760 0.2670 0.0463  -0.0454 -0.0708 19  PRO D C   
527  O O   . PRO B 19 ? 0.0900 0.2312 0.2404 0.0411  -0.0097 -0.0704 19  PRO D O   
528  C CB  . PRO B 19 ? 0.1245 0.1896 0.3307 0.0510  -0.0543 -0.0728 19  PRO D CB  
529  C CG  . PRO B 19 ? 0.1157 0.1847 0.2625 0.0323  -0.0501 -0.0460 19  PRO D CG  
530  C CD  . PRO B 19 ? 0.0827 0.1559 0.2257 0.0338  -0.0207 -0.0516 19  PRO D CD  
538  N N   . HYP B 20 ? 0.1258 0.2327 0.2978 0.0652  -0.0500 -0.0787 20  HYP D N   
539  C CA  . HYP B 20 ? 0.1324 0.2771 0.3252 0.0676  -0.0449 -0.0956 20  HYP D CA  
540  C C   . HYP B 20 ? 0.1355 0.2920 0.3205 0.0643  -0.0309 -0.1225 20  HYP D C   
541  O O   . HYP B 20 ? 0.1398 0.2777 0.3173 0.0631  -0.0276 -0.1312 20  HYP D O   
542  C CB  . HYP B 20 ? 0.1316 0.2610 0.3467 0.0643  -0.0517 -0.0754 20  HYP D CB  
543  C CG  . HYP B 20 ? 0.1371 0.2509 0.3289 0.0554  -0.0690 -0.0648 20  HYP D CG  
544  C CD  . HYP B 20 ? 0.1375 0.2256 0.3346 0.0599  -0.0747 -0.0554 20  HYP D CD  
545  O OD1 . HYP B 20 ? 0.1571 0.2898 0.3082 0.0803  -0.0842 -0.0727 20  HYP D OD1 
553  N N   . GLY B 21 ? 0.1520 0.2895 0.3313 0.0772  -0.0295 -0.1229 21  GLY D N   
554  C CA  . GLY B 21 ? 0.1757 0.2737 0.3481 0.1026  -0.0440 -0.0871 21  GLY D CA  
555  C C   . GLY B 21 ? 0.1876 0.3087 0.2930 0.1177  -0.0216 -0.0755 21  GLY D C   
556  O O   . GLY B 21 ? 0.1998 0.3346 0.2999 0.1344  -0.0205 -0.0756 21  GLY D O   
560  N N   . PRO B 22 ? 0.2052 0.2787 0.2575 0.1175  -0.0192 -0.0666 22  PRO D N   
561  C CA  . PRO B 22 ? 0.2408 0.3271 0.2744 0.1489  -0.0324 -0.0668 22  PRO D CA  
562  C C   . PRO B 22 ? 0.2708 0.3842 0.2656 0.1807  -0.0157 -0.0621 22  PRO D C   
563  O O   . PRO B 22 ? 0.2470 0.3933 0.3050 0.1451  -0.0031 -0.0991 22  PRO D O   
564  C CB  . PRO B 22 ? 0.2455 0.3201 0.2616 0.1457  -0.0543 -0.0667 22  PRO D CB  
565  C CG  . PRO B 22 ? 0.2374 0.3047 0.2898 0.1209  -0.0618 -0.0851 22  PRO D CG  
566  C CD  . PRO B 22 ? 0.2160 0.2920 0.2561 0.0903  -0.0384 -0.0680 22  PRO D CD  
574  N N   . HYP B 23 ? 0.3222 0.4049 0.3285 0.2135  -0.0109 -0.0003 23  HYP D N   
575  C CA  . HYP B 23 ? 0.3339 0.4235 0.3127 0.2201  0.0099  0.0189  23  HYP D CA  
576  C C   . HYP B 23 ? 0.3304 0.4297 0.2805 0.2116  0.0252  -0.0286 23  HYP D C   
577  O O   . HYP B 23 ? 0.3398 0.4097 0.2994 0.2162  0.0102  -0.0366 23  HYP D O   
578  C CB  . HYP B 23 ? 0.3509 0.4398 0.3912 0.2248  0.0011  0.0375  23  HYP D CB  
579  C CG  . HYP B 23 ? 0.3709 0.5171 0.3996 0.2060  -0.0109 0.0337  23  HYP D CG  
580  C CD  . HYP B 23 ? 0.3495 0.4318 0.3597 0.2112  -0.0075 0.0466  23  HYP D CD  
581  O OD1 . HYP B 23 ? 0.4060 0.6045 0.4216 0.1750  -0.0340 0.0296  23  HYP D OD1 
589  N N   . GLY B 24 ? 0.3387 0.4313 0.3051 0.1984  0.0073  -0.0400 24  GLY D N   
590  C CA  . GLY B 24 ? 0.3466 0.4477 0.3105 0.1671  0.0109  -0.0568 24  GLY D CA  
591  C C   . GLY B 24 ? 0.3643 0.4611 0.3434 0.1358  0.0103  -0.0580 24  GLY D C   
592  O O   . GLY B 24 ? 0.3543 0.4906 0.4067 0.1535  -0.0098 -0.0912 24  GLY D O   
596  N N   . NH2 B 25 ? 0.3989 0.4604 0.3918 0.1020  -0.0058 -0.0263 25  NH2 D N   
597  N N   . PRO C 1  ? 0.4327 0.5897 0.6652 0.1964  -0.1613 -0.1437 1   PRO E N   
598  C CA  . PRO C 1  ? 0.4035 0.5419 0.6108 0.1909  -0.1383 -0.1390 1   PRO E CA  
599  C C   . PRO C 1  ? 0.3429 0.4339 0.4839 0.1724  -0.0802 -0.1131 1   PRO E C   
600  O O   . PRO C 1  ? 0.3305 0.4852 0.4250 0.2064  -0.0506 -0.1422 1   PRO E O   
601  C CB  . PRO C 1  ? 0.4311 0.6079 0.6525 0.1912  -0.1645 -0.1429 1   PRO E CB  
602  C CG  . PRO C 1  ? 0.4461 0.6285 0.6836 0.1997  -0.1764 -0.1411 1   PRO E CG  
603  C CD  . PRO C 1  ? 0.4470 0.6232 0.6920 0.2006  -0.1727 -0.1418 1   PRO E CD  
613  N N   . HYP C 2  ? 0.2936 0.3098 0.4027 0.0973  -0.0443 -0.0456 2   HYP E N   
614  C CA  . HYP C 2  ? 0.2436 0.2687 0.3507 0.0727  -0.0329 -0.0259 2   HYP E CA  
615  C C   . HYP C 2  ? 0.1689 0.2420 0.2546 0.0628  -0.0092 -0.0486 2   HYP E C   
616  O O   . HYP C 2  ? 0.1647 0.2605 0.2954 0.0706  -0.0430 -0.0831 2   HYP E O   
617  C CB  . HYP C 2  ? 0.2660 0.2499 0.3893 0.0719  -0.0337 -0.0061 2   HYP E CB  
618  C CG  . HYP C 2  ? 0.2951 0.2892 0.4148 0.0886  -0.0475 -0.0038 2   HYP E CG  
619  C CD  . HYP C 2  ? 0.3001 0.3183 0.4100 0.0816  -0.0421 -0.0302 2   HYP E CD  
620  O OD1 . HYP C 2  ? 0.3069 0.3249 0.4505 0.1127  -0.0586 -0.0062 2   HYP E OD1 
628  N N   . GLY C 3  ? 0.1296 0.2155 0.2389 0.0718  -0.0090 -0.0430 3   GLY E N   
629  C CA  . GLY C 3  ? 0.1015 0.1765 0.2388 0.0664  0.0153  -0.0071 3   GLY E CA  
630  C C   . GLY C 3  ? 0.0939 0.1607 0.2337 0.0542  0.0121  -0.0172 3   GLY E C   
631  O O   . GLY C 3  ? 0.0984 0.1954 0.2241 0.0428  -0.0041 -0.0221 3   GLY E O   
635  N N   . PRO C 4  ? 0.0840 0.1837 0.1990 0.0521  0.0073  -0.0352 4   PRO E N   
636  C CA  . PRO C 4  ? 0.0775 0.1867 0.1845 0.0434  0.0022  -0.0350 4   PRO E CA  
637  C C   . PRO C 4  ? 0.0640 0.1563 0.1760 0.0179  0.0204  -0.0263 4   PRO E C   
638  O O   . PRO C 4  ? 0.0786 0.1842 0.1844 0.0328  -0.0024 -0.0370 4   PRO E O   
639  C CB  . PRO C 4  ? 0.0895 0.2472 0.1975 0.0495  0.0013  -0.0538 4   PRO E CB  
640  C CG  . PRO C 4  ? 0.0905 0.2677 0.2412 0.0496  0.0034  -0.0406 4   PRO E CG  
641  C CD  . PRO C 4  ? 0.0842 0.2222 0.2049 0.0496  0.0089  -0.0379 4   PRO E CD  
649  N N   . HYP C 5  ? 0.0670 0.1651 0.1715 0.0337  0.0129  -0.0260 5   HYP E N   
650  C CA  . HYP C 5  ? 0.0750 0.1867 0.1722 0.0460  0.0112  -0.0305 5   HYP E CA  
651  C C   . HYP C 5  ? 0.0680 0.1559 0.1582 0.0478  0.0109  -0.0118 5   HYP E C   
652  O O   . HYP C 5  ? 0.0838 0.1667 0.1869 0.0479  0.0057  -0.0380 5   HYP E O   
653  C CB  . HYP C 5  ? 0.0777 0.1744 0.1672 0.0567  0.0112  -0.0028 5   HYP E CB  
654  C CG  . HYP C 5  ? 0.0823 0.1798 0.2007 0.0290  0.0003  -0.0056 5   HYP E CG  
655  C CD  . HYP C 5  ? 0.0739 0.1810 0.2048 0.0201  -0.0019 -0.0240 5   HYP E CD  
656  O OD1 . HYP C 5  ? 0.1079 0.1858 0.2201 0.0304  0.0099  -0.0004 5   HYP E OD1 
664  N N   . GLY C 6  ? 0.0699 0.1655 0.1621 0.0463  0.0132  -0.0186 6   GLY E N   
665  C CA  . GLY C 6  ? 0.0661 0.1761 0.1606 0.0399  0.0083  -0.0261 6   GLY E CA  
666  C C   . GLY C 6  ? 0.0635 0.1540 0.1632 0.0405  0.0038  -0.0219 6   GLY E C   
667  O O   . GLY C 6  ? 0.0592 0.1587 0.1620 0.0373  0.0019  -0.0181 6   GLY E O   
671  N N   . ZPO C 7  ? 0.0699 0.1654 0.1934 0.0373  -0.0052 -0.0388 7   ZPO E N   
672  C CB  . ZPO C 7  ? 0.0878 0.1663 0.1867 0.0268  0.0056  -0.0203 7   ZPO E CB  
673  C CG  . ZPO C 7  ? 0.0942 0.1684 0.2206 0.0362  -0.0146 -0.0242 7   ZPO E CG  
674  C C   . ZPO C 7  ? 0.0691 0.1354 0.1579 0.0391  -0.0044 -0.0154 7   ZPO E C   
675  O O   . ZPO C 7  ? 0.0701 0.1456 0.1607 0.0377  -0.0028 -0.0156 7   ZPO E O   
676  C CD  . ZPO C 7  ? 0.0767 0.1547 0.2023 0.0331  -0.0167 -0.0334 7   ZPO E CD  
677  N NA  . ZPO C 7  ? 0.0774 0.1412 0.1820 0.0419  0.0007  -0.0157 7   ZPO E NA  
684  N N   . HYP C 8  ? 0.0764 0.1417 0.1696 0.0487  -0.0033 -0.0243 8   HYP E N   
685  C CA  . HYP C 8  ? 0.0674 0.1369 0.1561 0.0415  0.0185  -0.0194 8   HYP E CA  
686  C C   . HYP C 8  ? 0.0719 0.1246 0.1691 0.0434  0.0156  -0.0126 8   HYP E C   
687  O O   . HYP C 8  ? 0.0977 0.1449 0.1756 0.0274  0.0294  -0.0184 8   HYP E O   
688  C CB  . HYP C 8  ? 0.0691 0.1263 0.1612 0.0468  0.0102  -0.0099 8   HYP E CB  
689  C CG  . HYP C 8  ? 0.0794 0.1506 0.1555 0.0380  -0.0017 -0.0228 8   HYP E CG  
690  C CD  . HYP C 8  ? 0.0809 0.1390 0.1691 0.0296  0.0042  -0.0210 8   HYP E CD  
691  O OD1 . HYP C 8  ? 0.0709 0.1652 0.1587 0.0379  0.0158  -0.0232 8   HYP E OD1 
698  N N   . GLY C 9  ? 0.0623 0.1293 0.1677 0.0318  0.0121  -0.0158 9   GLY E N   
699  C CA  . GLY C 9  ? 0.0674 0.1379 0.1759 0.0406  -0.0036 -0.0251 9   GLY E CA  
700  C C   . GLY C 9  ? 0.0555 0.1390 0.1533 0.0332  0.0211  -0.0057 9   GLY E C   
701  O O   . GLY C 9  ? 0.0601 0.1322 0.1670 0.0402  0.0010  -0.0023 9   GLY E O   
705  N N   . PRO C 10 ? 0.0622 0.1343 0.1675 0.0371  0.0063  -0.0204 10  PRO E N   
706  C CA  . PRO C 10 ? 0.0602 0.1083 0.1626 0.0176  0.0072  -0.0135 10  PRO E CA  
707  C C   . PRO C 10 ? 0.0503 0.1305 0.1440 0.0270  -0.0021 -0.0179 10  PRO E C   
708  O O   . PRO C 10 ? 0.0563 0.1273 0.1590 0.0293  0.0012  -0.0121 10  PRO E O   
709  C CB  . PRO C 10 ? 0.0751 0.1215 0.1828 0.0144  0.0077  -0.0265 10  PRO E CB  
710  C CG  . PRO C 10 ? 0.0841 0.1805 0.1526 0.0163  -0.0045 -0.0132 10  PRO E CG  
711  C CD  . PRO C 10 ? 0.0702 0.1433 0.1648 0.0375  -0.0052 -0.0243 10  PRO E CD  
719  N N   . ARG C 11 ? 0.0512 0.1344 0.1466 0.0364  0.0032  -0.0017 11  ARG E N   
720  C CA  . ARG C 11 ? 0.0616 0.1227 0.1520 0.0436  -0.0034 -0.0030 11  ARG E CA  
721  C C   . ARG C 11 ? 0.0584 0.1314 0.1533 0.0410  0.0007  -0.0072 11  ARG E C   
722  O O   . ARG C 11 ? 0.0683 0.1777 0.1709 0.0312  -0.0040 -0.0467 11  ARG E O   
723  C CB  . ARG C 11 ? 0.0739 0.1499 0.1737 0.0472  -0.0187 -0.0196 11  ARG E CB  
724  C CG  . ARG C 11 ? 0.0777 0.1435 0.1690 0.0378  -0.0075 -0.0166 11  ARG E CG  
725  C CD  . ARG C 11 ? 0.0795 0.1586 0.1711 0.0469  -0.0040 -0.0087 11  ARG E CD  
726  N NE  . ARG C 11 ? 0.0846 0.1812 0.1742 0.0479  -0.0074 -0.0077 11  ARG E NE  
727  C CZ  . ARG C 11 ? 0.0871 0.1595 0.1670 0.0306  -0.0029 -0.0138 11  ARG E CZ  
728  N NH1 . ARG C 11 ? 0.0818 0.1413 0.2121 0.0217  0.0005  0.0086  11  ARG E NH1 
729  N NH2 . ARG C 11 ? 0.0949 0.1549 0.1448 0.0099  0.0005  -0.0092 11  ARG E NH2 
743  C C   . XZA C 12 ? 0.0761 0.1901 0.1760 0.0475  -0.0094 -0.0380 12  XZA E C   
744  O O   . XZA C 12 ? 0.0833 0.1675 0.1912 0.0443  0.0014  -0.0420 12  XZA E O   
745  N NA  . XZA C 12 ? 0.0674 0.1549 0.1541 0.0484  0.0016  -0.0119 12  XZA E NA  
746  N N   . XZA C 12 ? 0.0585 0.1420 0.1609 0.0369  0.0092  -0.0148 12  XZA E N   
749  N N   . PRO C 13 ? 0.0844 0.2154 0.1620 0.0533  -0.0014 -0.0430 13  PRO E N   
750  C CA  . PRO C 13 ? 0.0900 0.2288 0.1837 0.0492  -0.0171 -0.0638 13  PRO E CA  
751  C C   . PRO C 13 ? 0.0840 0.2109 0.1714 0.0253  -0.0127 -0.0689 13  PRO E C   
752  O O   . PRO C 13 ? 0.0671 0.1612 0.1720 0.0382  -0.0043 -0.0376 13  PRO E O   
753  C CB  . PRO C 13 ? 0.1100 0.3072 0.2240 0.0550  -0.0246 -0.0467 13  PRO E CB  
754  C CG  . PRO C 13 ? 0.0983 0.3126 0.1590 0.0559  0.0080  -0.0209 13  PRO E CG  
755  C CD  . PRO C 13 ? 0.0916 0.2698 0.1452 0.0582  0.0010  -0.0263 13  PRO E CD  
763  N N   . HYP C 14 ? 0.0783 0.2102 0.2219 0.0141  0.0090  -0.0762 14  HYP E N   
764  C CA  . HYP C 14 ? 0.0756 0.1834 0.2210 0.0072  0.0280  -0.0599 14  HYP E CA  
765  C C   . HYP C 14 ? 0.0823 0.1597 0.1863 0.0492  0.0085  -0.0354 14  HYP E C   
766  O O   . HYP C 14 ? 0.0871 0.1782 0.1820 0.0484  -0.0056 -0.0468 14  HYP E O   
767  C CB  . HYP C 14 ? 0.1013 0.2263 0.2213 0.0020  0.0396  -0.0687 14  HYP E CB  
768  C CG  . HYP C 14 ? 0.1242 0.2362 0.2492 0.0133  0.0280  -0.0652 14  HYP E CG  
769  C CD  . HYP C 14 ? 0.1060 0.2558 0.2838 0.0290  0.0063  -0.0956 14  HYP E CD  
770  O OD1 . HYP C 14 ? 0.1266 0.2167 0.3711 0.0033  0.0554  -0.0984 14  HYP E OD1 
778  N N   . GLY C 15 ? 0.0686 0.1411 0.1758 0.0404  0.0219  -0.0099 15  GLY E N   
779  C CA  . GLY C 15 ? 0.0676 0.1409 0.1467 0.0427  0.0253  -0.0126 15  GLY E CA  
780  C C   . GLY C 15 ? 0.0748 0.1265 0.1490 0.0512  0.0145  -0.0120 15  GLY E C   
781  O O   . GLY C 15 ? 0.0766 0.1403 0.1660 0.0441  0.0030  -0.0256 15  GLY E O   
785  N N   . PRO C 16 ? 0.0860 0.1501 0.1437 0.0379  0.0244  0.0019  16  PRO E N   
786  C CA  . PRO C 16 ? 0.0986 0.1725 0.1620 0.0367  0.0284  0.0051  16  PRO E CA  
787  C C   . PRO C 16 ? 0.0920 0.1287 0.1637 0.0325  -0.0045 -0.0070 16  PRO E C   
788  O O   . PRO C 16 ? 0.0803 0.1336 0.1688 0.0423  -0.0034 -0.0135 16  PRO E O   
789  C CB  . PRO C 16 ? 0.1357 0.1698 0.2175 0.0465  0.0257  0.0101  16  PRO E CB  
790  C CG  . PRO C 16 ? 0.1471 0.2282 0.1884 -0.0300 -0.0150 0.0142  16  PRO E CG  
791  C CD  . PRO C 16 ? 0.1093 0.1418 0.1808 0.0101  0.0017  0.0124  16  PRO E CD  
799  N N   . HYP C 17 ? 0.0845 0.1322 0.1671 0.0363  -0.0181 -0.0186 17  HYP E N   
800  C CA  . HYP C 17 ? 0.0688 0.1406 0.1531 0.0390  -0.0077 -0.0166 17  HYP E CA  
801  C C   . HYP C 17 ? 0.0605 0.1334 0.1645 0.0394  0.0011  -0.0125 17  HYP E C   
802  O O   . HYP C 17 ? 0.0619 0.1379 0.1862 0.0330  -0.0041 -0.0143 17  HYP E O   
803  C CB  . HYP C 17 ? 0.0707 0.1670 0.1680 0.0401  0.0048  -0.0306 17  HYP E CB  
804  C CG  . HYP C 17 ? 0.0833 0.1777 0.1709 0.0415  0.0014  -0.0359 17  HYP E CG  
805  C CD  . HYP C 17 ? 0.1050 0.1711 0.1719 0.0559  -0.0225 -0.0238 17  HYP E CD  
806  O OD1 . HYP C 17 ? 0.0859 0.1953 0.1708 0.0425  -0.0099 -0.0621 17  HYP E OD1 
814  N N   . GLY C 18 ? 0.0576 0.1273 0.1623 0.0370  0.0028  -0.0076 18  GLY E N   
815  C CA  . GLY C 18 ? 0.0558 0.1289 0.1509 0.0333  0.0010  -0.0174 18  GLY E CA  
816  C C   . GLY C 18 ? 0.0645 0.1255 0.1779 0.0271  -0.0049 -0.0181 18  GLY E C   
817  O O   . GLY C 18 ? 0.0729 0.1381 0.1754 0.0273  -0.0072 -0.0162 18  GLY E O   
821  N N   . PRO C 19 ? 0.0672 0.1471 0.1907 0.0172  -0.0011 -0.0354 19  PRO E N   
822  C CA  . PRO C 19 ? 0.0813 0.1385 0.2418 0.0177  -0.0048 -0.0361 19  PRO E CA  
823  C C   . PRO C 19 ? 0.1016 0.1702 0.1945 0.0217  0.0082  -0.0374 19  PRO E C   
824  O O   . PRO C 19 ? 0.0769 0.1488 0.2266 0.0266  0.0105  -0.0343 19  PRO E O   
825  C CB  . PRO C 19 ? 0.0761 0.1870 0.2795 0.0122  0.0033  -0.0431 19  PRO E CB  
826  C CG  . PRO C 19 ? 0.0828 0.2125 0.2784 0.0136  -0.0140 -0.0466 19  PRO E CG  
827  C CD  . PRO C 19 ? 0.0749 0.1665 0.2177 0.0242  -0.0165 -0.0242 19  PRO E CD  
835  N N   . HYP C 20 ? 0.1195 0.1698 0.2228 0.0301  0.0203  -0.0210 20  HYP E N   
836  C CA  . HYP C 20 ? 0.1049 0.1542 0.2261 0.0326  0.0365  -0.0219 20  HYP E CA  
837  C C   . HYP C 20 ? 0.0852 0.1588 0.2352 0.0230  0.0350  -0.0455 20  HYP E C   
838  O O   . HYP C 20 ? 0.0965 0.2114 0.2747 0.0207  0.0240  -0.0804 20  HYP E O   
839  C CB  . HYP C 20 ? 0.1311 0.2211 0.2139 0.0487  0.0198  -0.0150 20  HYP E CB  
840  C CG  . HYP C 20 ? 0.1447 0.2049 0.2152 0.0165  0.0411  -0.0162 20  HYP E CG  
841  C CD  . HYP C 20 ? 0.1421 0.1830 0.2451 0.0199  0.0247  -0.0302 20  HYP E CD  
842  O OD1 . HYP C 20 ? 0.1733 0.2524 0.2198 0.0186  0.0348  -0.0478 20  HYP E OD1 
850  N N   . GLY C 21 ? 0.0816 0.1826 0.2312 0.0432  0.0049  -0.0378 21  GLY E N   
851  C CA  . GLY C 21 ? 0.0823 0.2042 0.2569 0.0269  -0.0086 -0.0488 21  GLY E CA  
852  C C   . GLY C 21 ? 0.1000 0.2054 0.2837 0.0307  -0.0214 -0.0635 21  GLY E C   
853  O O   . GLY C 21 ? 0.0914 0.2603 0.2774 0.0170  0.0050  -0.0831 21  GLY E O   
857  N N   . PRO C 22 ? 0.1151 0.2462 0.2885 0.0609  -0.0374 -0.0735 22  PRO E N   
858  C CA  . PRO C 22 ? 0.1290 0.2856 0.3169 0.0678  -0.0554 -0.0645 22  PRO E CA  
859  C C   . PRO C 22 ? 0.1285 0.3348 0.3021 0.0595  -0.0364 -0.0961 22  PRO E C   
860  O O   . PRO C 22 ? 0.1322 0.3407 0.2817 0.0656  -0.0271 -0.1200 22  PRO E O   
861  C CB  . PRO C 22 ? 0.1451 0.3437 0.3154 0.0643  -0.0652 -0.0675 22  PRO E CB  
862  C CG  . PRO C 22 ? 0.1652 0.3111 0.3793 0.0288  -0.0902 -0.0625 22  PRO E CG  
863  C CD  . PRO C 22 ? 0.1485 0.2515 0.3121 0.0403  -0.0711 -0.0758 22  PRO E CD  
871  N N   . HYP C 23 ? 0.1232 0.4184 0.3120 0.0247  -0.0132 -0.0883 23  HYP E N   
872  C CA  . HYP C 23 ? 0.1263 0.4406 0.3068 0.0403  0.0040  -0.0762 23  HYP E CA  
873  C C   . HYP C 23 ? 0.1435 0.4326 0.3213 0.0738  -0.0085 -0.0753 23  HYP E C   
874  O O   . HYP C 23 ? 0.1673 0.4059 0.2969 0.1144  -0.0220 -0.0726 23  HYP E O   
875  C CB  . HYP C 23 ? 0.1407 0.4949 0.3614 0.0386  -0.0227 -0.0749 23  HYP E CB  
876  C CG  . HYP C 23 ? 0.1537 0.5281 0.4151 0.0260  -0.0520 -0.0766 23  HYP E CG  
877  C CD  . HYP C 23 ? 0.1393 0.4633 0.3635 0.0129  -0.0428 -0.0766 23  HYP E CD  
878  O OD1 . HYP C 23 ? 0.1632 0.5744 0.4776 0.0115  -0.0588 -0.0639 23  HYP E OD1 
886  N N   . GLY C 24 ? 0.1542 0.4082 0.3562 0.0956  -0.0350 -0.0658 24  GLY E N   
887  C CA  . GLY C 24 ? 0.1737 0.3854 0.4018 0.1106  -0.0523 -0.0605 24  GLY E CA  
888  C C   . GLY C 24 ? 0.1895 0.3865 0.4240 0.1133  -0.0480 -0.0358 24  GLY E C   
889  O O   . GLY C 24 ? 0.2088 0.4122 0.4681 0.1368  -0.0548 -0.0584 24  GLY E O   
893  N N   . NH2 C 25 ? 0.1877 0.4311 0.4215 0.0877  -0.0315 -0.0446 25  NH2 E N   
894  C C1  . EDO D .  ? 0.4895 0.6459 0.6309 0.0675  0.0432  0.0913  101 EDO C C1  
895  O O1  . EDO D .  ? 0.4877 0.6560 0.6529 0.0615  0.0425  0.0725  101 EDO C O1  
896  C C2  . EDO D .  ? 0.4944 0.6387 0.6198 0.0775  0.0357  0.1034  101 EDO C C2  
897  O O2  . EDO D .  ? 0.5034 0.6442 0.6325 0.0953  0.0149  0.1003  101 EDO C O2  
904  S S   . SO4 E .  ? 0.1223 0.1854 0.2243 0.0493  0.0139  -0.0222 101 SO4 E S   
905  O O1  . SO4 E .  ? 0.1615 0.2225 0.3043 0.0568  -0.0335 -0.0366 101 SO4 E O1  
906  O O2  . SO4 E .  ? 0.1369 0.2880 0.2315 0.0941  0.0362  0.0410  101 SO4 E O2  
907  O O3  . SO4 E .  ? 0.1369 0.2353 0.2705 0.0738  -0.0289 0.0069  101 SO4 E O3  
908  O O4  . SO4 E .  ? 0.1514 0.2404 0.2403 0.0145  -0.0016 -0.0116 101 SO4 E O4  
909  O O   . HOH F .  ? 0.4970 0.4487 0.6191 0.0224  0.0194  0.0186  201 HOH C O   
910  O O   . HOH F .  ? 0.6091 0.4385 0.7568 -0.0282 -0.1360 0.0713  202 HOH C O   
911  O O   . HOH F .  ? 0.5455 0.6804 0.5739 0.0599  -0.1205 0.0625  203 HOH C O   
912  O O   . HOH F .  ? 0.1707 0.2490 0.2769 0.0425  0.0282  0.0388  204 HOH C O   
913  O O   . HOH F .  ? 0.1243 0.2088 0.2508 0.0554  -0.0426 -0.0413 205 HOH C O   
914  O O   . HOH F .  ? 0.1546 0.2596 0.2812 0.0513  -0.0378 -0.0404 206 HOH C O   
915  O O   . HOH F .  ? 0.0814 0.1628 0.1564 0.0461  -0.0026 -0.0056 207 HOH C O   
916  O O   . HOH F .  ? 0.2268 0.4112 0.2729 0.1088  -0.0390 0.0038  208 HOH C O   
917  O O   . HOH F .  ? 0.2548 0.1745 0.2768 0.0266  0.1035  -0.0194 209 HOH C O   
918  O O   . HOH F .  ? 0.1893 0.1701 0.2904 0.0368  -0.0528 -0.0303 210 HOH C O   
919  O O   . HOH F .  ? 0.1235 0.2401 0.1701 0.0441  -0.0199 -0.0054 211 HOH C O   
920  O O   . HOH F .  ? 0.1314 0.1654 0.2285 0.0435  -0.0272 0.0017  212 HOH C O   
921  O O   . HOH F .  ? 0.2408 0.4446 0.3955 0.1518  -0.0965 -0.0800 213 HOH C O   
922  O O   . HOH F .  ? 0.1712 0.2548 0.2086 0.0310  -0.0095 -0.0498 214 HOH C O   
923  O O   . HOH F .  ? 0.1282 0.2089 0.1693 0.0180  0.0229  -0.0232 215 HOH C O   
924  O O   . HOH F .  ? 0.1184 0.1909 0.4146 0.0185  -0.0248 -0.0981 216 HOH C O   
925  O O   . HOH F .  ? 0.1155 0.2032 0.2205 -0.0008 -0.0226 0.0042  217 HOH C O   
926  O O   . HOH F .  ? 0.1155 0.1576 0.2370 0.0302  -0.0382 -0.0270 218 HOH C O   
927  O O   . HOH F .  ? 0.0684 0.1458 0.1646 0.0360  0.0011  -0.0233 219 HOH C O   
928  O O   . HOH F .  ? 0.2160 0.2446 0.2435 -0.0492 -0.0270 0.0240  220 HOH C O   
929  O O   . HOH F .  ? 0.2300 0.1871 0.2315 0.0657  0.0377  0.0021  221 HOH C O   
930  O O   . HOH F .  ? 0.0923 0.1555 0.1724 0.0311  -0.0121 -0.0151 222 HOH C O   
931  O O   . HOH F .  ? 0.5491 0.6696 0.6912 -0.0804 -0.0239 0.0510  223 HOH C O   
932  O O   . HOH F .  ? 0.0925 0.1766 0.1875 0.0148  -0.0207 -0.0229 224 HOH C O   
933  O O   . HOH F .  ? 0.0929 0.2222 0.1948 0.0617  -0.0190 -0.0385 225 HOH C O   
934  O O   . HOH F .  ? 0.2374 0.1747 0.2509 -0.0263 -0.0423 -0.0100 226 HOH C O   
935  O O   . HOH F .  ? 0.4505 0.4818 0.4255 0.1109  0.1453  -0.0587 227 HOH C O   
936  O O   . HOH F .  ? 0.1391 0.3492 0.3199 0.0228  -0.0087 -0.0834 228 HOH C O   
937  O O   . HOH F .  ? 0.1142 0.3701 0.3598 0.0032  0.0008  -0.0902 229 HOH C O   
938  O O   . HOH F .  ? 0.1401 0.2765 0.2092 0.0315  0.0111  -0.0436 230 HOH C O   
939  O O   . HOH F .  ? 0.3321 0.5704 0.4251 -0.0850 0.0894  -0.0886 231 HOH C O   
940  O O   . HOH F .  ? 0.1765 0.4339 0.3289 -0.0940 0.0721  -0.1261 232 HOH C O   
941  O O   . HOH F .  ? 0.2895 0.6367 0.5271 0.0663  0.1011  -0.0711 233 HOH C O   
942  O O   . HOH F .  ? 0.1720 0.2803 0.2530 0.0025  -0.0242 0.0229  234 HOH C O   
943  O O   . HOH F .  ? 0.6142 0.5702 0.4730 0.1310  0.1076  -0.1747 235 HOH C O   
944  O O   . HOH F .  ? 0.1172 0.1907 0.1948 0.0473  -0.0191 -0.0497 236 HOH C O   
945  O O   . HOH F .  ? 0.6721 0.6600 0.6324 -0.0114 0.0633  0.0070  237 HOH C O   
946  O O   . HOH F .  ? 0.2087 0.2631 0.3733 0.0049  -0.0867 -0.0306 238 HOH C O   
947  O O   . HOH F .  ? 0.5537 0.5060 0.3232 -0.0091 -0.0328 0.1737  239 HOH C O   
948  O O   . HOH F .  ? 0.2301 0.4294 0.3194 0.0367  0.0543  -0.0741 240 HOH C O   
949  O O   A HOH F .  ? 0.1788 0.3713 0.2307 -0.0631 0.0200  -0.1224 241 HOH C O   
950  O O   B HOH F .  ? 0.1328 0.3533 0.3476 -0.0619 0.0728  0.0006  241 HOH C O   
951  O O   . HOH F .  ? 0.0843 0.2180 0.2784 0.0153  0.0292  -0.0022 242 HOH C O   
952  O O   . HOH F .  ? 0.7138 0.5044 0.7542 -0.2447 -0.1394 -0.2152 243 HOH C O   
953  O O   . HOH F .  ? 0.2219 0.2008 0.4662 0.0000  -0.1407 0.0576  244 HOH C O   
954  O O   . HOH F .  ? 0.0997 0.1682 0.2351 0.0320  0.0000  0.0036  245 HOH C O   
955  O O   . HOH F .  ? 0.3008 0.5002 0.5411 0.2035  -0.0645 -0.0229 246 HOH C O   
956  O O   . HOH F .  ? 0.1277 0.1812 0.2126 0.0129  -0.0203 -0.0432 247 HOH C O   
957  O O   . HOH F .  ? 0.1351 0.1711 0.2273 0.0536  -0.0199 -0.0372 248 HOH C O   
958  O O   . HOH F .  ? 0.5731 0.3374 0.4828 0.1875  0.1140  0.1604  249 HOH C O   
959  O O   . HOH F .  ? 0.2000 0.2701 0.2735 0.0407  -0.0941 -0.0174 250 HOH C O   
960  O O   . HOH F .  ? 0.1159 0.2157 0.1941 0.0260  -0.0070 0.0017  251 HOH C O   
961  O O   A HOH F .  ? 0.1003 0.2001 0.2947 0.0087  0.0515  -0.0339 252 HOH C O   
962  O O   B HOH F .  ? 0.0866 0.1648 0.1802 -0.0391 0.0434  -0.0797 252 HOH C O   
963  O O   . HOH F .  ? 0.3769 0.6224 1.0864 -0.0318 -0.2290 -0.1283 253 HOH C O   
964  O O   . HOH F .  ? 0.1146 0.1986 0.2396 0.0067  -0.0066 -0.0233 254 HOH C O   
965  O O   . HOH F .  ? 0.1857 0.2221 0.3893 0.0244  -0.0558 -0.0314 255 HOH C O   
966  O O   . HOH F .  ? 0.4844 0.5680 0.3252 -0.0725 -0.0962 -0.0545 256 HOH C O   
967  O O   . HOH F .  ? 0.1295 0.2519 0.3562 0.0159  0.0319  -0.0020 257 HOH C O   
968  O O   . HOH F .  ? 0.1081 0.1780 0.2536 0.0336  -0.0301 -0.0004 258 HOH C O   
969  O O   A HOH F .  ? 0.0963 0.1454 0.2300 0.0109  0.0051  0.0165  259 HOH C O   
970  O O   B HOH F .  ? 0.0945 0.1555 0.2117 0.0621  -0.0140 0.0112  259 HOH C O   
971  O O   . HOH G .  ? 0.5566 0.3775 0.2520 0.2360  0.0002  -0.0587 101 HOH D O   
972  O O   . HOH G .  ? 0.3213 0.3114 0.5979 0.0628  -0.0001 -0.0261 102 HOH D O   
973  O O   . HOH G .  ? 0.1589 0.2019 0.4476 0.0475  -0.0516 -0.1135 103 HOH D O   
974  O O   . HOH G .  ? 0.1784 0.5545 0.3368 -0.0627 0.0609  -0.1210 104 HOH D O   
975  O O   . HOH G .  ? 0.3261 0.4239 0.3361 0.0987  -0.1025 0.0004  105 HOH D O   
976  O O   . HOH G .  ? 0.2141 0.2497 0.3218 0.0427  -0.0099 -0.0573 106 HOH D O   
977  O O   . HOH G .  ? 0.1255 0.2728 0.3948 -0.0229 0.0129  -0.1368 107 HOH D O   
978  O O   . HOH G .  ? 0.1336 0.4048 0.3058 0.0692  -0.0028 0.0756  108 HOH D O   
979  O O   . HOH G .  ? 0.1712 0.3004 0.5245 -0.0043 -0.0108 -0.1506 109 HOH D O   
980  O O   . HOH G .  ? 0.2202 0.2322 0.4490 0.0623  -0.0890 -0.1164 110 HOH D O   
981  O O   . HOH G .  ? 0.0981 0.2263 0.2137 0.0451  -0.0236 -0.0355 111 HOH D O   
982  O O   . HOH G .  ? 0.0882 0.1581 0.1922 0.0287  0.0230  -0.0302 112 HOH D O   
983  O O   . HOH G .  ? 0.2420 0.3367 0.4267 0.1120  -0.1386 -0.2090 113 HOH D O   
984  O O   . HOH G .  ? 0.2225 0.2372 0.2436 0.0522  -0.0309 -0.0239 114 HOH D O   
985  O O   . HOH G .  ? 0.1576 0.1916 0.2090 0.0494  -0.0146 0.0065  115 HOH D O   
986  O O   . HOH G .  ? 0.4831 0.4667 0.3675 0.2183  -0.0898 -0.0885 116 HOH D O   
987  O O   . HOH G .  ? 0.0776 0.1341 0.1838 0.0404  -0.0004 -0.0073 117 HOH D O   
988  O O   . HOH G .  ? 0.1768 0.2730 0.3088 0.0536  -0.0632 -0.0402 118 HOH D O   
989  O O   . HOH G .  ? 0.1145 0.1550 0.2183 0.0371  -0.0139 -0.0303 119 HOH D O   
990  O O   . HOH G .  ? 0.2235 0.5870 0.6078 0.0530  -0.1296 0.0738  120 HOH D O   
991  O O   . HOH G .  ? 0.1288 0.2123 0.2462 0.0473  -0.0072 0.0373  121 HOH D O   
992  O O   . HOH G .  ? 0.0953 0.1660 0.1808 0.0493  0.0146  -0.0041 122 HOH D O   
993  O O   . HOH G .  ? 0.6702 0.3422 0.6717 0.1343  -0.3779 -0.1546 123 HOH D O   
994  O O   . HOH G .  ? 0.5940 0.4582 0.6616 0.0240  0.0717  0.0434  124 HOH D O   
995  O O   . HOH G .  ? 0.3842 0.2587 0.7548 0.0616  -0.2798 -0.1156 125 HOH D O   
996  O O   . HOH G .  ? 0.5036 0.4718 0.7730 -0.0096 0.0143  0.0567  126 HOH D O   
997  O O   . HOH G .  ? 0.2673 0.7763 0.2255 0.1771  -0.0276 -0.0880 127 HOH D O   
998  O O   . HOH G .  ? 0.2940 0.1801 0.5721 0.0463  0.1118  -0.0251 128 HOH D O   
999  O O   . HOH G .  ? 0.5595 0.4098 0.5075 0.0763  -0.0596 -0.1391 129 HOH D O   
1000 O O   . HOH G .  ? 0.6080 0.7541 0.6082 0.0115  0.1088  -0.0500 130 HOH D O   
1001 O O   . HOH G .  ? 0.1134 0.2031 0.2227 0.0305  -0.0211 -0.0269 131 HOH D O   
1002 O O   . HOH G .  ? 0.3309 0.8165 0.2412 0.0905  -0.0450 0.0565  132 HOH D O   
1003 O O   . HOH G .  ? 0.3233 0.4692 0.7316 0.1957  -0.0123 -0.0460 133 HOH D O   
1004 O O   . HOH G .  ? 0.7137 0.7939 0.3785 -0.1200 -0.2394 -0.0814 134 HOH D O   
1005 O O   . HOH G .  ? 0.1061 0.1819 0.1894 0.0280  0.0038  -0.0243 135 HOH D O   
1006 O O   . HOH G .  ? 0.4586 0.6442 0.3404 -0.2259 -0.0299 0.0466  136 HOH D O   
1007 O O   . HOH G .  ? 0.1872 0.2584 0.2221 -0.0316 -0.0145 -0.0270 137 HOH D O   
1008 O O   . HOH G .  ? 0.4068 0.2779 0.3096 0.0239  -0.0869 0.0575  138 HOH D O   
1009 O O   . HOH G .  ? 0.4921 0.6990 0.4154 0.1180  0.1206  -0.0630 139 HOH D O   
1010 O O   . HOH G .  ? 0.6258 0.3050 0.5348 -0.0624 0.0383  -0.0789 140 HOH D O   
1011 O O   . HOH G .  ? 0.5375 0.9336 0.4513 -0.0498 -0.0083 -0.1495 141 HOH D O   
1012 O O   . HOH G .  ? 0.6797 0.3298 0.5726 -0.0955 0.0656  -0.0027 142 HOH D O   
1013 O O   . HOH G .  ? 0.3487 0.4108 0.5952 -0.0985 0.1714  -0.1422 143 HOH D O   
1014 O O   . HOH G .  ? 0.3820 0.6259 0.4974 -0.0087 0.0285  -0.0524 144 HOH D O   
1015 O O   . HOH G .  ? 0.4526 0.5450 0.4994 0.0911  0.0258  0.1082  145 HOH D O   
1016 O O   . HOH G .  ? 0.4425 0.3558 0.3960 -0.0054 0.0437  -0.2210 146 HOH D O   
1017 O O   . HOH G .  ? 0.0954 0.1565 0.1913 0.0185  0.0007  -0.0219 147 HOH D O   
1018 O O   . HOH G .  ? 0.2644 0.2105 0.3314 -0.0354 0.0325  0.0324  148 HOH D O   
1019 O O   . HOH G .  ? 0.1610 0.2337 0.2156 0.0645  -0.0660 -0.0509 149 HOH D O   
1020 O O   . HOH G .  ? 0.1112 0.1826 0.3826 0.0278  -0.0086 -0.0649 150 HOH D O   
1021 O O   . HOH H .  ? 0.6604 0.2997 0.6532 -0.1159 -0.2093 -0.0778 201 HOH E O   
1022 O O   . HOH H .  ? 0.2584 0.5759 1.0065 -0.0128 0.0241  -0.0960 202 HOH E O   
1023 O O   . HOH H .  ? 0.2497 0.6611 0.5096 0.1779  -0.0231 -0.0113 203 HOH E O   
1024 O O   . HOH H .  ? 0.5166 0.4939 0.8037 -0.0770 0.0645  0.0107  204 HOH E O   
1025 O O   . HOH H .  ? 0.1441 0.2097 0.1536 0.0658  0.0338  -0.0195 205 HOH E O   
1026 O O   . HOH H .  ? 0.4979 0.3481 0.6350 -0.0408 0.1133  -0.1217 206 HOH E O   
1027 O O   . HOH H .  ? 0.2685 0.2773 0.4471 0.0266  -0.1856 -0.0849 207 HOH E O   
1028 O O   . HOH H .  ? 0.6657 0.4131 0.2900 0.1258  -0.1097 -0.1343 208 HOH E O   
1029 O O   . HOH H .  ? 0.1708 0.2238 0.1715 0.0141  -0.0076 -0.0525 209 HOH E O   
1030 O O   . HOH H .  ? 0.3078 0.5673 0.2533 0.1980  0.0898  0.1561  210 HOH E O   
1031 O O   . HOH H .  ? 0.1410 0.1756 0.3526 0.0209  0.0718  -0.0208 211 HOH E O   
1032 O O   . HOH H .  ? 0.1334 0.3604 0.2804 -0.0270 0.0453  0.0399  212 HOH E O   
1033 O O   . HOH H .  ? 0.1302 0.2122 0.2610 0.0188  -0.0251 -0.0190 213 HOH E O   
1034 O O   . HOH H .  ? 0.1005 0.1841 0.2581 0.0433  -0.0238 -0.0205 214 HOH E O   
1035 O O   . HOH H .  ? 0.3728 0.2946 0.2678 0.0237  0.0344  0.0703  215 HOH E O   
1036 O O   . HOH H .  ? 0.1402 0.1846 0.1822 0.0254  0.0035  -0.0018 216 HOH E O   
1037 O O   . HOH H .  ? 0.1819 0.2817 0.3037 0.0366  0.0178  -0.0536 217 HOH E O   
1038 O O   . HOH H .  ? 0.1427 0.2309 0.2729 0.0374  -0.0218 -0.0329 218 HOH E O   
1039 O O   . HOH H .  ? 0.4698 0.2317 0.3974 0.0615  0.1829  -0.0455 219 HOH E O   
1040 O O   . HOH H .  ? 0.0849 0.1790 0.1650 0.0451  -0.0020 -0.0332 220 HOH E O   
1041 O O   . HOH H .  ? 0.2700 0.3049 0.8468 0.0647  0.0054  -0.0847 221 HOH E O   
1042 O O   . HOH H .  ? 0.1641 0.1711 0.2752 -0.0020 0.0015  -0.0270 222 HOH E O   
1043 O O   . HOH H .  ? 0.6146 0.3412 0.3617 0.1914  0.1957  0.0285  223 HOH E O   
1044 O O   . HOH H .  ? 0.2132 0.3461 0.5698 0.0088  0.0049  -0.2288 224 HOH E O   
1045 O O   . HOH H .  ? 0.3196 0.3413 0.2850 0.1586  -0.0677 -0.0797 225 HOH E O   
1046 O O   . HOH H .  ? 0.1114 0.1184 0.1914 0.0272  0.0112  -0.0239 226 HOH E O   
1047 O O   . HOH H .  ? 0.3429 0.6065 0.4312 0.2447  0.0386  -0.0135 227 HOH E O   
1048 O O   . HOH H .  ? 0.3753 0.6886 0.3671 0.0825  0.0635  -0.1214 228 HOH E O   
1049 O O   . HOH H .  ? 0.1464 0.4412 0.2416 0.0868  -0.0150 -0.0749 229 HOH E O   
1050 O O   . HOH H .  ? 0.4102 0.3541 0.3661 0.1650  -0.1343 -0.1799 230 HOH E O   
1051 O O   . HOH H .  ? 0.1886 0.4038 0.4894 0.0665  -0.0187 -0.0413 231 HOH E O   
1052 O O   . HOH H .  ? 0.5156 0.6456 0.6061 -0.0335 0.0172  0.1114  232 HOH E O   
1053 O O   . HOH H .  ? 0.7103 0.6824 0.5855 0.2411  0.1612  -0.0218 233 HOH E O   
1054 O O   . HOH H .  ? 0.3145 0.2228 0.4728 -0.0305 0.1549  -0.1122 234 HOH E O   
1055 O O   . HOH H .  ? 0.4793 0.5020 0.5471 -0.0167 0.0969  0.0690  235 HOH E O   
1056 O O   . HOH H .  ? 0.2624 0.2329 0.3659 0.0299  0.0166  -0.0253 236 HOH E O   
1057 O O   . HOH H .  ? 0.4166 0.4652 0.7310 0.0236  -0.0522 -0.0999 237 HOH E O   
1058 O O   . HOH H .  ? 0.1019 0.1880 0.2141 0.0178  -0.0120 -0.0066 238 HOH E O   
1059 O O   . HOH H .  ? 0.3803 0.2342 0.2513 0.0097  0.0274  -0.0723 239 HOH E O   
1060 O O   . HOH H .  ? 0.4654 0.6898 0.4194 0.2385  -0.0425 -0.0572 240 HOH E O   
1061 O O   . HOH H .  ? 0.6908 0.2436 0.3308 0.0696  -0.1383 0.0189  241 HOH E O   
1062 O O   . HOH H .  ? 0.4409 0.3803 0.2929 0.2053  -0.0037 0.0255  242 HOH E O   
1063 O O   . HOH H .  ? 0.1887 0.3536 0.3131 0.0469  -0.0215 0.0157  243 HOH E O   
1064 O O   . HOH H .  ? 0.1131 0.2129 0.2586 0.0202  0.0305  -0.0508 244 HOH E O   
1065 O O   . HOH H .  ? 0.4072 0.4009 0.3195 -0.1764 -0.0051 0.0176  245 HOH E O   
1066 O O   . HOH H .  ? 0.1033 0.1751 0.1995 0.0082  0.0029  -0.0159 246 HOH E O   
1067 O O   . HOH H .  ? 0.2020 0.2514 0.2536 0.0856  0.0342  0.0292  247 HOH E O   
1068 O O   . HOH H .  ? 0.2514 0.5959 0.2623 0.0686  -0.0521 0.0748  248 HOH E O   
1069 O O   . HOH H .  ? 0.3300 0.2133 0.4659 -0.0653 0.0725  0.0815  249 HOH E O   
1070 O O   . HOH H .  ? 0.6654 0.7068 0.2959 -0.2773 -0.0461 0.1385  250 HOH E O   
1071 O O   . HOH H .  ? 0.4310 0.3017 0.4396 -0.0597 0.2177  -0.1432 251 HOH E O   
1072 O O   . HOH H .  ? 0.1747 0.3113 0.3723 -0.0621 0.0958  -0.1530 252 HOH E O   
1073 O O   . HOH H .  ? 0.1224 0.2104 0.2315 0.0153  -0.0056 -0.0205 253 HOH E O   
1074 O O   . HOH H .  ? 0.1606 0.2271 0.2760 -0.0081 -0.0031 -0.0605 254 HOH E O   
1075 O O   . HOH H .  ? 0.5944 0.5895 0.6730 -0.0974 -0.0638 0.0599  255 HOH E O   
1076 O O   . HOH H .  ? 0.6596 0.6051 0.9495 -0.0121 -0.1154 0.0234  256 HOH E O   
# 
loop_
_pdbx_poly_seq_scheme.asym_id 
_pdbx_poly_seq_scheme.entity_id 
_pdbx_poly_seq_scheme.seq_id 
_pdbx_poly_seq_scheme.mon_id 
_pdbx_poly_seq_scheme.ndb_seq_num 
_pdbx_poly_seq_scheme.pdb_seq_num 
_pdbx_poly_seq_scheme.auth_seq_num 
_pdbx_poly_seq_scheme.pdb_mon_id 
_pdbx_poly_seq_scheme.auth_mon_id 
_pdbx_poly_seq_scheme.pdb_strand_id 
_pdbx_poly_seq_scheme.pdb_ins_code 
_pdbx_poly_seq_scheme.hetero 
A 1 1  PRO 1  1  1  PRO PRO C . n 
A 1 2  HYP 2  2  2  HYP HYP C . n 
A 1 3  GLY 3  3  3  GLY GLY C . n 
A 1 4  PRO 4  4  4  PRO PRO C . n 
A 1 5  HYP 5  5  5  HYP HYP C . n 
A 1 6  GLY 6  6  6  GLY GLY C . n 
A 1 7  ZPO 7  7  7  ZPO AZP C . n 
A 1 8  HYP 8  8  8  HYP HYP C . n 
A 1 9  GLY 9  9  9  GLY GLY C . n 
A 1 10 PRO 10 10 10 PRO PRO C . n 
A 1 11 ARG 11 11 11 ARG ARG C . n 
A 1 12 XZA 12 12 12 XZA AZA C . n 
A 1 13 PRO 13 13 13 PRO PRO C . n 
A 1 14 HYP 14 14 14 HYP HYP C . n 
A 1 15 GLY 15 15 15 GLY GLY C . n 
A 1 16 PRO 16 16 16 PRO PRO C . n 
A 1 17 HYP 17 17 17 HYP HYP C . n 
A 1 18 GLY 18 18 18 GLY GLY C . n 
A 1 19 PRO 19 19 19 PRO PRO C . n 
A 1 20 HYP 20 20 20 HYP HYP C . n 
A 1 21 GLY 21 21 21 GLY GLY C . n 
A 1 22 PRO 22 22 22 PRO PRO C . n 
A 1 23 HYP 23 23 23 HYP HYP C . n 
A 1 24 GLY 24 24 24 GLY GLY C . n 
A 1 25 NH2 25 25 25 NH2 NH2 C . n 
B 1 1  PRO 1  1  1  PRO PRO D . n 
B 1 2  HYP 2  2  2  HYP HYP D . n 
B 1 3  GLY 3  3  3  GLY GLY D . n 
B 1 4  PRO 4  4  4  PRO PRO D . n 
B 1 5  HYP 5  5  5  HYP HYP D . n 
B 1 6  GLY 6  6  6  GLY GLY D . n 
B 1 7  ZPO 7  7  7  ZPO AZP D . n 
B 1 8  HYP 8  8  8  HYP HYP D . n 
B 1 9  GLY 9  9  9  GLY GLY D . n 
B 1 10 PRO 10 10 10 PRO PRO D . n 
B 1 11 ARG 11 11 11 ARG ARG D . n 
B 1 12 XZA 12 12 12 XZA AZA D . n 
B 1 13 PRO 13 13 13 PRO PRO D . n 
B 1 14 HYP 14 14 14 HYP HYP D . n 
B 1 15 GLY 15 15 15 GLY GLY D . n 
B 1 16 PRO 16 16 16 PRO PRO D . n 
B 1 17 HYP 17 17 17 HYP HYP D . n 
B 1 18 GLY 18 18 18 GLY GLY D . n 
B 1 19 PRO 19 19 19 PRO PRO D . n 
B 1 20 HYP 20 20 20 HYP HYP D . n 
B 1 21 GLY 21 21 21 GLY GLY D . n 
B 1 22 PRO 22 22 22 PRO PRO D . n 
B 1 23 HYP 23 23 23 HYP HYP D . n 
B 1 24 GLY 24 24 24 GLY GLY D . n 
B 1 25 NH2 25 25 25 NH2 NH2 D . n 
C 1 1  PRO 1  1  1  PRO PRO E . n 
C 1 2  HYP 2  2  2  HYP HYP E . n 
C 1 3  GLY 3  3  3  GLY GLY E . n 
C 1 4  PRO 4  4  4  PRO PRO E . n 
C 1 5  HYP 5  5  5  HYP HYP E . n 
C 1 6  GLY 6  6  6  GLY GLY E . n 
C 1 7  ZPO 7  7  7  ZPO AZP E . n 
C 1 8  HYP 8  8  8  HYP HYP E . n 
C 1 9  GLY 9  9  9  GLY GLY E . n 
C 1 10 PRO 10 10 10 PRO PRO E . n 
C 1 11 ARG 11 11 11 ARG ARG E . n 
C 1 12 XZA 12 12 12 XZA AZA E . n 
C 1 13 PRO 13 13 13 PRO PRO E . n 
C 1 14 HYP 14 14 14 HYP HYP E . n 
C 1 15 GLY 15 15 15 GLY GLY E . n 
C 1 16 PRO 16 16 16 PRO PRO E . n 
C 1 17 HYP 17 17 17 HYP HYP E . n 
C 1 18 GLY 18 18 18 GLY GLY E . n 
C 1 19 PRO 19 19 19 PRO PRO E . n 
C 1 20 HYP 20 20 20 HYP HYP E . n 
C 1 21 GLY 21 21 21 GLY GLY E . n 
C 1 22 PRO 22 22 22 PRO PRO E . n 
C 1 23 HYP 23 23 23 HYP HYP E . n 
C 1 24 GLY 24 24 24 GLY GLY E . n 
C 1 25 NH2 25 25 25 NH2 NH2 E . n 
# 
loop_
_pdbx_nonpoly_scheme.asym_id 
_pdbx_nonpoly_scheme.entity_id 
_pdbx_nonpoly_scheme.mon_id 
_pdbx_nonpoly_scheme.ndb_seq_num 
_pdbx_nonpoly_scheme.pdb_seq_num 
_pdbx_nonpoly_scheme.auth_seq_num 
_pdbx_nonpoly_scheme.pdb_mon_id 
_pdbx_nonpoly_scheme.auth_mon_id 
_pdbx_nonpoly_scheme.pdb_strand_id 
_pdbx_nonpoly_scheme.pdb_ins_code 
D 2 EDO 1  101 25  EDO EDO C . 
E 3 SO4 1  101 1   SO4 SO4 E . 
F 4 HOH 1  201 218 HOH HOH C . 
F 4 HOH 2  202 210 HOH HOH C . 
F 4 HOH 3  203 207 HOH HOH C . 
F 4 HOH 4  204 73  HOH HOH C . 
F 4 HOH 5  205 55  HOH HOH C . 
F 4 HOH 6  206 83  HOH HOH C . 
F 4 HOH 7  207 7   HOH HOH C . 
F 4 HOH 8  208 121 HOH HOH C . 
F 4 HOH 9  209 113 HOH HOH C . 
F 4 HOH 10 210 25  HOH HOH C . 
F 4 HOH 11 211 45  HOH HOH C . 
F 4 HOH 12 212 13  HOH HOH C . 
F 4 HOH 13 213 122 HOH HOH C . 
F 4 HOH 14 214 43  HOH HOH C . 
F 4 HOH 15 215 17  HOH HOH C . 
F 4 HOH 16 216 35  HOH HOH C . 
F 4 HOH 17 217 16  HOH HOH C . 
F 4 HOH 18 218 15  HOH HOH C . 
F 4 HOH 19 219 1   HOH HOH C . 
F 4 HOH 20 220 78  HOH HOH C . 
F 4 HOH 21 221 47  HOH HOH C . 
F 4 HOH 22 222 5   HOH HOH C . 
F 4 HOH 23 223 208 HOH HOH C . 
F 4 HOH 24 224 2   HOH HOH C . 
F 4 HOH 25 225 48  HOH HOH C . 
F 4 HOH 26 226 96  HOH HOH C . 
F 4 HOH 27 227 200 HOH HOH C . 
F 4 HOH 28 228 86  HOH HOH C . 
F 4 HOH 29 229 23  HOH HOH C . 
F 4 HOH 30 230 39  HOH HOH C . 
F 4 HOH 31 231 219 HOH HOH C . 
F 4 HOH 32 232 59  HOH HOH C . 
F 4 HOH 33 233 220 HOH HOH C . 
F 4 HOH 34 234 117 HOH HOH C . 
F 4 HOH 35 235 204 HOH HOH C . 
F 4 HOH 36 236 14  HOH HOH C . 
F 4 HOH 37 237 215 HOH HOH C . 
F 4 HOH 38 238 124 HOH HOH C . 
F 4 HOH 39 239 193 HOH HOH C . 
F 4 HOH 40 240 87  HOH HOH C . 
F 4 HOH 41 241 65  HOH HOH C . 
F 4 HOH 42 242 46  HOH HOH C . 
F 4 HOH 43 243 180 HOH HOH C . 
F 4 HOH 44 244 57  HOH HOH C . 
F 4 HOH 45 245 77  HOH HOH C . 
F 4 HOH 46 246 191 HOH HOH C . 
F 4 HOH 47 247 62  HOH HOH C . 
F 4 HOH 48 248 32  HOH HOH C . 
F 4 HOH 49 249 173 HOH HOH C . 
F 4 HOH 50 250 98  HOH HOH C . 
F 4 HOH 51 251 9   HOH HOH C . 
F 4 HOH 52 252 44  HOH HOH C . 
F 4 HOH 53 253 150 HOH HOH C . 
F 4 HOH 54 254 18  HOH HOH C . 
F 4 HOH 55 255 64  HOH HOH C . 
F 4 HOH 56 256 216 HOH HOH C . 
F 4 HOH 57 257 99  HOH HOH C . 
F 4 HOH 58 258 34  HOH HOH C . 
F 4 HOH 59 259 114 HOH HOH C . 
G 4 HOH 1  101 54  HOH HOH D . 
G 4 HOH 2  102 196 HOH HOH D . 
G 4 HOH 3  103 67  HOH HOH D . 
G 4 HOH 4  104 88  HOH HOH D . 
G 4 HOH 5  105 61  HOH HOH D . 
G 4 HOH 6  106 26  HOH HOH D . 
G 4 HOH 7  107 51  HOH HOH D . 
G 4 HOH 8  108 120 HOH HOH D . 
G 4 HOH 9  109 102 HOH HOH D . 
G 4 HOH 10 110 85  HOH HOH D . 
G 4 HOH 11 111 28  HOH HOH D . 
G 4 HOH 12 112 4   HOH HOH D . 
G 4 HOH 13 113 69  HOH HOH D . 
G 4 HOH 14 114 20  HOH HOH D . 
G 4 HOH 15 115 95  HOH HOH D . 
G 4 HOH 16 116 188 HOH HOH D . 
G 4 HOH 17 117 36  HOH HOH D . 
G 4 HOH 18 118 82  HOH HOH D . 
G 4 HOH 19 119 8   HOH HOH D . 
G 4 HOH 20 120 182 HOH HOH D . 
G 4 HOH 21 121 50  HOH HOH D . 
G 4 HOH 22 122 12  HOH HOH D . 
G 4 HOH 23 123 164 HOH HOH D . 
G 4 HOH 24 124 202 HOH HOH D . 
G 4 HOH 25 125 171 HOH HOH D . 
G 4 HOH 26 126 203 HOH HOH D . 
G 4 HOH 27 127 168 HOH HOH D . 
G 4 HOH 28 128 22  HOH HOH D . 
G 4 HOH 29 129 194 HOH HOH D . 
G 4 HOH 30 130 212 HOH HOH D . 
G 4 HOH 31 131 52  HOH HOH D . 
G 4 HOH 32 132 185 HOH HOH D . 
G 4 HOH 33 133 172 HOH HOH D . 
G 4 HOH 34 134 184 HOH HOH D . 
G 4 HOH 35 135 30  HOH HOH D . 
G 4 HOH 36 136 192 HOH HOH D . 
G 4 HOH 37 137 163 HOH HOH D . 
G 4 HOH 38 138 31  HOH HOH D . 
G 4 HOH 39 139 198 HOH HOH D . 
G 4 HOH 40 140 195 HOH HOH D . 
G 4 HOH 41 141 144 HOH HOH D . 
G 4 HOH 42 142 190 HOH HOH D . 
G 4 HOH 43 143 174 HOH HOH D . 
G 4 HOH 44 144 199 HOH HOH D . 
G 4 HOH 45 145 209 HOH HOH D . 
G 4 HOH 46 146 165 HOH HOH D . 
G 4 HOH 47 147 42  HOH HOH D . 
G 4 HOH 48 148 38  HOH HOH D . 
G 4 HOH 49 149 80  HOH HOH D . 
G 4 HOH 50 150 74  HOH HOH D . 
H 4 HOH 1  201 183 HOH HOH E . 
H 4 HOH 2  202 169 HOH HOH E . 
H 4 HOH 3  203 176 HOH HOH E . 
H 4 HOH 4  204 213 HOH HOH E . 
H 4 HOH 5  205 19  HOH HOH E . 
H 4 HOH 6  206 201 HOH HOH E . 
H 4 HOH 7  207 101 HOH HOH E . 
H 4 HOH 8  208 71  HOH HOH E . 
H 4 HOH 9  209 10  HOH HOH E . 
H 4 HOH 10 210 63  HOH HOH E . 
H 4 HOH 11 211 21  HOH HOH E . 
H 4 HOH 12 212 40  HOH HOH E . 
H 4 HOH 13 213 37  HOH HOH E . 
H 4 HOH 14 214 58  HOH HOH E . 
H 4 HOH 15 215 119 HOH HOH E . 
H 4 HOH 16 216 11  HOH HOH E . 
H 4 HOH 17 217 29  HOH HOH E . 
H 4 HOH 18 218 41  HOH HOH E . 
H 4 HOH 19 219 56  HOH HOH E . 
H 4 HOH 20 220 3   HOH HOH E . 
H 4 HOH 21 221 187 HOH HOH E . 
H 4 HOH 22 222 33  HOH HOH E . 
H 4 HOH 23 223 143 HOH HOH E . 
H 4 HOH 24 224 103 HOH HOH E . 
H 4 HOH 25 225 70  HOH HOH E . 
H 4 HOH 26 226 6   HOH HOH E . 
H 4 HOH 27 227 189 HOH HOH E . 
H 4 HOH 28 228 175 HOH HOH E . 
H 4 HOH 29 229 118 HOH HOH E . 
H 4 HOH 30 230 179 HOH HOH E . 
H 4 HOH 31 231 66  HOH HOH E . 
H 4 HOH 32 232 197 HOH HOH E . 
H 4 HOH 33 233 177 HOH HOH E . 
H 4 HOH 34 234 100 HOH HOH E . 
H 4 HOH 35 235 217 HOH HOH E . 
H 4 HOH 36 236 60  HOH HOH E . 
H 4 HOH 37 237 205 HOH HOH E . 
H 4 HOH 38 238 27  HOH HOH E . 
H 4 HOH 39 239 84  HOH HOH E . 
H 4 HOH 40 240 211 HOH HOH E . 
H 4 HOH 41 241 76  HOH HOH E . 
H 4 HOH 42 242 68  HOH HOH E . 
H 4 HOH 43 243 125 HOH HOH E . 
H 4 HOH 44 244 24  HOH HOH E . 
H 4 HOH 45 245 127 HOH HOH E . 
H 4 HOH 46 246 79  HOH HOH E . 
H 4 HOH 47 247 116 HOH HOH E . 
H 4 HOH 48 248 123 HOH HOH E . 
H 4 HOH 49 249 49  HOH HOH E . 
H 4 HOH 50 250 170 HOH HOH E . 
H 4 HOH 51 251 75  HOH HOH E . 
H 4 HOH 52 252 97  HOH HOH E . 
H 4 HOH 53 253 94  HOH HOH E . 
H 4 HOH 54 254 53  HOH HOH E . 
H 4 HOH 55 255 206 HOH HOH E . 
H 4 HOH 56 256 178 HOH HOH E . 
# 
_pdbx_struct_assembly.id                   1 
_pdbx_struct_assembly.details              author_and_software_defined_assembly 
_pdbx_struct_assembly.method_details       PISA 
_pdbx_struct_assembly.oligomeric_details   trimeric 
_pdbx_struct_assembly.oligomeric_count     3 
# 
_pdbx_struct_assembly_gen.assembly_id       1 
_pdbx_struct_assembly_gen.oper_expression   1 
_pdbx_struct_assembly_gen.asym_id_list      A,B,C,D,E,F,G,H 
# 
loop_
_pdbx_struct_assembly_prop.biol_id 
_pdbx_struct_assembly_prop.type 
_pdbx_struct_assembly_prop.value 
_pdbx_struct_assembly_prop.details 
1 'ABSA (A^2)' 4650 ? 
1 MORE         -24  ? 
1 'SSA (A^2)'  4500 ? 
# 
_pdbx_struct_oper_list.id                   1 
_pdbx_struct_oper_list.type                 'identity operation' 
_pdbx_struct_oper_list.name                 1_555 
_pdbx_struct_oper_list.symmetry_operation   x,y,z 
_pdbx_struct_oper_list.matrix[1][1]         1.0000000000 
_pdbx_struct_oper_list.matrix[1][2]         0.0000000000 
_pdbx_struct_oper_list.matrix[1][3]         0.0000000000 
_pdbx_struct_oper_list.vector[1]            0.0000000000 
_pdbx_struct_oper_list.matrix[2][1]         0.0000000000 
_pdbx_struct_oper_list.matrix[2][2]         1.0000000000 
_pdbx_struct_oper_list.matrix[2][3]         0.0000000000 
_pdbx_struct_oper_list.vector[2]            0.0000000000 
_pdbx_struct_oper_list.matrix[3][1]         0.0000000000 
_pdbx_struct_oper_list.matrix[3][2]         0.0000000000 
_pdbx_struct_oper_list.matrix[3][3]         1.0000000000 
_pdbx_struct_oper_list.vector[3]            0.0000000000 
# 
loop_
_pdbx_audit_revision_history.ordinal 
_pdbx_audit_revision_history.data_content_type 
_pdbx_audit_revision_history.major_revision 
_pdbx_audit_revision_history.minor_revision 
_pdbx_audit_revision_history.revision_date 
1 'Structure model' 1 0 2019-07-03 
2 'Structure model' 1 1 2019-10-23 
3 'Structure model' 1 2 2019-11-27 
4 'Structure model' 1 3 2023-10-11 
5 'Structure model' 2 0 2023-11-15 
# 
_pdbx_audit_revision_details.ordinal             1 
_pdbx_audit_revision_details.revision_ordinal    1 
_pdbx_audit_revision_details.data_content_type   'Structure model' 
_pdbx_audit_revision_details.provider            repository 
_pdbx_audit_revision_details.type                'Initial release' 
_pdbx_audit_revision_details.description         ? 
_pdbx_audit_revision_details.details             ? 
# 
loop_
_pdbx_audit_revision_group.ordinal 
_pdbx_audit_revision_group.revision_ordinal 
_pdbx_audit_revision_group.data_content_type 
_pdbx_audit_revision_group.group 
1 2 'Structure model' 'Data collection'            
2 2 'Structure model' 'Database references'        
3 3 'Structure model' 'Author supporting evidence' 
4 4 'Structure model' 'Data collection'            
5 4 'Structure model' 'Database references'        
6 4 'Structure model' 'Refinement description'     
7 5 'Structure model' 'Atomic model'               
8 5 'Structure model' 'Data collection'            
# 
loop_
_pdbx_audit_revision_category.ordinal 
_pdbx_audit_revision_category.revision_ordinal 
_pdbx_audit_revision_category.data_content_type 
_pdbx_audit_revision_category.category 
1  2 'Structure model' citation                      
2  2 'Structure model' citation_author               
3  3 'Structure model' pdbx_audit_support            
4  4 'Structure model' chem_comp_atom                
5  4 'Structure model' chem_comp_bond                
6  4 'Structure model' database_2                    
7  4 'Structure model' pdbx_initial_refinement_model 
8  5 'Structure model' atom_site                     
9  5 'Structure model' chem_comp_atom                
10 5 'Structure model' chem_comp_bond                
# 
loop_
_pdbx_audit_revision_item.ordinal 
_pdbx_audit_revision_item.revision_ordinal 
_pdbx_audit_revision_item.data_content_type 
_pdbx_audit_revision_item.item 
1  2 'Structure model' '_citation.country'                        
2  2 'Structure model' '_citation.journal_abbrev'                 
3  2 'Structure model' '_citation.journal_id_CSD'                 
4  2 'Structure model' '_citation.journal_id_ISSN'                
5  2 'Structure model' '_citation.journal_volume'                 
6  2 'Structure model' '_citation.page_first'                     
7  2 'Structure model' '_citation.page_last'                      
8  2 'Structure model' '_citation.pdbx_database_id_DOI'           
9  2 'Structure model' '_citation.pdbx_database_id_PubMed'        
10 2 'Structure model' '_citation.title'                          
11 2 'Structure model' '_citation.year'                           
12 3 'Structure model' '_pdbx_audit_support.funding_organization' 
13 4 'Structure model' '_database_2.pdbx_DOI'                     
14 4 'Structure model' '_database_2.pdbx_database_accession'      
15 5 'Structure model' '_atom_site.auth_atom_id'                  
16 5 'Structure model' '_atom_site.label_atom_id'                 
17 5 'Structure model' '_chem_comp_atom.atom_id'                  
18 5 'Structure model' '_chem_comp_bond.atom_id_2'                
# 
loop_
_software.citation_id 
_software.classification 
_software.compiler_name 
_software.compiler_version 
_software.contact_author 
_software.contact_author_email 
_software.date 
_software.description 
_software.dependencies 
_software.hardware 
_software.language 
_software.location 
_software.mods 
_software.name 
_software.os 
_software.os_version 
_software.type 
_software.version 
_software.pdbx_ordinal 
? refinement       ? ? ? ? ? ? ? ? ? ? ? PHENIX    ? ? ? '(dev_3126: ???)' 1 
? 'model building' ? ? ? ? ? ? ? ? ? ? ? Coot      ? ? ? .                 2 
? 'data reduction' ? ? ? ? ? ? ? ? ? ? ? XDS       ? ? ? .                 3 
? 'data scaling'   ? ? ? ? ? ? ? ? ? ? ? SCALA     ? ? ? 3.3.22            4 
? 'data scaling'   ? ? ? ? ? ? ? ? ? ? ? pointless ? ? ? 1.10.29           5 
? phasing          ? ? ? ? ? ? ? ? ? ? ? PHASER    ? ? ? .                 6 
# 
loop_
_pdbx_validate_close_contact.id 
_pdbx_validate_close_contact.PDB_model_num 
_pdbx_validate_close_contact.auth_atom_id_1 
_pdbx_validate_close_contact.auth_asym_id_1 
_pdbx_validate_close_contact.auth_comp_id_1 
_pdbx_validate_close_contact.auth_seq_id_1 
_pdbx_validate_close_contact.PDB_ins_code_1 
_pdbx_validate_close_contact.label_alt_id_1 
_pdbx_validate_close_contact.auth_atom_id_2 
_pdbx_validate_close_contact.auth_asym_id_2 
_pdbx_validate_close_contact.auth_comp_id_2 
_pdbx_validate_close_contact.auth_seq_id_2 
_pdbx_validate_close_contact.PDB_ins_code_2 
_pdbx_validate_close_contact.label_alt_id_2 
_pdbx_validate_close_contact.dist 
1 1 O  D HOH 102 ? ? O D HOH 115 ? ? 1.73 
2 1 O  D HOH 101 ? ? O D HOH 123 ? ? 1.83 
3 1 O2 C EDO 101 ? ? O C HOH 201 ? ? 1.89 
4 1 O  E HOH 250 ? ? O E HOH 251 ? ? 1.91 
5 1 O  D HOH 123 ? ? O D HOH 132 ? ? 1.96 
6 1 O  C HOH 202 ? ? O C HOH 206 ? ? 2.13 
7 1 O  E HOH 234 ? ? O E HOH 250 ? ? 2.14 
8 1 O  C HOH 238 ? ? O C HOH 243 ? ? 2.17 
9 1 O  D HOH 127 ? ? O D HOH 140 ? ? 2.17 
# 
loop_
_pdbx_validate_symm_contact.id 
_pdbx_validate_symm_contact.PDB_model_num 
_pdbx_validate_symm_contact.auth_atom_id_1 
_pdbx_validate_symm_contact.auth_asym_id_1 
_pdbx_validate_symm_contact.auth_comp_id_1 
_pdbx_validate_symm_contact.auth_seq_id_1 
_pdbx_validate_symm_contact.PDB_ins_code_1 
_pdbx_validate_symm_contact.label_alt_id_1 
_pdbx_validate_symm_contact.site_symmetry_1 
_pdbx_validate_symm_contact.auth_atom_id_2 
_pdbx_validate_symm_contact.auth_asym_id_2 
_pdbx_validate_symm_contact.auth_comp_id_2 
_pdbx_validate_symm_contact.auth_seq_id_2 
_pdbx_validate_symm_contact.PDB_ins_code_2 
_pdbx_validate_symm_contact.label_alt_id_2 
_pdbx_validate_symm_contact.site_symmetry_2 
_pdbx_validate_symm_contact.dist 
1  1 O  D HOH 120 ? ? 1_555 O E HOH 234 ? ? 2_655 1.71 
2  1 O  C HOH 238 ? ? 1_555 O D HOH 132 ? ? 2_545 1.90 
3  1 O  D HOH 113 ? ? 1_555 O D HOH 142 ? ? 2_655 1.93 
4  1 O  C HOH 257 ? ? 1_555 O D HOH 134 ? ? 2_645 1.94 
5  1 O  E HOH 202 ? ? 1_555 O E HOH 248 ? ? 2_645 1.95 
6  1 O  E HOH 223 ? ? 1_555 O E HOH 250 ? ? 2_645 2.00 
7  1 O  C HOH 235 ? ? 1_555 O E HOH 253 ? ? 2_555 2.03 
8  1 O1 C EDO 101 ? ? 1_555 O E HOH 240 ? ? 2_454 2.08 
9  1 O  C HOH 201 ? ? 1_555 O D HOH 124 ? ? 1_354 2.15 
10 1 O  E HOH 208 ? ? 1_555 O E HOH 225 ? ? 2_655 2.19 
# 
loop_
_pdbx_distant_solvent_atoms.id 
_pdbx_distant_solvent_atoms.PDB_model_num 
_pdbx_distant_solvent_atoms.auth_atom_id 
_pdbx_distant_solvent_atoms.label_alt_id 
_pdbx_distant_solvent_atoms.auth_asym_id 
_pdbx_distant_solvent_atoms.auth_comp_id 
_pdbx_distant_solvent_atoms.auth_seq_id 
_pdbx_distant_solvent_atoms.PDB_ins_code 
_pdbx_distant_solvent_atoms.neighbor_macromolecule_distance 
_pdbx_distant_solvent_atoms.neighbor_ligand_distance 
1 1 O ? C HOH 258 ? 5.96 . 
2 1 O A C HOH 259 ? 7.41 . 
3 1 O ? D HOH 146 ? 6.00 . 
4 1 O ? D HOH 147 ? 6.37 . 
5 1 O ? D HOH 148 ? 6.49 . 
6 1 O ? D HOH 149 ? 6.72 . 
7 1 O ? D HOH 150 ? 7.07 . 
# 
loop_
_chem_comp_atom.comp_id 
_chem_comp_atom.atom_id 
_chem_comp_atom.type_symbol 
_chem_comp_atom.pdbx_aromatic_flag 
_chem_comp_atom.pdbx_stereo_config 
_chem_comp_atom.pdbx_ordinal 
ARG N    N N N 1   
ARG CA   C N S 2   
ARG C    C N N 3   
ARG O    O N N 4   
ARG CB   C N N 5   
ARG CG   C N N 6   
ARG CD   C N N 7   
ARG NE   N N N 8   
ARG CZ   C N N 9   
ARG NH1  N N N 10  
ARG NH2  N N N 11  
ARG OXT  O N N 12  
ARG H    H N N 13  
ARG H2   H N N 14  
ARG HA   H N N 15  
ARG HB2  H N N 16  
ARG HB3  H N N 17  
ARG HG2  H N N 18  
ARG HG3  H N N 19  
ARG HD2  H N N 20  
ARG HD3  H N N 21  
ARG HE   H N N 22  
ARG HH11 H N N 23  
ARG HH12 H N N 24  
ARG HH21 H N N 25  
ARG HH22 H N N 26  
ARG HXT  H N N 27  
EDO C1   C N N 28  
EDO O1   O N N 29  
EDO C2   C N N 30  
EDO O2   O N N 31  
EDO H11  H N N 32  
EDO H12  H N N 33  
EDO HO1  H N N 34  
EDO H21  H N N 35  
EDO H22  H N N 36  
EDO HO2  H N N 37  
GLY N    N N N 38  
GLY CA   C N N 39  
GLY C    C N N 40  
GLY O    O N N 41  
GLY OXT  O N N 42  
GLY H    H N N 43  
GLY H2   H N N 44  
GLY HA2  H N N 45  
GLY HA3  H N N 46  
GLY HXT  H N N 47  
HOH O    O N N 48  
HOH H1   H N N 49  
HOH H2   H N N 50  
HYP N    N N N 51  
HYP CA   C N S 52  
HYP C    C N N 53  
HYP O    O N N 54  
HYP CB   C N N 55  
HYP CG   C N R 56  
HYP CD   C N N 57  
HYP OD1  O N N 58  
HYP OXT  O N N 59  
HYP H    H N N 60  
HYP HA   H N N 61  
HYP HB2  H N N 62  
HYP HB3  H N N 63  
HYP HG   H N N 64  
HYP HD22 H N N 65  
HYP HD23 H N N 66  
HYP HD1  H N N 67  
HYP HXT  H N N 68  
NH2 N    N N N 69  
NH2 HN1  H N N 70  
NH2 HN2  H N N 71  
PRO N    N N N 72  
PRO CA   C N S 73  
PRO C    C N N 74  
PRO O    O N N 75  
PRO CB   C N N 76  
PRO CG   C N N 77  
PRO CD   C N N 78  
PRO OXT  O N N 79  
PRO H    H N N 80  
PRO HA   H N N 81  
PRO HB2  H N N 82  
PRO HB3  H N N 83  
PRO HG2  H N N 84  
PRO HG3  H N N 85  
PRO HD2  H N N 86  
PRO HD3  H N N 87  
PRO HXT  H N N 88  
SO4 S    S N N 89  
SO4 O1   O N N 90  
SO4 O2   O N N 91  
SO4 O3   O N N 92  
SO4 O4   O N N 93  
XZA C    C N N 94  
XZA O    O N N 95  
XZA NA   N N N 96  
XZA N    N N N 97  
XZA OXT  O N N 98  
XZA HNA  H N N 99  
XZA H2   H N N 100 
XZA H    H N N 101 
XZA HXT  H N N 102 
ZPO N    N N N 103 
ZPO CB   C N N 104 
ZPO CG   C N N 105 
ZPO C    C N N 106 
ZPO O    O N N 107 
ZPO CD   C N N 108 
ZPO NA   N N N 109 
ZPO H    H N N 110 
ZPO HB3  H N N 111 
ZPO HB2  H N N 112 
ZPO HG2  H N N 113 
ZPO HG3  H N N 114 
ZPO HD2  H N N 115 
ZPO HD3  H N N 116 
ZPO OXT  O N N 117 
ZPO HXT  H N N 118 
# 
loop_
_chem_comp_bond.comp_id 
_chem_comp_bond.atom_id_1 
_chem_comp_bond.atom_id_2 
_chem_comp_bond.value_order 
_chem_comp_bond.pdbx_aromatic_flag 
_chem_comp_bond.pdbx_stereo_config 
_chem_comp_bond.pdbx_ordinal 
ARG N   CA   sing N N 1   
ARG N   H    sing N N 2   
ARG N   H2   sing N N 3   
ARG CA  C    sing N N 4   
ARG CA  CB   sing N N 5   
ARG CA  HA   sing N N 6   
ARG C   O    doub N N 7   
ARG C   OXT  sing N N 8   
ARG CB  CG   sing N N 9   
ARG CB  HB2  sing N N 10  
ARG CB  HB3  sing N N 11  
ARG CG  CD   sing N N 12  
ARG CG  HG2  sing N N 13  
ARG CG  HG3  sing N N 14  
ARG CD  NE   sing N N 15  
ARG CD  HD2  sing N N 16  
ARG CD  HD3  sing N N 17  
ARG NE  CZ   sing N N 18  
ARG NE  HE   sing N N 19  
ARG CZ  NH1  sing N N 20  
ARG CZ  NH2  doub N N 21  
ARG NH1 HH11 sing N N 22  
ARG NH1 HH12 sing N N 23  
ARG NH2 HH21 sing N N 24  
ARG NH2 HH22 sing N N 25  
ARG OXT HXT  sing N N 26  
EDO C1  O1   sing N N 27  
EDO C1  C2   sing N N 28  
EDO C1  H11  sing N N 29  
EDO C1  H12  sing N N 30  
EDO O1  HO1  sing N N 31  
EDO C2  O2   sing N N 32  
EDO C2  H21  sing N N 33  
EDO C2  H22  sing N N 34  
EDO O2  HO2  sing N N 35  
GLY N   CA   sing N N 36  
GLY N   H    sing N N 37  
GLY N   H2   sing N N 38  
GLY CA  C    sing N N 39  
GLY CA  HA2  sing N N 40  
GLY CA  HA3  sing N N 41  
GLY C   O    doub N N 42  
GLY C   OXT  sing N N 43  
GLY OXT HXT  sing N N 44  
HOH O   H1   sing N N 45  
HOH O   H2   sing N N 46  
HYP N   CA   sing N N 47  
HYP N   CD   sing N N 48  
HYP N   H    sing N N 49  
HYP CA  C    sing N N 50  
HYP CA  CB   sing N N 51  
HYP CA  HA   sing N N 52  
HYP C   O    doub N N 53  
HYP C   OXT  sing N N 54  
HYP CB  CG   sing N N 55  
HYP CB  HB2  sing N N 56  
HYP CB  HB3  sing N N 57  
HYP CG  CD   sing N N 58  
HYP CG  OD1  sing N N 59  
HYP CG  HG   sing N N 60  
HYP CD  HD22 sing N N 61  
HYP CD  HD23 sing N N 62  
HYP OD1 HD1  sing N N 63  
HYP OXT HXT  sing N N 64  
NH2 N   HN1  sing N N 65  
NH2 N   HN2  sing N N 66  
PRO N   CA   sing N N 67  
PRO N   CD   sing N N 68  
PRO N   H    sing N N 69  
PRO CA  C    sing N N 70  
PRO CA  CB   sing N N 71  
PRO CA  HA   sing N N 72  
PRO C   O    doub N N 73  
PRO C   OXT  sing N N 74  
PRO CB  CG   sing N N 75  
PRO CB  HB2  sing N N 76  
PRO CB  HB3  sing N N 77  
PRO CG  CD   sing N N 78  
PRO CG  HG2  sing N N 79  
PRO CG  HG3  sing N N 80  
PRO CD  HD2  sing N N 81  
PRO CD  HD3  sing N N 82  
PRO OXT HXT  sing N N 83  
SO4 S   O1   doub N N 84  
SO4 S   O2   doub N N 85  
SO4 S   O3   sing N N 86  
SO4 S   O4   sing N N 87  
XZA NA  N    sing N N 88  
XZA NA  C    sing N N 89  
XZA C   O    doub N N 90  
XZA C   OXT  sing N N 91  
XZA NA  HNA  sing N N 92  
XZA N   H2   sing N N 93  
XZA N   H    sing N N 94  
XZA OXT HXT  sing N N 95  
ZPO N   CD   sing N N 96  
ZPO N   NA   sing N N 97  
ZPO CD  CG   sing N N 98  
ZPO O   C    doub N N 99  
ZPO NA  C    sing N N 100 
ZPO NA  CB   sing N N 101 
ZPO CG  CB   sing N N 102 
ZPO N   H    sing N N 103 
ZPO CB  HB3  sing N N 104 
ZPO CB  HB2  sing N N 105 
ZPO CG  HG2  sing N N 106 
ZPO CG  HG3  sing N N 107 
ZPO CD  HD2  sing N N 108 
ZPO CD  HD3  sing N N 109 
ZPO C   OXT  sing N N 110 
ZPO OXT HXT  sing N N 111 
# 
_pdbx_audit_support.funding_organization   'National Science Foundation (NSF, United States)' 
_pdbx_audit_support.country                'United States' 
_pdbx_audit_support.grant_number           'MRSEC DMR-1720530' 
_pdbx_audit_support.ordinal                1 
# 
loop_
_pdbx_entity_nonpoly.entity_id 
_pdbx_entity_nonpoly.name 
_pdbx_entity_nonpoly.comp_id 
2 1,2-ETHANEDIOL EDO 
3 'SULFATE ION'  SO4 
4 water          HOH 
# 
_pdbx_initial_refinement_model.id               1 
_pdbx_initial_refinement_model.entity_id_list   ? 
_pdbx_initial_refinement_model.type             'experimental model' 
_pdbx_initial_refinement_model.source_name      PDB 
_pdbx_initial_refinement_model.accession_code   5K86 
_pdbx_initial_refinement_model.details          ? 
# 
_pdbx_struct_assembly_auth_evidence.id                     1 
_pdbx_struct_assembly_auth_evidence.assembly_id            1 
_pdbx_struct_assembly_auth_evidence.experimental_support   none 
_pdbx_struct_assembly_auth_evidence.details                ? 
# 
